data_3GAS
#
_entry.id   3GAS
#
_cell.length_a   88.330
_cell.length_b   139.340
_cell.length_c   152.900
_cell.angle_alpha   90.000
_cell.angle_beta   90.000
_cell.angle_gamma   90.000
#
_symmetry.space_group_name_H-M   'P 21 21 21'
#
loop_
_entity.id
_entity.type
_entity.pdbx_description
1 polymer 'heme oxygenase'
2 non-polymer 'PROTOPORPHYRIN IX CONTAINING FE'
3 non-polymer 'AZIDE ION'
4 non-polymer 1,2-ETHANEDIOL
5 water water
#
_entity_poly.entity_id   1
_entity_poly.type   'polypeptide(L)'
_entity_poly.pdbx_seq_one_letter_code
;(MSE)LNRIIEH(MSE)NAHHVED(MSE)KGLLKKFGQVHHAENVAFKSVDSQGIVIGYNNNQTLRIEFNHEVKDPKDYK
NATIELCQSVEKTHDLKGVEEEVKAFKEGFDSVCLATLHPNGHVVCSYAPL(MSE)SDGKQYYIYVSEVAEHFAGLKNNP
HNVEV(MSE)FLEDESKAKSAILRKRLRYKTNTRFIERGAEFDKAFDSFIEKTGGAGGIKTIRA(MSE)QDFHLIALDFK
EGRFVKGFGQAYDILGDKIAYVGDKGNPHNFAHKKLEHHHHHH
;
_entity_poly.pdbx_strand_id   A,B,C,D,E,F
#
loop_
_chem_comp.id
_chem_comp.type
_chem_comp.name
_chem_comp.formula
AZI non-polymer 'AZIDE ION' 'N3 -1'
EDO non-polymer 1,2-ETHANEDIOL 'C2 H6 O2'
HEM non-polymer 'PROTOPORPHYRIN IX CONTAINING FE' 'C34 H32 Fe N4 O4'
#
# COMPACT_ATOMS: atom_id res chain seq x y z
N LEU A 2 0.16 -31.81 4.41
CA LEU A 2 -1.21 -32.41 4.39
C LEU A 2 -1.39 -33.53 5.41
N ASN A 3 -0.34 -34.32 5.65
CA ASN A 3 -0.41 -35.42 6.62
C ASN A 3 -0.86 -34.91 7.99
N ARG A 4 -0.29 -33.81 8.46
CA ARG A 4 -0.67 -33.30 9.78
C ARG A 4 -2.12 -32.79 9.82
N ILE A 5 -2.55 -32.15 8.74
CA ILE A 5 -3.92 -31.65 8.69
C ILE A 5 -4.91 -32.82 8.69
N ILE A 6 -4.62 -33.85 7.92
CA ILE A 6 -5.51 -35.01 7.87
C ILE A 6 -5.63 -35.62 9.26
N GLU A 7 -4.47 -35.80 9.89
CA GLU A 7 -4.38 -36.37 11.22
C GLU A 7 -5.19 -35.54 12.21
N HIS A 8 -5.09 -34.22 12.09
CA HIS A 8 -5.80 -33.33 12.99
C HIS A 8 -7.31 -33.44 12.81
N MSE A 9 -7.76 -33.41 11.57
CA MSE A 9 -9.20 -33.47 11.30
C MSE A 9 -9.78 -34.81 11.70
O MSE A 9 -10.89 -34.87 12.23
CB MSE A 9 -9.47 -33.18 9.82
CG MSE A 9 -8.92 -31.82 9.34
SE MSE A 9 -9.52 -30.30 10.44
CE MSE A 9 -8.07 -29.10 9.97
N ASN A 10 -9.03 -35.89 11.47
CA ASN A 10 -9.51 -37.22 11.81
C ASN A 10 -9.59 -37.46 13.31
N ALA A 11 -8.79 -36.70 14.07
CA ALA A 11 -8.78 -36.84 15.51
C ALA A 11 -9.76 -35.89 16.19
N HIS A 12 -10.01 -34.74 15.58
CA HIS A 12 -10.85 -33.77 16.25
C HIS A 12 -12.16 -33.33 15.63
N HIS A 13 -12.33 -33.60 14.34
CA HIS A 13 -13.54 -33.16 13.65
C HIS A 13 -14.31 -34.24 12.91
N VAL A 14 -14.28 -35.48 13.41
CA VAL A 14 -15.01 -36.52 12.72
C VAL A 14 -16.50 -36.20 12.68
N GLU A 15 -17.05 -35.80 13.82
CA GLU A 15 -18.47 -35.47 13.87
C GLU A 15 -18.80 -34.28 12.97
N ASP A 16 -17.91 -33.29 12.94
CA ASP A 16 -18.14 -32.14 12.08
C ASP A 16 -18.15 -32.57 10.61
N MSE A 17 -17.25 -33.48 10.24
CA MSE A 17 -17.23 -33.93 8.86
C MSE A 17 -18.52 -34.66 8.52
O MSE A 17 -19.04 -34.54 7.40
CB MSE A 17 -16.02 -34.80 8.60
CG MSE A 17 -14.73 -33.98 8.61
SE MSE A 17 -13.23 -35.07 8.01
CE MSE A 17 -12.76 -35.91 9.67
N LYS A 18 -19.04 -35.44 9.46
CA LYS A 18 -20.30 -36.12 9.19
C LYS A 18 -21.36 -35.04 9.01
N GLY A 19 -21.29 -33.98 9.84
CA GLY A 19 -22.24 -32.88 9.72
C GLY A 19 -22.16 -32.19 8.38
N LEU A 20 -20.94 -32.00 7.87
CA LEU A 20 -20.74 -31.38 6.57
C LEU A 20 -21.22 -32.29 5.45
N LEU A 21 -21.00 -33.59 5.59
CA LEU A 21 -21.45 -34.52 4.56
C LEU A 21 -22.99 -34.45 4.46
N LYS A 22 -23.65 -34.43 5.62
CA LYS A 22 -25.10 -34.38 5.66
C LYS A 22 -25.61 -33.04 5.10
N LYS A 23 -25.05 -31.96 5.63
CA LYS A 23 -25.47 -30.63 5.23
C LYS A 23 -25.24 -30.28 3.77
N PHE A 24 -23.99 -30.42 3.31
CA PHE A 24 -23.67 -30.06 1.95
C PHE A 24 -23.83 -31.15 0.90
N GLY A 25 -23.69 -32.40 1.29
CA GLY A 25 -23.83 -33.45 0.29
C GLY A 25 -25.08 -34.32 0.40
N GLN A 26 -25.90 -34.07 1.41
CA GLN A 26 -27.10 -34.88 1.68
C GLN A 26 -26.73 -36.36 1.80
N VAL A 27 -25.57 -36.61 2.42
CA VAL A 27 -25.07 -37.96 2.67
C VAL A 27 -25.39 -38.21 4.15
N HIS A 28 -26.30 -39.15 4.42
CA HIS A 28 -26.71 -39.39 5.79
C HIS A 28 -26.20 -40.63 6.49
N HIS A 29 -25.88 -41.66 5.74
CA HIS A 29 -25.42 -42.85 6.41
C HIS A 29 -24.04 -43.26 5.94
N ALA A 30 -23.15 -42.29 5.97
CA ALA A 30 -21.78 -42.49 5.55
C ALA A 30 -20.96 -43.15 6.63
N GLU A 31 -20.10 -44.07 6.21
CA GLU A 31 -19.21 -44.75 7.12
C GLU A 31 -17.81 -44.41 6.66
N ASN A 32 -16.83 -44.86 7.42
CA ASN A 32 -15.45 -44.65 7.05
C ASN A 32 -15.18 -43.20 6.65
N VAL A 33 -15.66 -42.26 7.47
CA VAL A 33 -15.48 -40.83 7.18
C VAL A 33 -14.07 -40.36 7.53
N ALA A 34 -13.39 -39.73 6.58
CA ALA A 34 -12.03 -39.25 6.85
C ALA A 34 -11.67 -38.03 6.00
N PHE A 35 -10.79 -37.20 6.54
CA PHE A 35 -10.37 -36.01 5.81
C PHE A 35 -9.44 -36.47 4.72
N LYS A 36 -9.70 -36.04 3.50
CA LYS A 36 -8.85 -36.45 2.39
C LYS A 36 -7.86 -35.39 1.93
N SER A 37 -8.30 -34.16 1.71
CA SER A 37 -7.37 -33.12 1.26
C SER A 37 -7.92 -31.73 1.40
N VAL A 38 -7.04 -30.75 1.25
CA VAL A 38 -7.41 -29.35 1.31
C VAL A 38 -6.54 -28.60 0.31
N ASP A 39 -7.15 -27.66 -0.40
CA ASP A 39 -6.40 -26.87 -1.37
C ASP A 39 -6.89 -25.44 -1.25
N SER A 40 -6.34 -24.52 -2.05
CA SER A 40 -6.71 -23.12 -1.94
C SER A 40 -8.21 -22.84 -2.09
N GLN A 41 -8.94 -23.74 -2.76
CA GLN A 41 -10.36 -23.50 -2.98
C GLN A 41 -11.35 -24.35 -2.18
N GLY A 42 -10.88 -25.37 -1.46
CA GLY A 42 -11.84 -26.16 -0.70
C GLY A 42 -11.26 -27.40 -0.05
N ILE A 43 -12.15 -28.24 0.47
CA ILE A 43 -11.71 -29.48 1.11
C ILE A 43 -12.40 -30.69 0.46
N VAL A 44 -11.84 -31.88 0.72
CA VAL A 44 -12.42 -33.11 0.19
C VAL A 44 -12.50 -34.09 1.36
N ILE A 45 -13.70 -34.61 1.60
CA ILE A 45 -13.93 -35.57 2.67
C ILE A 45 -14.20 -36.92 2.01
N GLY A 46 -13.52 -37.96 2.48
CA GLY A 46 -13.76 -39.27 1.90
C GLY A 46 -14.72 -40.04 2.78
N TYR A 47 -15.47 -40.95 2.19
CA TYR A 47 -16.40 -41.75 2.97
C TYR A 47 -16.75 -43.02 2.24
N ASN A 48 -17.32 -43.97 2.98
CA ASN A 48 -17.66 -45.29 2.43
C ASN A 48 -16.41 -45.93 1.85
N ASN A 49 -16.55 -46.80 0.86
CA ASN A 49 -15.36 -47.45 0.31
C ASN A 49 -14.50 -46.61 -0.62
N ASN A 50 -15.14 -45.78 -1.43
CA ASN A 50 -14.42 -45.05 -2.46
C ASN A 50 -15.07 -43.76 -2.90
N GLN A 51 -15.83 -43.12 -2.02
CA GLN A 51 -16.52 -41.89 -2.40
C GLN A 51 -15.94 -40.65 -1.73
N THR A 52 -16.21 -39.48 -2.32
CA THR A 52 -15.76 -38.25 -1.70
C THR A 52 -16.79 -37.17 -1.97
N LEU A 53 -16.73 -36.13 -1.15
CA LEU A 53 -17.56 -34.95 -1.29
C LEU A 53 -16.57 -33.80 -1.20
N ARG A 54 -16.59 -32.91 -2.17
CA ARG A 54 -15.74 -31.74 -2.14
C ARG A 54 -16.61 -30.56 -1.69
N ILE A 55 -16.10 -29.74 -0.76
CA ILE A 55 -16.83 -28.56 -0.32
C ILE A 55 -15.88 -27.37 -0.48
N GLU A 56 -16.32 -26.39 -1.25
CA GLU A 56 -15.48 -25.23 -1.50
C GLU A 56 -15.58 -24.18 -0.40
N PHE A 57 -14.48 -23.47 -0.17
CA PHE A 57 -14.44 -22.38 0.79
C PHE A 57 -15.20 -21.22 0.10
N ASN A 58 -15.67 -20.24 0.87
CA ASN A 58 -16.39 -19.13 0.24
C ASN A 58 -15.41 -18.06 -0.27
N HIS A 59 -14.11 -18.38 -0.25
CA HIS A 59 -13.08 -17.47 -0.77
C HIS A 59 -11.82 -18.29 -0.92
N GLU A 60 -10.93 -17.83 -1.78
CA GLU A 60 -9.68 -18.55 -2.01
C GLU A 60 -8.73 -18.28 -0.85
N VAL A 61 -8.14 -19.34 -0.31
CA VAL A 61 -7.19 -19.24 0.79
C VAL A 61 -5.84 -19.19 0.07
N LYS A 62 -5.30 -17.98 -0.04
CA LYS A 62 -4.05 -17.72 -0.75
C LYS A 62 -2.78 -18.25 -0.13
N ASP A 63 -2.74 -18.35 1.20
CA ASP A 63 -1.55 -18.82 1.88
C ASP A 63 -1.79 -20.20 2.52
N PRO A 64 -1.00 -21.21 2.13
CA PRO A 64 -1.15 -22.54 2.69
C PRO A 64 -1.07 -22.56 4.23
N LYS A 65 -0.46 -21.53 4.81
CA LYS A 65 -0.34 -21.45 6.27
C LYS A 65 -1.74 -21.36 6.90
N ASP A 66 -2.72 -20.96 6.09
CA ASP A 66 -4.08 -20.79 6.58
C ASP A 66 -5.05 -21.93 6.26
N TYR A 67 -4.57 -22.97 5.59
CA TYR A 67 -5.45 -24.08 5.23
C TYR A 67 -6.12 -24.73 6.42
N LYS A 68 -5.34 -25.02 7.46
CA LYS A 68 -5.89 -25.67 8.65
C LYS A 68 -7.01 -24.86 9.30
N ASN A 69 -6.78 -23.56 9.49
CA ASN A 69 -7.79 -22.72 10.10
C ASN A 69 -9.03 -22.63 9.22
N ALA A 70 -8.83 -22.49 7.93
CA ALA A 70 -9.95 -22.39 6.98
C ALA A 70 -10.79 -23.66 7.06
N THR A 71 -10.10 -24.78 7.19
CA THR A 71 -10.75 -26.09 7.29
C THR A 71 -11.48 -26.20 8.60
N ILE A 72 -10.85 -25.76 9.68
CA ILE A 72 -11.49 -25.82 10.99
C ILE A 72 -12.71 -24.90 11.01
N GLU A 73 -12.58 -23.74 10.37
CA GLU A 73 -13.70 -22.79 10.31
C GLU A 73 -14.89 -23.44 9.61
N LEU A 74 -14.63 -24.10 8.49
CA LEU A 74 -15.69 -24.77 7.76
C LEU A 74 -16.31 -25.87 8.64
N CYS A 75 -15.48 -26.67 9.30
CA CYS A 75 -16.01 -27.73 10.17
C CYS A 75 -16.89 -27.14 11.28
N GLN A 76 -16.41 -26.10 11.94
CA GLN A 76 -17.14 -25.48 13.03
C GLN A 76 -18.39 -24.73 12.59
N SER A 77 -18.49 -24.43 11.30
CA SER A 77 -19.65 -23.70 10.81
C SER A 77 -20.95 -24.49 10.95
N VAL A 78 -20.85 -25.82 10.92
CA VAL A 78 -22.06 -26.64 11.03
C VAL A 78 -22.82 -26.29 12.30
N GLU A 79 -22.14 -26.31 13.44
CA GLU A 79 -22.80 -25.97 14.69
C GLU A 79 -23.00 -24.46 14.88
N LYS A 80 -22.04 -23.65 14.45
CA LYS A 80 -22.17 -22.21 14.62
C LYS A 80 -23.38 -21.66 13.89
N THR A 81 -23.78 -22.34 12.83
CA THR A 81 -24.95 -21.94 12.06
C THR A 81 -26.18 -21.86 12.99
N HIS A 82 -26.23 -22.70 14.02
CA HIS A 82 -27.40 -22.74 14.92
C HIS A 82 -27.47 -21.66 15.99
N ASP A 83 -26.39 -20.89 16.17
CA ASP A 83 -26.35 -19.87 17.22
C ASP A 83 -27.20 -18.66 16.83
N LEU A 84 -28.48 -18.71 17.20
CA LEU A 84 -29.44 -17.66 16.89
C LEU A 84 -29.15 -16.37 17.65
N LYS A 85 -28.60 -16.48 18.86
CA LYS A 85 -28.27 -15.28 19.63
C LYS A 85 -27.16 -14.53 18.90
N GLY A 86 -26.20 -15.28 18.37
CA GLY A 86 -25.12 -14.69 17.60
C GLY A 86 -25.66 -14.07 16.31
N VAL A 87 -26.58 -14.74 15.65
CA VAL A 87 -27.16 -14.19 14.42
C VAL A 87 -27.91 -12.90 14.73
N GLU A 88 -28.67 -12.90 15.83
CA GLU A 88 -29.41 -11.71 16.24
C GLU A 88 -28.45 -10.53 16.35
N GLU A 89 -27.30 -10.77 16.98
CA GLU A 89 -26.26 -9.76 17.13
C GLU A 89 -25.71 -9.31 15.78
N GLU A 90 -25.45 -10.28 14.90
CA GLU A 90 -24.92 -9.95 13.57
C GLU A 90 -25.88 -9.10 12.76
N VAL A 91 -27.18 -9.42 12.87
CA VAL A 91 -28.19 -8.69 12.13
C VAL A 91 -28.25 -7.24 12.57
N LYS A 92 -28.20 -7.02 13.88
CA LYS A 92 -28.25 -5.66 14.40
C LYS A 92 -27.01 -4.90 13.93
N ALA A 93 -25.85 -5.52 14.04
CA ALA A 93 -24.61 -4.88 13.64
C ALA A 93 -24.57 -4.65 12.14
N PHE A 94 -25.14 -5.57 11.38
CA PHE A 94 -25.16 -5.42 9.92
C PHE A 94 -25.91 -4.15 9.52
N LYS A 95 -27.09 -3.92 10.08
CA LYS A 95 -27.87 -2.73 9.73
C LYS A 95 -27.17 -1.45 10.17
N GLU A 96 -26.46 -1.49 11.28
CA GLU A 96 -25.75 -0.28 11.73
C GLU A 96 -24.56 0.11 10.85
N GLY A 97 -24.14 -0.81 9.98
CA GLY A 97 -23.00 -0.55 9.11
C GLY A 97 -23.35 0.12 7.79
N PHE A 98 -24.61 0.51 7.62
CA PHE A 98 -25.05 1.17 6.37
C PHE A 98 -25.69 2.54 6.59
N ASP A 99 -25.56 3.39 5.57
CA ASP A 99 -26.21 4.69 5.60
C ASP A 99 -27.15 4.80 4.38
N SER A 100 -27.45 3.66 3.77
CA SER A 100 -28.37 3.61 2.62
C SER A 100 -28.82 2.16 2.43
N VAL A 101 -29.94 1.98 1.73
CA VAL A 101 -30.49 0.64 1.47
C VAL A 101 -31.07 0.57 0.06
N CYS A 102 -31.26 -0.66 -0.43
CA CYS A 102 -31.88 -0.89 -1.73
C CYS A 102 -33.37 -1.08 -1.46
N LEU A 103 -34.20 -0.75 -2.44
CA LEU A 103 -35.65 -0.84 -2.30
C LEU A 103 -36.31 -1.45 -3.53
N ALA A 104 -37.43 -2.15 -3.29
CA ALA A 104 -38.29 -2.61 -4.39
C ALA A 104 -39.60 -1.94 -3.97
N THR A 105 -40.24 -1.24 -4.91
CA THR A 105 -41.54 -0.62 -4.64
C THR A 105 -42.44 -0.98 -5.83
N LEU A 106 -43.74 -0.77 -5.63
CA LEU A 106 -44.72 -1.07 -6.68
C LEU A 106 -45.29 0.25 -7.13
N HIS A 107 -44.92 0.63 -8.34
CA HIS A 107 -45.39 1.90 -8.90
C HIS A 107 -46.89 1.77 -9.21
N PRO A 108 -47.66 2.87 -9.09
CA PRO A 108 -49.10 2.81 -9.38
C PRO A 108 -49.42 2.30 -10.80
N ASN A 109 -48.48 2.47 -11.73
CA ASN A 109 -48.69 2.00 -13.10
C ASN A 109 -48.73 0.48 -13.16
N GLY A 110 -48.19 -0.16 -12.12
CA GLY A 110 -48.20 -1.61 -12.06
C GLY A 110 -46.84 -2.29 -12.14
N HIS A 111 -45.80 -1.54 -12.54
CA HIS A 111 -44.48 -2.15 -12.65
C HIS A 111 -43.69 -1.98 -11.37
N VAL A 112 -42.77 -2.91 -11.13
CA VAL A 112 -41.94 -2.81 -9.94
C VAL A 112 -40.79 -1.87 -10.23
N VAL A 113 -40.22 -1.32 -9.15
CA VAL A 113 -39.13 -0.36 -9.25
C VAL A 113 -38.02 -0.80 -8.30
N CYS A 114 -36.78 -0.86 -8.80
CA CYS A 114 -35.61 -1.26 -7.98
C CYS A 114 -34.77 0.02 -7.88
N SER A 115 -34.60 0.52 -6.67
CA SER A 115 -33.88 1.78 -6.46
C SER A 115 -33.13 1.73 -5.14
N TYR A 116 -32.62 2.87 -4.71
CA TYR A 116 -31.93 2.90 -3.42
C TYR A 116 -32.19 4.25 -2.75
N ALA A 117 -32.09 4.28 -1.42
CA ALA A 117 -32.32 5.51 -0.68
C ALA A 117 -31.43 5.59 0.56
N PRO A 118 -31.13 6.82 0.98
CA PRO A 118 -30.32 7.11 2.16
C PRO A 118 -31.14 6.56 3.34
N LEU A 119 -30.45 6.01 4.33
CA LEU A 119 -31.08 5.41 5.50
C LEU A 119 -30.75 6.22 6.74
N MSE A 120 -31.77 6.50 7.57
CA MSE A 120 -31.59 7.25 8.81
C MSE A 120 -32.23 6.49 9.96
O MSE A 120 -32.97 5.52 9.75
CB MSE A 120 -32.20 8.66 8.69
CG MSE A 120 -31.62 9.40 7.54
SE MSE A 120 -32.28 11.21 7.49
CE MSE A 120 -33.52 11.20 8.96
N SER A 121 -31.98 6.92 11.20
CA SER A 121 -32.53 6.18 12.31
C SER A 121 -32.56 6.98 13.61
N ASP A 122 -33.41 6.53 14.53
CA ASP A 122 -33.50 7.09 15.87
C ASP A 122 -33.56 5.81 16.67
N GLY A 123 -32.39 5.34 17.08
CA GLY A 123 -32.31 4.10 17.83
C GLY A 123 -32.79 2.94 16.99
N LYS A 124 -33.81 2.23 17.48
CA LYS A 124 -34.35 1.08 16.75
C LYS A 124 -35.22 1.44 15.55
N GLN A 125 -35.68 2.68 15.48
CA GLN A 125 -36.53 3.09 14.36
C GLN A 125 -35.72 3.51 13.13
N TYR A 126 -35.94 2.83 12.00
CA TYR A 126 -35.23 3.18 10.76
C TYR A 126 -36.13 3.98 9.84
N TYR A 127 -35.52 4.80 8.98
CA TYR A 127 -36.25 5.68 8.04
C TYR A 127 -35.45 5.78 6.75
N ILE A 128 -36.13 6.19 5.66
CA ILE A 128 -35.41 6.50 4.42
C ILE A 128 -35.81 7.95 4.13
N TYR A 129 -35.05 8.61 3.26
CA TYR A 129 -35.30 10.01 2.92
C TYR A 129 -35.26 10.04 1.41
N VAL A 130 -36.39 10.37 0.80
CA VAL A 130 -36.50 10.32 -0.66
C VAL A 130 -37.26 11.52 -1.21
N SER A 131 -37.08 11.76 -2.50
CA SER A 131 -37.71 12.89 -3.17
C SER A 131 -38.86 12.53 -4.11
N GLU A 132 -39.83 13.44 -4.21
CA GLU A 132 -40.96 13.29 -5.10
C GLU A 132 -40.55 13.26 -6.57
N VAL A 133 -39.31 13.66 -6.87
CA VAL A 133 -38.83 13.64 -8.25
C VAL A 133 -38.41 12.24 -8.67
N ALA A 134 -38.23 11.34 -7.70
CA ALA A 134 -37.77 9.99 -8.01
C ALA A 134 -38.92 9.02 -8.20
N GLU A 135 -38.72 8.05 -9.09
CA GLU A 135 -39.71 7.03 -9.42
C GLU A 135 -40.21 6.20 -8.24
N HIS A 136 -39.35 5.96 -7.24
CA HIS A 136 -39.82 5.17 -6.11
C HIS A 136 -40.83 5.92 -5.23
N PHE A 137 -40.92 7.24 -5.35
CA PHE A 137 -41.86 7.97 -4.53
C PHE A 137 -43.32 7.54 -4.79
N ALA A 138 -43.69 7.37 -6.05
CA ALA A 138 -45.08 7.04 -6.34
C ALA A 138 -45.49 5.73 -5.70
N GLY A 139 -44.57 4.76 -5.68
CA GLY A 139 -44.87 3.47 -5.06
C GLY A 139 -44.90 3.57 -3.56
N LEU A 140 -44.01 4.37 -2.99
CA LEU A 140 -44.00 4.55 -1.55
C LEU A 140 -45.27 5.27 -1.08
N LYS A 141 -45.79 6.14 -1.92
CA LYS A 141 -47.00 6.89 -1.55
C LYS A 141 -48.29 6.11 -1.80
N ASN A 142 -48.36 5.43 -2.94
CA ASN A 142 -49.56 4.69 -3.33
C ASN A 142 -49.64 3.23 -2.90
N ASN A 143 -48.48 2.59 -2.71
CA ASN A 143 -48.43 1.19 -2.27
C ASN A 143 -47.49 1.14 -1.06
N PRO A 144 -47.79 1.97 -0.03
CA PRO A 144 -46.94 2.03 1.15
C PRO A 144 -46.72 0.77 1.95
N HIS A 145 -47.57 -0.23 1.77
CA HIS A 145 -47.39 -1.49 2.47
C HIS A 145 -46.99 -2.63 1.56
N ASN A 146 -46.43 -2.28 0.41
CA ASN A 146 -45.91 -3.27 -0.51
C ASN A 146 -44.53 -2.77 -0.91
N VAL A 147 -43.59 -2.96 0.01
CA VAL A 147 -42.22 -2.47 -0.16
C VAL A 147 -41.28 -3.51 0.42
N GLU A 148 -40.10 -3.65 -0.17
CA GLU A 148 -39.12 -4.54 0.43
C GLU A 148 -37.82 -3.74 0.49
N VAL A 149 -37.18 -3.79 1.66
CA VAL A 149 -35.94 -3.08 1.90
C VAL A 149 -34.84 -4.11 1.98
N MSE A 150 -33.73 -3.84 1.27
CA MSE A 150 -32.60 -4.76 1.35
C MSE A 150 -31.31 -4.07 1.80
O MSE A 150 -30.93 -3.05 1.22
CB MSE A 150 -32.31 -5.43 0.01
CG MSE A 150 -31.03 -6.27 0.07
SE MSE A 150 -30.68 -7.26 -1.55
CE MSE A 150 -30.58 -5.72 -2.79
N PHE A 151 -30.67 -4.63 2.82
CA PHE A 151 -29.36 -4.14 3.26
C PHE A 151 -28.44 -5.12 2.53
N LEU A 152 -27.65 -4.60 1.60
CA LEU A 152 -26.77 -5.46 0.81
C LEU A 152 -25.28 -5.11 0.98
N GLU A 153 -24.47 -6.11 1.33
CA GLU A 153 -23.03 -5.87 1.53
C GLU A 153 -22.39 -5.40 0.23
N ASP A 154 -21.45 -4.46 0.32
CA ASP A 154 -20.74 -3.98 -0.87
C ASP A 154 -20.04 -5.13 -1.57
N GLU A 155 -20.12 -5.15 -2.89
CA GLU A 155 -19.48 -6.21 -3.65
C GLU A 155 -17.98 -6.27 -3.34
N SER A 156 -17.36 -5.11 -3.16
CA SER A 156 -15.92 -5.05 -2.91
C SER A 156 -15.51 -5.50 -1.51
N LYS A 157 -16.49 -5.69 -0.61
CA LYS A 157 -16.21 -6.15 0.73
C LYS A 157 -16.64 -7.61 0.93
N ALA A 158 -17.45 -8.12 0.02
CA ALA A 158 -18.00 -9.47 0.14
C ALA A 158 -17.02 -10.60 -0.13
N LYS A 159 -17.37 -11.79 0.33
CA LYS A 159 -16.52 -12.95 0.09
C LYS A 159 -16.36 -13.19 -1.40
N SER A 160 -17.43 -13.02 -2.16
CA SER A 160 -17.41 -13.21 -3.60
C SER A 160 -18.68 -12.63 -4.17
N ALA A 161 -18.79 -12.65 -5.50
CA ALA A 161 -19.96 -12.11 -6.17
C ALA A 161 -21.22 -12.92 -5.87
N ILE A 162 -21.05 -14.21 -5.59
CA ILE A 162 -22.21 -15.04 -5.34
C ILE A 162 -22.57 -15.12 -3.86
N LEU A 163 -21.77 -14.46 -3.03
CA LEU A 163 -22.03 -14.43 -1.59
C LEU A 163 -21.87 -13.03 -0.99
N ARG A 164 -22.76 -12.11 -1.39
CA ARG A 164 -22.76 -10.79 -0.78
C ARG A 164 -23.76 -10.98 0.36
N LYS A 165 -23.40 -10.64 1.60
CA LYS A 165 -24.34 -10.82 2.69
C LYS A 165 -25.52 -9.89 2.46
N ARG A 166 -26.72 -10.34 2.81
CA ARG A 166 -27.88 -9.49 2.58
C ARG A 166 -28.96 -9.77 3.60
N LEU A 167 -29.73 -8.72 3.90
CA LEU A 167 -30.82 -8.76 4.87
C LEU A 167 -31.99 -8.06 4.19
N ARG A 168 -33.10 -8.78 3.99
CA ARG A 168 -34.27 -8.22 3.29
C ARG A 168 -35.49 -8.27 4.17
N TYR A 169 -36.28 -7.19 4.18
CA TYR A 169 -37.50 -7.16 5.00
C TYR A 169 -38.71 -6.70 4.22
N LYS A 170 -39.81 -7.43 4.34
CA LYS A 170 -41.07 -6.95 3.78
C LYS A 170 -41.28 -5.78 4.73
N THR A 171 -41.63 -4.62 4.19
CA THR A 171 -41.73 -3.42 5.01
C THR A 171 -42.98 -2.60 4.81
N ASN A 172 -43.53 -2.09 5.92
CA ASN A 172 -44.66 -1.17 5.83
C ASN A 172 -44.06 0.22 6.03
N THR A 173 -44.50 1.18 5.25
CA THR A 173 -43.95 2.53 5.34
C THR A 173 -45.01 3.57 5.67
N ARG A 174 -44.56 4.68 6.23
CA ARG A 174 -45.46 5.79 6.55
C ARG A 174 -44.67 7.09 6.54
N PHE A 175 -45.31 8.17 6.13
CA PHE A 175 -44.61 9.46 6.05
C PHE A 175 -44.46 10.14 7.39
N ILE A 176 -43.31 10.79 7.58
CA ILE A 176 -43.05 11.53 8.80
C ILE A 176 -43.02 13.01 8.41
N GLU A 177 -43.86 13.82 9.05
CA GLU A 177 -43.87 15.27 8.75
C GLU A 177 -42.63 15.94 9.37
N ARG A 178 -42.28 17.14 8.91
CA ARG A 178 -41.13 17.86 9.47
C ARG A 178 -41.49 18.15 10.93
N GLY A 179 -40.48 18.25 11.79
CA GLY A 179 -40.77 18.48 13.20
C GLY A 179 -39.70 17.83 14.06
N ALA A 180 -40.02 17.58 15.33
CA ALA A 180 -39.03 17.01 16.26
C ALA A 180 -38.52 15.61 15.89
N GLU A 181 -39.40 14.73 15.46
CA GLU A 181 -38.97 13.37 15.11
C GLU A 181 -38.03 13.45 13.89
N PHE A 182 -38.44 14.26 12.91
CA PHE A 182 -37.65 14.45 11.67
C PHE A 182 -36.26 14.96 12.05
N ASP A 183 -36.23 16.01 12.86
CA ASP A 183 -34.94 16.57 13.27
C ASP A 183 -34.05 15.61 14.02
N LYS A 184 -34.63 14.76 14.87
CA LYS A 184 -33.81 13.82 15.63
C LYS A 184 -33.11 12.82 14.72
N ALA A 185 -33.86 12.29 13.77
CA ALA A 185 -33.31 11.35 12.80
C ALA A 185 -32.30 12.03 11.88
N PHE A 186 -32.64 13.21 11.37
CA PHE A 186 -31.75 13.92 10.47
C PHE A 186 -30.46 14.39 11.17
N ASP A 187 -30.59 14.86 12.40
CA ASP A 187 -29.41 15.30 13.16
C ASP A 187 -28.49 14.10 13.43
N SER A 188 -29.09 12.96 13.73
CA SER A 188 -28.32 11.76 14.00
C SER A 188 -27.53 11.34 12.75
N PHE A 189 -28.18 11.46 11.59
CA PHE A 189 -27.57 11.11 10.30
C PHE A 189 -26.39 12.03 10.00
N ILE A 190 -26.55 13.33 10.25
CA ILE A 190 -25.47 14.26 10.02
C ILE A 190 -24.28 13.94 10.95
N GLU A 191 -24.57 13.67 12.21
CA GLU A 191 -23.50 13.38 13.16
C GLU A 191 -22.79 12.08 12.81
N LYS A 192 -23.54 11.08 12.36
CA LYS A 192 -22.95 9.79 11.99
C LYS A 192 -22.10 9.87 10.72
N THR A 193 -22.69 10.39 9.65
CA THR A 193 -21.99 10.49 8.37
C THR A 193 -20.96 11.59 8.26
N GLY A 194 -21.01 12.59 9.13
CA GLY A 194 -20.09 13.71 9.01
C GLY A 194 -20.85 14.86 8.35
N GLY A 195 -21.96 14.54 7.71
CA GLY A 195 -22.81 15.55 7.09
C GLY A 195 -22.36 16.33 5.86
N ALA A 196 -21.37 15.81 5.13
CA ALA A 196 -20.87 16.48 3.94
C ALA A 196 -21.50 15.92 2.69
N GLY A 197 -21.19 16.55 1.55
CA GLY A 197 -21.66 16.05 0.28
C GLY A 197 -23.04 16.37 -0.26
N GLY A 198 -23.77 17.29 0.36
CA GLY A 198 -25.09 17.60 -0.15
C GLY A 198 -26.20 17.24 0.81
N ILE A 199 -25.86 16.51 1.87
CA ILE A 199 -26.83 16.13 2.88
C ILE A 199 -27.50 17.34 3.49
N LYS A 200 -26.71 18.40 3.74
CA LYS A 200 -27.26 19.60 4.33
C LYS A 200 -28.21 20.32 3.38
N THR A 201 -27.88 20.28 2.08
CA THR A 201 -28.73 20.89 1.06
C THR A 201 -30.06 20.15 0.98
N ILE A 202 -30.04 18.82 0.88
CA ILE A 202 -31.32 18.12 0.73
C ILE A 202 -32.24 18.20 1.95
N ARG A 203 -31.68 18.53 3.11
CA ARG A 203 -32.52 18.66 4.30
C ARG A 203 -33.55 19.77 4.07
N ALA A 204 -33.11 20.82 3.39
CA ALA A 204 -33.97 21.98 3.13
C ALA A 204 -34.88 21.85 1.91
N MSE A 205 -34.71 20.79 1.13
CA MSE A 205 -35.53 20.61 -0.07
C MSE A 205 -36.85 19.99 0.34
O MSE A 205 -36.90 18.85 0.79
CB MSE A 205 -34.78 19.77 -1.09
CG MSE A 205 -33.45 20.41 -1.47
SE MSE A 205 -32.44 19.49 -2.80
CE MSE A 205 -31.83 20.97 -3.87
N GLN A 206 -37.92 20.76 0.18
CA GLN A 206 -39.24 20.32 0.58
C GLN A 206 -39.86 19.18 -0.25
N ASP A 207 -39.25 18.86 -1.38
CA ASP A 207 -39.76 17.74 -2.16
C ASP A 207 -39.27 16.40 -1.57
N PHE A 208 -38.40 16.48 -0.56
CA PHE A 208 -37.89 15.26 0.08
C PHE A 208 -38.70 14.95 1.32
N HIS A 209 -38.97 13.67 1.58
CA HIS A 209 -39.75 13.26 2.76
C HIS A 209 -39.04 12.16 3.52
N LEU A 210 -39.14 12.22 4.86
CA LEU A 210 -38.59 11.18 5.71
C LEU A 210 -39.75 10.17 5.79
N ILE A 211 -39.43 8.89 5.63
CA ILE A 211 -40.43 7.84 5.63
C ILE A 211 -39.99 6.78 6.61
N ALA A 212 -40.83 6.47 7.60
CA ALA A 212 -40.46 5.44 8.58
C ALA A 212 -40.66 4.06 7.99
N LEU A 213 -39.77 3.14 8.37
CA LEU A 213 -39.81 1.75 7.94
C LEU A 213 -40.23 0.86 9.12
N ASP A 214 -41.31 0.09 8.95
CA ASP A 214 -41.71 -0.86 9.98
C ASP A 214 -41.44 -2.23 9.36
N PHE A 215 -40.35 -2.87 9.78
CA PHE A 215 -39.99 -4.17 9.22
C PHE A 215 -40.89 -5.28 9.71
N LYS A 216 -41.28 -6.15 8.79
CA LYS A 216 -42.09 -7.32 9.10
C LYS A 216 -41.19 -8.54 8.83
N GLU A 217 -41.61 -9.47 7.98
CA GLU A 217 -40.79 -10.66 7.69
C GLU A 217 -39.44 -10.30 7.10
N GLY A 218 -38.39 -10.96 7.58
CA GLY A 218 -37.05 -10.70 7.08
C GLY A 218 -36.32 -11.99 6.75
N ARG A 219 -35.32 -11.90 5.88
CA ARG A 219 -34.51 -13.05 5.48
C ARG A 219 -33.09 -12.55 5.51
N PHE A 220 -32.22 -13.25 6.24
CA PHE A 220 -30.82 -12.86 6.34
C PHE A 220 -30.00 -13.99 5.76
N VAL A 221 -29.03 -13.67 4.90
CA VAL A 221 -28.16 -14.70 4.35
C VAL A 221 -26.74 -14.23 4.62
N LYS A 222 -25.97 -15.03 5.36
CA LYS A 222 -24.59 -14.65 5.71
C LYS A 222 -23.53 -15.65 5.26
N GLY A 223 -23.96 -16.75 4.66
CA GLY A 223 -23.02 -17.75 4.20
C GLY A 223 -23.78 -18.85 3.48
N PHE A 224 -23.08 -19.79 2.85
CA PHE A 224 -23.76 -20.87 2.17
C PHE A 224 -24.40 -21.78 3.21
N GLY A 225 -25.69 -22.03 3.06
CA GLY A 225 -26.35 -22.84 4.07
C GLY A 225 -26.48 -22.10 5.39
N GLN A 226 -26.45 -20.75 5.34
CA GLN A 226 -26.64 -19.96 6.53
C GLN A 226 -27.66 -18.86 6.24
N ALA A 227 -28.90 -19.28 6.01
CA ALA A 227 -30.02 -18.35 5.75
C ALA A 227 -31.00 -18.45 6.93
N TYR A 228 -31.59 -17.32 7.31
CA TYR A 228 -32.48 -17.25 8.45
C TYR A 228 -33.72 -16.44 8.18
N ASP A 229 -34.82 -16.87 8.79
CA ASP A 229 -36.08 -16.14 8.69
C ASP A 229 -36.23 -15.36 9.98
N ILE A 230 -36.73 -14.14 9.86
CA ILE A 230 -36.92 -13.25 11.00
C ILE A 230 -38.33 -12.65 10.99
N LEU A 231 -38.92 -12.48 12.18
CA LEU A 231 -40.21 -11.79 12.29
C LEU A 231 -40.23 -11.25 13.72
N GLY A 232 -40.10 -9.94 13.84
CA GLY A 232 -40.08 -9.30 15.13
C GLY A 232 -38.87 -9.78 15.92
N ASP A 233 -39.12 -10.36 17.10
CA ASP A 233 -38.04 -10.86 17.94
C ASP A 233 -37.73 -12.35 17.71
N LYS A 234 -38.33 -12.96 16.71
CA LYS A 234 -38.07 -14.38 16.47
C LYS A 234 -37.19 -14.59 15.24
N ILE A 235 -36.22 -15.49 15.37
CA ILE A 235 -35.33 -15.81 14.24
C ILE A 235 -35.26 -17.32 14.19
N ALA A 236 -35.21 -17.87 12.98
CA ALA A 236 -35.12 -19.31 12.82
C ALA A 236 -34.21 -19.63 11.65
N TYR A 237 -33.42 -20.69 11.79
CA TYR A 237 -32.53 -21.17 10.75
C TYR A 237 -33.40 -21.86 9.71
N VAL A 238 -33.17 -21.56 8.44
CA VAL A 238 -33.95 -22.11 7.35
C VAL A 238 -33.52 -23.49 6.83
N GLY A 239 -32.29 -23.90 7.12
CA GLY A 239 -31.83 -25.16 6.56
C GLY A 239 -31.75 -26.48 7.32
N ASP A 240 -32.71 -26.75 8.19
CA ASP A 240 -32.70 -28.01 8.94
C ASP A 240 -32.60 -29.23 8.03
N LYS A 241 -33.28 -29.17 6.89
CA LYS A 241 -33.32 -30.28 5.94
C LYS A 241 -32.03 -30.41 5.11
N GLY A 242 -31.10 -29.50 5.30
CA GLY A 242 -29.86 -29.59 4.53
C GLY A 242 -29.98 -29.03 3.11
N ASN A 243 -28.86 -29.08 2.39
CA ASN A 243 -28.77 -28.59 1.03
C ASN A 243 -30.07 -28.81 0.25
N PRO A 244 -30.78 -27.72 -0.14
CA PRO A 244 -32.04 -27.80 -0.89
C PRO A 244 -31.79 -27.70 -2.39
N HIS A 245 -30.56 -27.41 -2.75
CA HIS A 245 -30.20 -27.30 -4.15
C HIS A 245 -30.28 -28.66 -4.86
N ASN A 246 -30.27 -28.63 -6.19
CA ASN A 246 -30.36 -29.85 -6.97
C ASN A 246 -31.65 -30.60 -6.71
N PHE A 247 -32.70 -29.88 -6.31
CA PHE A 247 -34.01 -30.48 -6.05
C PHE A 247 -33.97 -31.61 -5.04
N ALA A 248 -33.20 -31.42 -3.95
CA ALA A 248 -33.05 -32.42 -2.91
C ALA A 248 -34.35 -32.99 -2.33
N HIS A 249 -35.45 -32.23 -2.43
CA HIS A 249 -36.73 -32.69 -1.87
C HIS A 249 -36.95 -34.20 -2.08
N LEU B 2 -7.41 31.59 0.04
CA LEU B 2 -8.54 31.64 -0.93
C LEU B 2 -8.46 32.86 -1.84
N ASN B 3 -7.62 33.83 -1.47
CA ASN B 3 -7.46 35.06 -2.25
C ASN B 3 -7.04 34.76 -3.69
N ARG B 4 -6.06 33.87 -3.83
CA ARG B 4 -5.57 33.48 -5.15
C ARG B 4 -6.66 32.75 -5.90
N ILE B 5 -7.34 31.84 -5.21
CA ILE B 5 -8.44 31.08 -5.83
C ILE B 5 -9.49 32.05 -6.34
N ILE B 6 -9.84 33.04 -5.51
CA ILE B 6 -10.84 34.03 -5.90
C ILE B 6 -10.44 34.72 -7.19
N GLU B 7 -9.17 35.11 -7.29
CA GLU B 7 -8.69 35.77 -8.50
C GLU B 7 -8.81 34.82 -9.68
N HIS B 8 -8.30 33.61 -9.50
CA HIS B 8 -8.34 32.61 -10.55
C HIS B 8 -9.75 32.34 -11.08
N MSE B 9 -10.70 32.12 -10.18
CA MSE B 9 -12.08 31.84 -10.60
C MSE B 9 -12.72 33.02 -11.32
O MSE B 9 -13.41 32.84 -12.32
CB MSE B 9 -12.95 31.48 -9.39
CG MSE B 9 -12.49 30.27 -8.60
SE MSE B 9 -12.11 28.73 -9.71
CE MSE B 9 -10.68 28.00 -8.63
N ASN B 10 -12.50 34.22 -10.79
CA ASN B 10 -13.05 35.43 -11.38
C ASN B 10 -12.46 35.72 -12.74
N ALA B 11 -11.30 35.14 -13.02
CA ALA B 11 -10.64 35.38 -14.29
C ALA B 11 -10.89 34.32 -15.35
N HIS B 12 -11.13 33.09 -14.91
CA HIS B 12 -11.33 31.99 -15.85
C HIS B 12 -12.63 31.19 -15.75
N HIS B 13 -13.50 31.52 -14.79
CA HIS B 13 -14.72 30.73 -14.65
C HIS B 13 -15.99 31.50 -14.40
N VAL B 14 -16.03 32.75 -14.87
CA VAL B 14 -17.19 33.58 -14.68
C VAL B 14 -18.43 33.04 -15.38
N GLU B 15 -18.26 32.55 -16.59
CA GLU B 15 -19.39 32.00 -17.31
C GLU B 15 -19.86 30.69 -16.66
N ASP B 16 -18.93 29.94 -16.11
CA ASP B 16 -19.29 28.69 -15.44
C ASP B 16 -20.10 29.02 -14.19
N MSE B 17 -19.71 30.07 -13.48
CA MSE B 17 -20.42 30.47 -12.27
C MSE B 17 -21.83 30.89 -12.61
O MSE B 17 -22.76 30.62 -11.83
CB MSE B 17 -19.67 31.58 -11.53
CG MSE B 17 -18.36 31.12 -10.94
SE MSE B 17 -17.56 32.36 -9.67
CE MSE B 17 -16.59 33.51 -10.93
N LYS B 18 -22.02 31.53 -13.76
CA LYS B 18 -23.36 31.91 -14.16
C LYS B 18 -24.15 30.62 -14.40
N GLY B 19 -23.47 29.62 -14.94
CA GLY B 19 -24.10 28.34 -15.21
C GLY B 19 -24.54 27.64 -13.92
N LEU B 20 -23.68 27.71 -12.91
CA LEU B 20 -23.98 27.12 -11.61
C LEU B 20 -25.13 27.89 -10.95
N LEU B 21 -25.10 29.21 -11.04
CA LEU B 21 -26.16 29.99 -10.42
C LEU B 21 -27.51 29.64 -11.02
N LYS B 22 -27.53 29.41 -12.34
CA LYS B 22 -28.79 29.08 -12.99
C LYS B 22 -29.24 27.64 -12.69
N LYS B 23 -28.32 26.71 -12.85
CA LYS B 23 -28.60 25.29 -12.65
C LYS B 23 -28.99 24.93 -11.23
N PHE B 24 -28.18 25.36 -10.25
CA PHE B 24 -28.43 25.01 -8.86
C PHE B 24 -29.21 26.00 -8.03
N GLY B 25 -29.28 27.25 -8.47
CA GLY B 25 -30.01 28.21 -7.68
C GLY B 25 -31.22 28.79 -8.37
N GLN B 26 -31.41 28.42 -9.64
CA GLN B 26 -32.50 28.95 -10.45
C GLN B 26 -32.39 30.49 -10.51
N VAL B 27 -31.15 30.96 -10.49
CA VAL B 27 -30.86 32.39 -10.56
C VAL B 27 -30.58 32.61 -12.04
N HIS B 28 -31.54 33.24 -12.73
CA HIS B 28 -31.41 33.43 -14.17
C HIS B 28 -30.75 34.69 -14.74
N HIS B 29 -30.90 35.81 -14.05
CA HIS B 29 -30.28 37.01 -14.56
C HIS B 29 -29.40 37.60 -13.48
N ALA B 30 -28.25 36.98 -13.29
CA ALA B 30 -27.32 37.42 -12.27
C ALA B 30 -26.30 38.38 -12.86
N GLU B 31 -26.00 39.44 -12.10
CA GLU B 31 -25.02 40.44 -12.47
C GLU B 31 -23.93 40.38 -11.40
N ASN B 32 -22.83 41.07 -11.65
CA ASN B 32 -21.72 41.12 -10.72
C ASN B 32 -21.42 39.76 -10.10
N VAL B 33 -21.26 38.75 -10.94
CA VAL B 33 -20.96 37.40 -10.51
C VAL B 33 -19.48 37.29 -10.17
N ALA B 34 -19.19 36.93 -8.92
CA ALA B 34 -17.81 36.80 -8.46
C ALA B 34 -17.68 35.70 -7.41
N PHE B 35 -16.55 34.99 -7.43
CA PHE B 35 -16.27 33.93 -6.48
C PHE B 35 -16.00 34.50 -5.08
N LYS B 36 -16.77 34.06 -4.08
CA LYS B 36 -16.59 34.57 -2.73
C LYS B 36 -15.74 33.70 -1.82
N SER B 37 -15.94 32.39 -1.84
CA SER B 37 -15.15 31.54 -0.96
C SER B 37 -15.31 30.06 -1.28
N VAL B 38 -14.45 29.29 -0.65
CA VAL B 38 -14.45 27.85 -0.78
C VAL B 38 -14.02 27.31 0.58
N ASP B 39 -14.59 26.19 0.96
CA ASP B 39 -14.26 25.54 2.21
C ASP B 39 -14.34 24.05 1.93
N SER B 40 -14.08 23.23 2.93
CA SER B 40 -14.05 21.79 2.72
C SER B 40 -15.34 21.17 2.19
N GLN B 41 -16.45 21.86 2.35
CA GLN B 41 -17.73 21.31 1.93
C GLN B 41 -18.40 21.98 0.75
N GLY B 42 -17.84 23.09 0.27
CA GLY B 42 -18.48 23.75 -0.85
C GLY B 42 -17.96 25.15 -1.16
N ILE B 43 -18.60 25.80 -2.12
CA ILE B 43 -18.22 27.14 -2.54
C ILE B 43 -19.35 28.16 -2.35
N VAL B 44 -19.00 29.44 -2.37
CA VAL B 44 -20.01 30.48 -2.24
C VAL B 44 -19.78 31.43 -3.42
N ILE B 45 -20.83 31.68 -4.18
CA ILE B 45 -20.76 32.55 -5.34
C ILE B 45 -21.57 33.80 -5.04
N GLY B 46 -20.98 34.98 -5.24
CA GLY B 46 -21.73 36.19 -4.99
C GLY B 46 -22.31 36.73 -6.28
N TYR B 47 -23.44 37.43 -6.16
CA TYR B 47 -24.08 38.00 -7.33
C TYR B 47 -25.11 39.09 -6.95
N ASN B 48 -25.50 39.89 -7.95
CA ASN B 48 -26.51 40.94 -7.78
C ASN B 48 -26.43 41.88 -6.60
N ASN B 49 -27.55 41.97 -5.89
CA ASN B 49 -27.69 42.85 -4.73
C ASN B 49 -27.07 42.35 -3.41
N ASN B 50 -25.74 42.15 -3.36
CA ASN B 50 -25.04 41.69 -2.13
C ASN B 50 -25.55 40.28 -1.76
N GLN B 51 -25.86 39.48 -2.77
CA GLN B 51 -26.41 38.13 -2.53
C GLN B 51 -25.40 37.03 -2.79
N THR B 52 -25.67 35.83 -2.28
CA THR B 52 -24.78 34.72 -2.55
C THR B 52 -25.60 33.45 -2.69
N LEU B 53 -24.98 32.45 -3.32
CA LEU B 53 -25.56 31.11 -3.46
C LEU B 53 -24.44 30.19 -3.04
N ARG B 54 -24.73 29.28 -2.11
CA ARG B 54 -23.73 28.31 -1.69
C ARG B 54 -24.08 27.01 -2.42
N ILE B 55 -23.05 26.33 -2.94
CA ILE B 55 -23.23 25.06 -3.64
C ILE B 55 -22.27 24.09 -2.99
N GLU B 56 -22.79 23.01 -2.42
CA GLU B 56 -21.89 22.05 -1.79
C GLU B 56 -21.23 21.11 -2.78
N PHE B 57 -20.04 20.65 -2.44
CA PHE B 57 -19.34 19.67 -3.26
C PHE B 57 -20.05 18.35 -2.97
N ASN B 58 -19.79 17.32 -3.77
CA ASN B 58 -20.44 16.02 -3.53
C ASN B 58 -19.67 15.15 -2.52
N HIS B 59 -18.66 15.74 -1.90
CA HIS B 59 -17.87 15.06 -0.88
C HIS B 59 -17.11 16.13 -0.12
N GLU B 60 -16.51 15.74 1.00
CA GLU B 60 -15.75 16.71 1.77
C GLU B 60 -14.34 16.71 1.21
N VAL B 61 -13.80 17.89 0.92
CA VAL B 61 -12.45 18.00 0.37
C VAL B 61 -11.54 18.05 1.62
N LYS B 62 -10.88 16.92 1.88
CA LYS B 62 -10.05 16.76 3.07
C LYS B 62 -8.79 17.60 3.18
N ASP B 63 -8.20 17.96 2.04
CA ASP B 63 -6.97 18.75 2.04
C ASP B 63 -7.21 20.12 1.39
N PRO B 64 -6.90 21.21 2.11
CA PRO B 64 -7.10 22.55 1.55
C PRO B 64 -6.35 22.70 0.23
N LYS B 65 -5.34 21.87 0.03
CA LYS B 65 -4.55 21.93 -1.20
C LYS B 65 -5.42 21.54 -2.41
N ASP B 66 -6.49 20.80 -2.17
CA ASP B 66 -7.36 20.38 -3.28
C ASP B 66 -8.61 21.25 -3.50
N TYR B 67 -8.78 22.29 -2.70
CA TYR B 67 -9.94 23.17 -2.84
C TYR B 67 -10.06 23.72 -4.24
N LYS B 68 -8.94 24.14 -4.80
CA LYS B 68 -8.94 24.72 -6.13
C LYS B 68 -9.44 23.77 -7.22
N ASN B 69 -8.91 22.55 -7.23
CA ASN B 69 -9.32 21.57 -8.23
C ASN B 69 -10.79 21.16 -8.09
N ALA B 70 -11.24 21.02 -6.84
CA ALA B 70 -12.62 20.62 -6.57
C ALA B 70 -13.55 21.71 -7.09
N THR B 71 -13.14 22.97 -6.90
CA THR B 71 -13.91 24.11 -7.36
C THR B 71 -13.97 24.13 -8.88
N ILE B 72 -12.84 23.85 -9.51
CA ILE B 72 -12.79 23.84 -10.97
C ILE B 72 -13.69 22.72 -11.48
N GLU B 73 -13.56 21.53 -10.89
CA GLU B 73 -14.39 20.40 -11.31
C GLU B 73 -15.87 20.77 -11.24
N LEU B 74 -16.26 21.43 -10.16
CA LEU B 74 -17.67 21.83 -10.01
C LEU B 74 -18.06 22.81 -11.11
N CYS B 75 -17.22 23.81 -11.37
CA CYS B 75 -17.53 24.77 -12.43
C CYS B 75 -17.66 24.08 -13.79
N GLN B 76 -16.74 23.16 -14.07
CA GLN B 76 -16.75 22.46 -15.36
C GLN B 76 -17.85 21.43 -15.52
N SER B 77 -18.46 21.04 -14.40
CA SER B 77 -19.51 20.04 -14.44
C SER B 77 -20.74 20.53 -15.21
N VAL B 78 -20.91 21.84 -15.31
CA VAL B 78 -22.07 22.36 -16.00
C VAL B 78 -22.09 21.92 -17.46
N GLU B 79 -20.97 22.07 -18.15
CA GLU B 79 -20.91 21.68 -19.55
C GLU B 79 -20.64 20.20 -19.75
N LYS B 80 -19.89 19.62 -18.82
CA LYS B 80 -19.55 18.21 -18.90
C LYS B 80 -20.82 17.36 -18.82
N THR B 81 -21.87 17.92 -18.21
CA THR B 81 -23.14 17.24 -18.07
C THR B 81 -23.68 16.90 -19.45
N HIS B 82 -23.31 17.72 -20.42
CA HIS B 82 -23.79 17.55 -21.78
C HIS B 82 -22.90 16.72 -22.70
N ASP B 83 -21.79 16.22 -22.17
CA ASP B 83 -20.92 15.38 -22.99
C ASP B 83 -21.58 14.00 -23.07
N LEU B 84 -22.60 13.87 -23.92
CA LEU B 84 -23.31 12.60 -24.04
C LEU B 84 -22.47 11.42 -24.48
N LYS B 85 -21.45 11.70 -25.29
CA LYS B 85 -20.58 10.63 -25.74
C LYS B 85 -19.86 10.10 -24.51
N GLY B 86 -19.40 11.02 -23.66
CA GLY B 86 -18.69 10.62 -22.44
C GLY B 86 -19.59 9.85 -21.48
N VAL B 87 -20.83 10.29 -21.34
CA VAL B 87 -21.77 9.60 -20.45
C VAL B 87 -22.02 8.19 -20.99
N GLU B 88 -22.16 8.07 -22.31
CA GLU B 88 -22.37 6.77 -22.92
C GLU B 88 -21.21 5.83 -22.57
N GLU B 89 -19.99 6.35 -22.64
CA GLU B 89 -18.79 5.56 -22.32
C GLU B 89 -18.77 5.20 -20.82
N GLU B 90 -19.26 6.11 -19.98
CA GLU B 90 -19.28 5.85 -18.53
C GLU B 90 -20.28 4.74 -18.24
N VAL B 91 -21.41 4.79 -18.93
CA VAL B 91 -22.43 3.77 -18.73
C VAL B 91 -21.89 2.39 -19.07
N LYS B 92 -21.20 2.29 -20.21
CA LYS B 92 -20.62 1.00 -20.62
C LYS B 92 -19.61 0.51 -19.59
N ALA B 93 -18.72 1.39 -19.17
CA ALA B 93 -17.68 1.03 -18.20
C ALA B 93 -18.28 0.75 -16.83
N PHE B 94 -19.36 1.44 -16.50
CA PHE B 94 -19.99 1.25 -15.19
C PHE B 94 -20.45 -0.19 -15.09
N LYS B 95 -21.21 -0.63 -16.09
CA LYS B 95 -21.71 -2.00 -16.11
C LYS B 95 -20.62 -3.04 -16.08
N GLU B 96 -19.48 -2.75 -16.71
CA GLU B 96 -18.35 -3.68 -16.75
C GLU B 96 -17.64 -3.83 -15.40
N GLY B 97 -17.92 -2.90 -14.49
CA GLY B 97 -17.27 -2.94 -13.19
C GLY B 97 -18.00 -3.76 -12.14
N PHE B 98 -19.06 -4.46 -12.53
CA PHE B 98 -19.79 -5.29 -11.56
C PHE B 98 -19.83 -6.76 -11.95
N ASP B 99 -19.97 -7.63 -10.95
CA ASP B 99 -20.15 -9.05 -11.17
C ASP B 99 -21.50 -9.46 -10.54
N SER B 100 -22.30 -8.46 -10.18
CA SER B 100 -23.63 -8.71 -9.61
C SER B 100 -24.48 -7.45 -9.73
N VAL B 101 -25.81 -7.61 -9.62
CA VAL B 101 -26.78 -6.51 -9.72
C VAL B 101 -27.91 -6.68 -8.71
N CYS B 102 -28.65 -5.60 -8.46
CA CYS B 102 -29.82 -5.67 -7.56
C CYS B 102 -31.02 -5.81 -8.47
N LEU B 103 -32.09 -6.42 -7.94
CA LEU B 103 -33.30 -6.64 -8.69
C LEU B 103 -34.57 -6.30 -7.91
N ALA B 104 -35.62 -5.93 -8.64
CA ALA B 104 -36.95 -5.76 -8.09
C ALA B 104 -37.76 -6.74 -8.95
N THR B 105 -38.53 -7.61 -8.31
CA THR B 105 -39.37 -8.56 -9.04
C THR B 105 -40.72 -8.57 -8.37
N LEU B 106 -41.72 -9.15 -9.02
CA LEU B 106 -43.07 -9.23 -8.43
C LEU B 106 -43.34 -10.72 -8.21
N HIS B 107 -43.42 -11.10 -6.93
CA HIS B 107 -43.63 -12.50 -6.58
C HIS B 107 -45.10 -12.89 -6.78
N PRO B 108 -45.37 -14.18 -7.02
CA PRO B 108 -46.75 -14.65 -7.21
C PRO B 108 -47.63 -14.34 -5.99
N ASN B 109 -47.02 -14.13 -4.82
CA ASN B 109 -47.82 -13.78 -3.64
C ASN B 109 -48.25 -12.30 -3.66
N GLY B 110 -47.94 -11.61 -4.75
CA GLY B 110 -48.35 -10.23 -4.89
C GLY B 110 -47.42 -9.18 -4.29
N HIS B 111 -46.37 -9.62 -3.62
CA HIS B 111 -45.45 -8.71 -2.95
C HIS B 111 -44.21 -8.45 -3.82
N VAL B 112 -43.72 -7.22 -3.77
CA VAL B 112 -42.50 -6.93 -4.50
C VAL B 112 -41.36 -7.60 -3.73
N VAL B 113 -40.29 -7.90 -4.45
CA VAL B 113 -39.10 -8.54 -3.86
C VAL B 113 -37.88 -7.69 -4.24
N CYS B 114 -37.05 -7.36 -3.26
CA CYS B 114 -35.83 -6.60 -3.53
C CYS B 114 -34.74 -7.60 -3.23
N SER B 115 -33.92 -7.93 -4.23
CA SER B 115 -32.87 -8.94 -4.06
C SER B 115 -31.63 -8.62 -4.92
N TYR B 116 -30.68 -9.54 -4.97
CA TYR B 116 -29.52 -9.32 -5.82
C TYR B 116 -29.13 -10.65 -6.43
N ALA B 117 -28.46 -10.60 -7.59
CA ALA B 117 -28.03 -11.83 -8.23
C ALA B 117 -26.71 -11.61 -8.96
N PRO B 118 -25.94 -12.70 -9.15
CA PRO B 118 -24.65 -12.70 -9.85
C PRO B 118 -24.97 -12.26 -11.28
N LEU B 119 -24.06 -11.48 -11.89
CA LEU B 119 -24.20 -10.96 -13.24
C LEU B 119 -23.16 -11.58 -14.16
N MSE B 120 -23.60 -12.03 -15.32
CA MSE B 120 -22.69 -12.63 -16.31
C MSE B 120 -22.98 -11.99 -17.65
O MSE B 120 -24.01 -11.35 -17.83
CB MSE B 120 -22.94 -14.13 -16.40
CG MSE B 120 -22.86 -14.78 -15.06
SE MSE B 120 -22.86 -16.71 -15.16
CE MSE B 120 -22.55 -17.03 -13.25
N SER B 121 -22.08 -12.20 -18.62
CA SER B 121 -22.29 -11.60 -19.92
C SER B 121 -21.48 -12.26 -21.02
N ASP B 122 -21.95 -12.05 -22.24
CA ASP B 122 -21.28 -12.56 -23.44
C ASP B 122 -21.49 -11.45 -24.44
N GLY B 123 -20.42 -10.72 -24.75
CA GLY B 123 -20.55 -9.63 -25.69
C GLY B 123 -21.38 -8.53 -25.04
N LYS B 124 -22.44 -8.11 -25.72
CA LYS B 124 -23.33 -7.06 -25.20
C LYS B 124 -24.52 -7.65 -24.45
N GLN B 125 -24.58 -8.97 -24.35
CA GLN B 125 -25.67 -9.62 -23.66
C GLN B 125 -25.36 -9.88 -22.19
N TYR B 126 -26.23 -9.38 -21.31
CA TYR B 126 -26.08 -9.58 -19.87
C TYR B 126 -27.09 -10.64 -19.39
N TYR B 127 -26.75 -11.30 -18.30
CA TYR B 127 -27.58 -12.36 -17.73
C TYR B 127 -27.40 -12.34 -16.21
N ILE B 128 -28.32 -13.02 -15.51
CA ILE B 128 -28.19 -13.23 -14.08
C ILE B 128 -28.24 -14.74 -13.92
N TYR B 129 -27.69 -15.25 -12.83
CA TYR B 129 -27.67 -16.69 -12.56
C TYR B 129 -28.35 -16.83 -11.21
N VAL B 130 -29.53 -17.46 -11.19
CA VAL B 130 -30.31 -17.57 -9.94
C VAL B 130 -30.88 -18.96 -9.66
N SER B 131 -31.20 -19.19 -8.40
CA SER B 131 -31.74 -20.48 -7.96
C SER B 131 -33.24 -20.49 -7.68
N GLU B 132 -33.87 -21.63 -7.98
CA GLU B 132 -35.28 -21.79 -7.73
C GLU B 132 -35.55 -21.71 -6.23
N VAL B 133 -34.52 -21.91 -5.41
CA VAL B 133 -34.69 -21.85 -3.96
C VAL B 133 -34.91 -20.40 -3.46
N ALA B 134 -34.44 -19.43 -4.25
CA ALA B 134 -34.53 -18.01 -3.87
C ALA B 134 -35.88 -17.40 -4.22
N GLU B 135 -36.30 -16.46 -3.37
CA GLU B 135 -37.60 -15.78 -3.51
C GLU B 135 -37.76 -15.01 -4.81
N HIS B 136 -36.67 -14.52 -5.39
CA HIS B 136 -36.81 -13.80 -6.65
C HIS B 136 -37.09 -14.73 -7.83
N PHE B 137 -36.86 -16.02 -7.67
CA PHE B 137 -37.08 -16.93 -8.79
C PHE B 137 -38.53 -16.96 -9.25
N ALA B 138 -39.46 -17.10 -8.31
CA ALA B 138 -40.89 -17.17 -8.62
C ALA B 138 -41.37 -15.97 -9.43
N GLY B 139 -40.84 -14.80 -9.09
CA GLY B 139 -41.19 -13.59 -9.83
C GLY B 139 -40.57 -13.56 -11.22
N LEU B 140 -39.33 -14.03 -11.34
CA LEU B 140 -38.67 -14.06 -12.64
C LEU B 140 -39.37 -15.05 -13.57
N LYS B 141 -39.92 -16.10 -13.00
CA LYS B 141 -40.61 -17.12 -13.79
C LYS B 141 -42.03 -16.71 -14.18
N ASN B 142 -42.81 -16.27 -13.20
CA ASN B 142 -44.21 -15.89 -13.38
C ASN B 142 -44.46 -14.48 -13.91
N ASN B 143 -43.58 -13.53 -13.61
CA ASN B 143 -43.72 -12.14 -14.11
C ASN B 143 -42.39 -11.73 -14.75
N PRO B 144 -41.95 -12.47 -15.79
CA PRO B 144 -40.70 -12.23 -16.51
C PRO B 144 -40.50 -10.88 -17.14
N HIS B 145 -41.59 -10.16 -17.42
CA HIS B 145 -41.48 -8.84 -18.02
C HIS B 145 -41.82 -7.70 -17.07
N ASN B 146 -41.87 -8.01 -15.78
CA ASN B 146 -42.11 -6.96 -14.77
C ASN B 146 -40.90 -7.06 -13.83
N VAL B 147 -39.76 -6.56 -14.32
CA VAL B 147 -38.51 -6.65 -13.58
C VAL B 147 -37.70 -5.38 -13.78
N GLU B 148 -37.00 -4.95 -12.75
CA GLU B 148 -36.10 -3.82 -12.89
C GLU B 148 -34.75 -4.25 -12.35
N VAL B 149 -33.71 -3.96 -13.14
CA VAL B 149 -32.34 -4.30 -12.78
C VAL B 149 -31.58 -3.04 -12.43
N MSE B 150 -30.84 -3.08 -11.32
CA MSE B 150 -30.04 -1.94 -10.92
C MSE B 150 -28.57 -2.26 -10.66
O MSE B 150 -28.22 -3.19 -9.91
CB MSE B 150 -30.63 -1.26 -9.65
CG MSE B 150 -29.76 -0.10 -9.14
SE MSE B 150 -30.45 0.80 -7.57
CE MSE B 150 -30.52 -0.73 -6.36
N PHE B 151 -27.70 -1.47 -11.30
CA PHE B 151 -26.27 -1.55 -11.11
C PHE B 151 -26.09 -0.43 -10.09
N LEU B 152 -25.66 -0.76 -8.88
CA LEU B 152 -25.51 0.27 -7.85
C LEU B 152 -24.11 0.30 -7.31
N GLU B 153 -23.49 1.48 -7.32
CA GLU B 153 -22.13 1.63 -6.83
C GLU B 153 -22.03 1.29 -5.34
N ASP B 154 -20.94 0.63 -4.95
CA ASP B 154 -20.74 0.28 -3.54
C ASP B 154 -20.76 1.54 -2.69
N GLU B 155 -21.39 1.44 -1.51
CA GLU B 155 -21.49 2.57 -0.62
C GLU B 155 -20.10 3.03 -0.23
N SER B 156 -19.18 2.08 -0.02
CA SER B 156 -17.81 2.42 0.38
C SER B 156 -16.98 3.07 -0.74
N LYS B 157 -17.47 3.00 -1.98
CA LYS B 157 -16.77 3.61 -3.11
C LYS B 157 -17.42 4.91 -3.58
N ALA B 158 -18.66 5.13 -3.17
CA ALA B 158 -19.44 6.32 -3.55
C ALA B 158 -19.02 7.66 -2.92
N LYS B 159 -19.40 8.75 -3.58
CA LYS B 159 -19.07 10.07 -3.04
C LYS B 159 -19.71 10.27 -1.65
N SER B 160 -20.93 9.78 -1.47
CA SER B 160 -21.61 9.89 -0.18
C SER B 160 -22.79 8.94 -0.20
N ALA B 161 -23.46 8.84 0.93
CA ALA B 161 -24.61 7.96 1.04
C ALA B 161 -25.76 8.47 0.18
N ILE B 162 -25.79 9.77 -0.11
CA ILE B 162 -26.91 10.26 -0.92
C ILE B 162 -26.61 10.32 -2.42
N LEU B 163 -25.37 9.98 -2.77
CA LEU B 163 -24.98 9.95 -4.17
C LEU B 163 -24.21 8.68 -4.51
N ARG B 164 -24.90 7.54 -4.51
CA ARG B 164 -24.24 6.33 -4.99
C ARG B 164 -24.62 6.34 -6.47
N LYS B 165 -23.66 6.19 -7.39
CA LYS B 165 -24.03 6.18 -8.81
C LYS B 165 -24.88 4.94 -9.05
N ARG B 166 -25.88 5.07 -9.92
CA ARG B 166 -26.74 3.93 -10.19
C ARG B 166 -27.23 3.96 -11.62
N LEU B 167 -27.45 2.77 -12.16
CA LEU B 167 -27.95 2.58 -13.52
C LEU B 167 -29.09 1.56 -13.41
N ARG B 168 -30.29 1.97 -13.79
CA ARG B 168 -31.46 1.12 -13.67
C ARG B 168 -32.17 0.92 -14.99
N TYR B 169 -32.60 -0.30 -15.27
CA TYR B 169 -33.32 -0.60 -16.51
C TYR B 169 -34.58 -1.41 -16.27
N LYS B 170 -35.67 -1.00 -16.90
CA LYS B 170 -36.90 -1.79 -16.87
C LYS B 170 -36.39 -2.94 -17.75
N THR B 171 -36.65 -4.18 -17.37
CA THR B 171 -36.07 -5.30 -18.08
C THR B 171 -37.04 -6.44 -18.40
N ASN B 172 -36.84 -7.05 -19.57
CA ASN B 172 -37.63 -8.21 -19.95
C ASN B 172 -36.65 -9.38 -19.78
N THR B 173 -37.09 -10.42 -19.10
CA THR B 173 -36.19 -11.54 -18.88
C THR B 173 -36.67 -12.81 -19.60
N ARG B 174 -35.73 -13.72 -19.83
CA ARG B 174 -36.02 -15.00 -20.46
C ARG B 174 -34.97 -16.02 -20.07
N PHE B 175 -35.39 -17.28 -19.93
CA PHE B 175 -34.50 -18.36 -19.52
C PHE B 175 -33.59 -18.86 -20.63
N ILE B 176 -32.38 -19.21 -20.25
CA ILE B 176 -31.40 -19.75 -21.20
C ILE B 176 -31.18 -21.20 -20.79
N GLU B 177 -31.36 -22.13 -21.73
CA GLU B 177 -31.16 -23.53 -21.41
C GLU B 177 -29.66 -23.81 -21.32
N ARG B 178 -29.32 -24.94 -20.72
CA ARG B 178 -27.92 -25.33 -20.59
C ARG B 178 -27.40 -25.56 -22.02
N GLY B 179 -26.12 -25.32 -22.27
CA GLY B 179 -25.60 -25.51 -23.62
C GLY B 179 -24.48 -24.55 -23.95
N ALA B 180 -24.29 -24.30 -25.24
CA ALA B 180 -23.23 -23.42 -25.72
C ALA B 180 -23.27 -22.00 -25.18
N GLU B 181 -24.43 -21.35 -25.29
CA GLU B 181 -24.58 -19.98 -24.82
C GLU B 181 -24.27 -19.93 -23.32
N PHE B 182 -24.85 -20.87 -22.58
CA PHE B 182 -24.65 -20.97 -21.14
C PHE B 182 -23.13 -21.07 -20.82
N ASP B 183 -22.46 -22.05 -21.42
CA ASP B 183 -21.03 -22.21 -21.14
C ASP B 183 -20.17 -21.00 -21.47
N LYS B 184 -20.50 -20.29 -22.54
CA LYS B 184 -19.71 -19.12 -22.92
C LYS B 184 -19.83 -18.03 -21.84
N ALA B 185 -21.05 -17.79 -21.39
CA ALA B 185 -21.28 -16.80 -20.33
C ALA B 185 -20.59 -17.23 -19.02
N PHE B 186 -20.79 -18.48 -18.62
CA PHE B 186 -20.19 -18.96 -17.38
C PHE B 186 -18.66 -19.02 -17.41
N ASP B 187 -18.07 -19.49 -18.53
CA ASP B 187 -16.61 -19.53 -18.61
C ASP B 187 -16.08 -18.13 -18.48
N SER B 188 -16.76 -17.18 -19.11
CA SER B 188 -16.34 -15.80 -19.04
C SER B 188 -16.38 -15.28 -17.58
N PHE B 189 -17.43 -15.67 -16.87
CA PHE B 189 -17.60 -15.26 -15.47
C PHE B 189 -16.45 -15.85 -14.64
N ILE B 190 -16.17 -17.14 -14.86
CA ILE B 190 -15.09 -17.79 -14.14
C ILE B 190 -13.76 -17.05 -14.40
N GLU B 191 -13.49 -16.73 -15.66
CA GLU B 191 -12.23 -16.05 -15.99
C GLU B 191 -12.12 -14.68 -15.30
N LYS B 192 -13.18 -13.89 -15.40
CA LYS B 192 -13.18 -12.56 -14.80
C LYS B 192 -13.06 -12.55 -13.28
N THR B 193 -13.88 -13.36 -12.61
CA THR B 193 -13.89 -13.41 -11.15
C THR B 193 -12.74 -14.18 -10.55
N GLY B 194 -12.18 -15.12 -11.32
CA GLY B 194 -11.11 -15.94 -10.78
C GLY B 194 -11.69 -17.32 -10.48
N GLY B 195 -13.02 -17.41 -10.44
CA GLY B 195 -13.72 -18.69 -10.22
C GLY B 195 -13.70 -19.41 -8.89
N ALA B 196 -13.23 -18.76 -7.83
CA ALA B 196 -13.19 -19.39 -6.52
C ALA B 196 -14.47 -19.02 -5.75
N GLY B 197 -14.58 -19.53 -4.52
CA GLY B 197 -15.71 -19.17 -3.66
C GLY B 197 -17.06 -19.84 -3.80
N GLY B 198 -17.15 -20.92 -4.56
CA GLY B 198 -18.43 -21.60 -4.70
C GLY B 198 -19.03 -21.48 -6.07
N ILE B 199 -18.42 -20.64 -6.91
CA ILE B 199 -18.89 -20.44 -8.27
C ILE B 199 -18.91 -21.74 -9.05
N LYS B 200 -17.87 -22.55 -8.87
CA LYS B 200 -17.77 -23.84 -9.55
C LYS B 200 -18.85 -24.81 -9.07
N THR B 201 -19.19 -24.71 -7.78
CA THR B 201 -20.24 -25.57 -7.23
C THR B 201 -21.59 -25.21 -7.81
N ILE B 202 -21.95 -23.92 -7.82
CA ILE B 202 -23.27 -23.58 -8.33
C ILE B 202 -23.45 -23.79 -9.82
N ARG B 203 -22.36 -23.85 -10.57
CA ARG B 203 -22.50 -24.10 -11.99
C ARG B 203 -23.16 -25.47 -12.19
N ALA B 204 -22.86 -26.42 -11.30
CA ALA B 204 -23.40 -27.79 -11.41
C ALA B 204 -24.74 -28.02 -10.74
N MSE B 205 -25.24 -27.01 -10.02
CA MSE B 205 -26.53 -27.15 -9.33
C MSE B 205 -27.65 -26.86 -10.32
O MSE B 205 -27.82 -25.72 -10.76
CB MSE B 205 -26.58 -26.22 -8.13
CG MSE B 205 -25.55 -26.59 -7.09
SE MSE B 205 -25.48 -25.39 -5.59
CE MSE B 205 -24.96 -26.59 -4.18
N GLN B 206 -28.40 -27.90 -10.67
CA GLN B 206 -29.46 -27.78 -11.66
C GLN B 206 -30.65 -26.91 -11.31
N ASP B 207 -30.77 -26.51 -10.05
CA ASP B 207 -31.87 -25.62 -9.64
C ASP B 207 -31.49 -24.18 -10.00
N PHE B 208 -30.26 -23.97 -10.46
CA PHE B 208 -29.84 -22.62 -10.87
C PHE B 208 -30.10 -22.46 -12.36
N HIS B 209 -30.52 -21.25 -12.76
CA HIS B 209 -30.81 -20.96 -14.16
C HIS B 209 -30.14 -19.67 -14.61
N LEU B 210 -29.65 -19.66 -15.85
CA LEU B 210 -29.06 -18.46 -16.41
C LEU B 210 -30.26 -17.79 -17.08
N ILE B 211 -30.41 -16.49 -16.81
CA ILE B 211 -31.52 -15.74 -17.34
C ILE B 211 -30.99 -14.52 -18.05
N ALA B 212 -31.32 -14.39 -19.34
CA ALA B 212 -30.87 -13.24 -20.12
C ALA B 212 -31.67 -12.00 -19.74
N LEU B 213 -30.99 -10.85 -19.76
CA LEU B 213 -31.62 -9.59 -19.43
C LEU B 213 -31.73 -8.77 -20.72
N ASP B 214 -32.96 -8.44 -21.12
CA ASP B 214 -33.14 -7.58 -22.29
C ASP B 214 -33.59 -6.21 -21.76
N PHE B 215 -32.65 -5.26 -21.68
CA PHE B 215 -32.96 -3.92 -21.17
C PHE B 215 -33.84 -3.06 -22.06
N LYS B 216 -34.77 -2.34 -21.44
CA LYS B 216 -35.65 -1.41 -22.15
C LYS B 216 -35.28 -0.02 -21.62
N GLU B 217 -36.23 0.74 -21.07
CA GLU B 217 -35.90 2.06 -20.56
C GLU B 217 -34.87 2.05 -19.42
N GLY B 218 -33.90 2.97 -19.49
CA GLY B 218 -32.89 3.06 -18.45
C GLY B 218 -32.78 4.46 -17.86
N ARG B 219 -32.26 4.55 -16.65
CA ARG B 219 -32.06 5.83 -15.97
C ARG B 219 -30.67 5.71 -15.34
N PHE B 220 -29.79 6.67 -15.64
CA PHE B 220 -28.42 6.70 -15.12
C PHE B 220 -28.27 7.95 -14.29
N VAL B 221 -27.72 7.82 -13.07
CA VAL B 221 -27.49 9.01 -12.26
C VAL B 221 -26.03 8.93 -11.83
N LYS B 222 -25.24 9.95 -12.18
CA LYS B 222 -23.82 9.97 -11.86
C LYS B 222 -23.40 11.17 -11.01
N GLY B 223 -24.32 12.10 -10.81
CA GLY B 223 -24.01 13.28 -10.01
C GLY B 223 -25.25 14.12 -9.79
N PHE B 224 -25.17 15.13 -8.93
CA PHE B 224 -26.33 15.98 -8.68
C PHE B 224 -26.64 16.75 -9.97
N GLY B 225 -27.89 16.71 -10.38
CA GLY B 225 -28.23 17.39 -11.61
C GLY B 225 -27.60 16.74 -12.81
N GLN B 226 -27.21 15.46 -12.66
CA GLN B 226 -26.63 14.73 -13.77
C GLN B 226 -27.30 13.36 -13.90
N ALA B 227 -28.58 13.40 -14.28
CA ALA B 227 -29.41 12.22 -14.48
C ALA B 227 -29.72 12.10 -15.97
N TYR B 228 -29.78 10.87 -16.47
CA TYR B 228 -30.03 10.63 -17.89
C TYR B 228 -31.01 9.51 -18.16
N ASP B 229 -31.80 9.67 -19.23
CA ASP B 229 -32.74 8.64 -19.67
C ASP B 229 -32.07 7.91 -20.83
N ILE B 230 -32.26 6.60 -20.88
CA ILE B 230 -31.65 5.78 -21.91
C ILE B 230 -32.68 4.86 -22.57
N LEU B 231 -32.50 4.60 -23.86
CA LEU B 231 -33.36 3.67 -24.57
C LEU B 231 -32.59 3.26 -25.80
N GLY B 232 -32.23 1.98 -25.87
CA GLY B 232 -31.46 1.51 -27.00
C GLY B 232 -30.14 2.24 -26.96
N ASP B 233 -29.76 2.86 -28.08
CA ASP B 233 -28.50 3.57 -28.14
C ASP B 233 -28.66 5.09 -27.97
N LYS B 234 -29.86 5.51 -27.57
CA LYS B 234 -30.13 6.93 -27.38
C LYS B 234 -30.02 7.27 -25.89
N ILE B 235 -29.45 8.44 -25.60
CA ILE B 235 -29.33 8.88 -24.22
C ILE B 235 -29.60 10.36 -24.18
N ALA B 236 -30.38 10.79 -23.20
CA ALA B 236 -30.72 12.20 -23.08
C ALA B 236 -30.63 12.66 -21.63
N TYR B 237 -30.17 13.90 -21.47
CA TYR B 237 -30.05 14.51 -20.15
C TYR B 237 -31.48 14.82 -19.69
N VAL B 238 -31.75 14.63 -18.41
CA VAL B 238 -33.08 14.85 -17.86
C VAL B 238 -33.38 16.25 -17.33
N GLY B 239 -32.35 17.08 -17.10
CA GLY B 239 -32.63 18.38 -16.53
C GLY B 239 -32.34 19.66 -17.28
N ASP B 240 -32.92 19.82 -18.46
CA ASP B 240 -32.70 21.05 -19.21
C ASP B 240 -33.37 22.21 -18.48
N LYS B 241 -34.43 21.90 -17.73
CA LYS B 241 -35.17 22.91 -16.97
C LYS B 241 -34.49 23.33 -15.66
N GLY B 242 -33.40 22.66 -15.31
CA GLY B 242 -32.70 23.00 -14.09
C GLY B 242 -33.28 22.34 -12.84
N ASN B 243 -32.68 22.65 -11.70
CA ASN B 243 -33.10 22.11 -10.39
C ASN B 243 -34.60 21.94 -10.29
N PRO B 244 -35.10 20.69 -10.16
CA PRO B 244 -36.53 20.44 -10.07
C PRO B 244 -36.98 20.31 -8.62
N HIS B 245 -36.00 20.25 -7.71
CA HIS B 245 -36.28 20.14 -6.29
C HIS B 245 -36.93 21.43 -5.76
N ASN B 246 -37.50 21.36 -4.56
CA ASN B 246 -38.18 22.51 -3.96
C ASN B 246 -39.37 22.94 -4.79
N PHE B 247 -39.97 21.99 -5.51
CA PHE B 247 -41.15 22.26 -6.33
C PHE B 247 -40.88 23.36 -7.36
N ALA B 248 -39.73 23.29 -8.01
CA ALA B 248 -39.36 24.28 -9.01
C ALA B 248 -40.31 24.19 -10.22
N LEU C 2 -7.77 -21.30 -21.88
CA LEU C 2 -6.81 -21.31 -23.02
C LEU C 2 -7.51 -21.76 -24.31
N ASN C 3 -8.32 -22.82 -24.22
CA ASN C 3 -9.04 -23.30 -25.38
C ASN C 3 -10.00 -22.21 -25.86
N ARG C 4 -10.54 -21.44 -24.90
CA ARG C 4 -11.46 -20.35 -25.23
C ARG C 4 -10.71 -19.21 -25.93
N ILE C 5 -9.42 -19.10 -25.65
CA ILE C 5 -8.59 -18.07 -26.26
C ILE C 5 -8.31 -18.42 -27.73
N ILE C 6 -7.91 -19.66 -27.97
CA ILE C 6 -7.64 -20.12 -29.33
C ILE C 6 -8.90 -19.96 -30.17
N GLU C 7 -10.02 -20.37 -29.57
CA GLU C 7 -11.33 -20.28 -30.19
C GLU C 7 -11.67 -18.83 -30.52
N HIS C 8 -11.50 -17.95 -29.54
CA HIS C 8 -11.81 -16.54 -29.73
C HIS C 8 -10.95 -15.91 -30.83
N MSE C 9 -9.65 -16.17 -30.81
CA MSE C 9 -8.73 -15.61 -31.79
C MSE C 9 -8.99 -16.12 -33.21
O MSE C 9 -8.93 -15.36 -34.17
CB MSE C 9 -7.28 -15.88 -31.39
CG MSE C 9 -6.89 -15.31 -30.04
SE MSE C 9 -7.45 -13.46 -29.82
CE MSE C 9 -8.06 -13.57 -27.98
N ASN C 10 -9.26 -17.41 -33.33
CA ASN C 10 -9.52 -17.99 -34.64
C ASN C 10 -10.86 -17.51 -35.22
N ALA C 11 -11.76 -17.10 -34.34
CA ALA C 11 -13.08 -16.64 -34.77
C ALA C 11 -13.16 -15.15 -35.07
N HIS C 12 -12.35 -14.35 -34.40
CA HIS C 12 -12.44 -12.91 -34.64
C HIS C 12 -11.16 -12.19 -34.98
N HIS C 13 -10.03 -12.90 -35.02
CA HIS C 13 -8.76 -12.25 -35.31
C HIS C 13 -7.85 -12.92 -36.33
N VAL C 14 -8.42 -13.68 -37.25
CA VAL C 14 -7.60 -14.36 -38.26
C VAL C 14 -6.88 -13.34 -39.14
N GLU C 15 -7.59 -12.28 -39.50
CA GLU C 15 -7.01 -11.23 -40.32
C GLU C 15 -5.86 -10.56 -39.58
N ASP C 16 -6.08 -10.24 -38.30
CA ASP C 16 -5.03 -9.61 -37.50
C ASP C 16 -3.83 -10.55 -37.37
N MSE C 17 -4.07 -11.84 -37.18
CA MSE C 17 -2.95 -12.76 -37.07
C MSE C 17 -2.13 -12.78 -38.36
O MSE C 17 -0.92 -12.89 -38.30
CB MSE C 17 -3.44 -14.17 -36.72
CG MSE C 17 -3.97 -14.27 -35.32
SE MSE C 17 -4.20 -16.14 -34.78
CE MSE C 17 -5.97 -16.43 -35.56
N LYS C 18 -2.77 -12.68 -39.51
CA LYS C 18 -2.02 -12.66 -40.77
C LYS C 18 -1.26 -11.34 -40.81
N GLY C 19 -1.86 -10.30 -40.22
CA GLY C 19 -1.22 -9.01 -40.19
C GLY C 19 0.03 -9.08 -39.31
N LEU C 20 -0.07 -9.80 -38.19
CA LEU C 20 1.06 -9.96 -37.27
C LEU C 20 2.17 -10.76 -37.93
N LEU C 21 1.79 -11.83 -38.64
CA LEU C 21 2.79 -12.66 -39.32
C LEU C 21 3.61 -11.83 -40.28
N LYS C 22 2.91 -10.99 -41.04
CA LYS C 22 3.53 -10.12 -42.04
C LYS C 22 4.41 -9.06 -41.40
N LYS C 23 3.82 -8.32 -40.48
CA LYS C 23 4.53 -7.23 -39.82
C LYS C 23 5.76 -7.65 -39.02
N PHE C 24 5.60 -8.60 -38.12
CA PHE C 24 6.71 -9.04 -37.29
C PHE C 24 7.55 -10.20 -37.78
N GLY C 25 6.96 -11.06 -38.60
CA GLY C 25 7.72 -12.20 -39.08
C GLY C 25 8.15 -12.12 -40.53
N GLN C 26 7.66 -11.11 -41.24
CA GLN C 26 7.93 -10.95 -42.66
C GLN C 26 7.49 -12.23 -43.37
N VAL C 27 6.36 -12.76 -42.92
CA VAL C 27 5.76 -13.96 -43.50
C VAL C 27 4.55 -13.41 -44.28
N HIS C 28 4.62 -13.46 -45.61
CA HIS C 28 3.57 -12.89 -46.45
C HIS C 28 2.56 -13.79 -47.13
N HIS C 29 2.88 -15.05 -47.31
CA HIS C 29 1.96 -15.93 -48.00
C HIS C 29 1.65 -17.17 -47.17
N ALA C 30 1.40 -16.96 -45.89
CA ALA C 30 1.08 -18.06 -45.00
C ALA C 30 -0.38 -18.47 -45.13
N GLU C 31 -0.62 -19.77 -45.04
CA GLU C 31 -1.98 -20.27 -45.07
C GLU C 31 -2.11 -21.10 -43.81
N ASN C 32 -3.29 -21.64 -43.58
CA ASN C 32 -3.52 -22.46 -42.41
C ASN C 32 -3.12 -21.73 -41.13
N VAL C 33 -3.41 -20.42 -41.10
CA VAL C 33 -3.10 -19.56 -39.96
C VAL C 33 -4.06 -19.82 -38.79
N ALA C 34 -3.50 -20.07 -37.61
CA ALA C 34 -4.32 -20.34 -36.45
C ALA C 34 -3.59 -19.96 -35.18
N PHE C 35 -4.34 -19.53 -34.17
CA PHE C 35 -3.69 -19.19 -32.91
C PHE C 35 -3.26 -20.51 -32.27
N LYS C 36 -2.00 -20.58 -31.85
CA LYS C 36 -1.46 -21.79 -31.25
C LYS C 36 -1.39 -21.73 -29.72
N SER C 37 -0.81 -20.66 -29.18
CA SER C 37 -0.72 -20.54 -27.72
C SER C 37 -0.35 -19.16 -27.22
N VAL C 38 -0.51 -18.98 -25.92
CA VAL C 38 -0.18 -17.72 -25.27
C VAL C 38 0.43 -18.05 -23.92
N ASP C 39 1.46 -17.30 -23.52
CA ASP C 39 2.09 -17.49 -22.21
C ASP C 39 2.31 -16.09 -21.64
N SER C 40 2.94 -16.00 -20.47
CA SER C 40 3.14 -14.70 -19.84
C SER C 40 3.98 -13.70 -20.65
N GLN C 41 4.76 -14.19 -21.61
CA GLN C 41 5.63 -13.30 -22.39
C GLN C 41 5.29 -13.10 -23.88
N GLY C 42 4.33 -13.88 -24.39
CA GLY C 42 3.98 -13.72 -25.80
C GLY C 42 3.01 -14.76 -26.33
N ILE C 43 2.83 -14.75 -27.65
CA ILE C 43 1.92 -15.69 -28.30
C ILE C 43 2.65 -16.43 -29.41
N VAL C 44 2.03 -17.51 -29.89
CA VAL C 44 2.59 -18.28 -30.98
C VAL C 44 1.48 -18.47 -31.99
N ILE C 45 1.77 -18.15 -33.24
CA ILE C 45 0.79 -18.30 -34.32
C ILE C 45 1.31 -19.42 -35.19
N GLY C 46 0.45 -20.37 -35.50
CA GLY C 46 0.88 -21.46 -36.34
C GLY C 46 0.49 -21.14 -37.76
N TYR C 47 1.29 -21.60 -38.72
CA TYR C 47 0.98 -21.36 -40.11
C TYR C 47 1.58 -22.45 -40.98
N ASN C 48 1.03 -22.57 -42.18
CA ASN C 48 1.46 -23.60 -43.13
C ASN C 48 1.31 -24.98 -42.50
N ASN C 49 2.10 -25.95 -42.92
CA ASN C 49 1.95 -27.30 -42.36
C ASN C 49 2.37 -27.50 -40.91
N ASN C 50 3.52 -26.92 -40.59
CA ASN C 50 4.09 -27.14 -39.27
C ASN C 50 5.00 -25.99 -38.85
N GLN C 51 4.71 -24.77 -39.25
CA GLN C 51 5.60 -23.66 -38.85
C GLN C 51 4.93 -22.79 -37.80
N THR C 52 5.75 -22.00 -37.09
CA THR C 52 5.23 -21.08 -36.11
C THR C 52 6.10 -19.83 -36.07
N LEU C 53 5.50 -18.77 -35.56
CA LEU C 53 6.15 -17.48 -35.35
C LEU C 53 5.76 -17.07 -33.95
N ARG C 54 6.73 -16.83 -33.09
CA ARG C 54 6.43 -16.36 -31.73
C ARG C 54 6.54 -14.84 -31.74
N ILE C 55 5.58 -14.17 -31.10
CA ILE C 55 5.62 -12.71 -31.01
C ILE C 55 5.51 -12.36 -29.52
N GLU C 56 6.54 -11.74 -28.97
CA GLU C 56 6.52 -11.35 -27.55
C GLU C 56 5.66 -10.13 -27.24
N PHE C 57 5.04 -10.12 -26.06
CA PHE C 57 4.24 -8.97 -25.63
C PHE C 57 5.29 -7.93 -25.24
N ASN C 58 4.91 -6.66 -25.06
CA ASN C 58 5.91 -5.65 -24.67
C ASN C 58 6.16 -5.57 -23.17
N HIS C 59 5.56 -6.51 -22.43
CA HIS C 59 5.73 -6.60 -20.99
C HIS C 59 5.27 -8.01 -20.62
N GLU C 60 5.50 -8.42 -19.38
CA GLU C 60 5.09 -9.73 -18.96
C GLU C 60 3.69 -9.68 -18.32
N VAL C 61 2.79 -10.53 -18.81
CA VAL C 61 1.42 -10.59 -18.28
C VAL C 61 1.55 -11.57 -17.12
N LYS C 62 1.51 -11.04 -15.91
CA LYS C 62 1.68 -11.85 -14.72
C LYS C 62 0.47 -12.66 -14.26
N ASP C 63 -0.71 -12.32 -14.76
CA ASP C 63 -1.91 -13.06 -14.38
C ASP C 63 -2.57 -13.66 -15.61
N PRO C 64 -2.68 -14.99 -15.67
CA PRO C 64 -3.30 -15.67 -16.81
C PRO C 64 -4.68 -15.16 -17.20
N LYS C 65 -5.42 -14.58 -16.24
CA LYS C 65 -6.75 -14.08 -16.55
C LYS C 65 -6.65 -12.91 -17.50
N ASP C 66 -5.43 -12.43 -17.70
CA ASP C 66 -5.20 -11.29 -18.58
C ASP C 66 -4.65 -11.63 -19.98
N TYR C 67 -4.21 -12.87 -20.17
CA TYR C 67 -3.66 -13.29 -21.47
C TYR C 67 -4.58 -12.96 -22.63
N LYS C 68 -5.86 -13.28 -22.48
CA LYS C 68 -6.80 -13.03 -23.56
C LYS C 68 -6.79 -11.56 -23.99
N ASN C 69 -6.84 -10.64 -23.03
CA ASN C 69 -6.85 -9.23 -23.39
C ASN C 69 -5.55 -8.71 -23.94
N ALA C 70 -4.44 -9.27 -23.48
CA ALA C 70 -3.12 -8.87 -23.96
C ALA C 70 -3.00 -9.33 -25.41
N THR C 71 -3.48 -10.54 -25.68
CA THR C 71 -3.43 -11.11 -27.02
C THR C 71 -4.27 -10.26 -27.96
N ILE C 72 -5.46 -9.88 -27.51
CA ILE C 72 -6.36 -9.05 -28.31
C ILE C 72 -5.66 -7.71 -28.57
N GLU C 73 -5.01 -7.17 -27.54
CA GLU C 73 -4.29 -5.91 -27.66
C GLU C 73 -3.24 -6.03 -28.76
N LEU C 74 -2.46 -7.10 -28.70
CA LEU C 74 -1.42 -7.31 -29.70
C LEU C 74 -2.02 -7.39 -31.13
N CYS C 75 -3.14 -8.08 -31.26
CA CYS C 75 -3.81 -8.19 -32.56
C CYS C 75 -4.31 -6.84 -33.07
N GLN C 76 -5.06 -6.13 -32.24
CA GLN C 76 -5.59 -4.83 -32.66
C GLN C 76 -4.50 -3.78 -32.91
N SER C 77 -3.28 -4.03 -32.42
CA SER C 77 -2.18 -3.08 -32.62
C SER C 77 -1.82 -2.95 -34.08
N VAL C 78 -2.16 -3.94 -34.89
CA VAL C 78 -1.85 -3.87 -36.31
C VAL C 78 -2.59 -2.70 -36.97
N GLU C 79 -3.90 -2.64 -36.78
CA GLU C 79 -4.71 -1.56 -37.35
C GLU C 79 -4.53 -0.25 -36.58
N LYS C 80 -4.41 -0.33 -35.25
CA LYS C 80 -4.25 0.87 -34.47
C LYS C 80 -3.00 1.67 -34.83
N THR C 81 -2.01 0.98 -35.39
CA THR C 81 -0.76 1.63 -35.81
C THR C 81 -1.04 2.72 -36.84
N HIS C 82 -2.04 2.50 -37.68
CA HIS C 82 -2.36 3.45 -38.74
C HIS C 82 -3.26 4.63 -38.39
N ASP C 83 -3.79 4.67 -37.18
CA ASP C 83 -4.66 5.75 -36.75
C ASP C 83 -3.82 7.00 -36.49
N LEU C 84 -3.51 7.73 -37.54
CA LEU C 84 -2.68 8.94 -37.40
C LEU C 84 -3.29 10.08 -36.57
N LYS C 85 -4.61 10.19 -36.52
CA LYS C 85 -5.23 11.25 -35.72
C LYS C 85 -5.02 10.91 -34.25
N GLY C 86 -5.17 9.63 -33.94
CA GLY C 86 -4.96 9.16 -32.58
C GLY C 86 -3.50 9.39 -32.18
N VAL C 87 -2.58 9.09 -33.10
CA VAL C 87 -1.16 9.29 -32.82
C VAL C 87 -0.86 10.77 -32.62
N GLU C 88 -1.41 11.60 -33.51
CA GLU C 88 -1.22 13.05 -33.42
C GLU C 88 -1.66 13.51 -32.03
N GLU C 89 -2.73 12.92 -31.51
CA GLU C 89 -3.23 13.28 -30.18
C GLU C 89 -2.33 12.70 -29.08
N GLU C 90 -1.84 11.49 -29.30
CA GLU C 90 -0.92 10.89 -28.31
C GLU C 90 0.32 11.75 -28.18
N VAL C 91 0.80 12.27 -29.30
CA VAL C 91 1.99 13.11 -29.29
C VAL C 91 1.76 14.38 -28.45
N LYS C 92 0.61 15.02 -28.67
CA LYS C 92 0.27 16.23 -27.94
C LYS C 92 0.22 15.97 -26.44
N ALA C 93 -0.49 14.91 -26.08
CA ALA C 93 -0.63 14.50 -24.69
C ALA C 93 0.71 14.10 -24.08
N PHE C 94 1.57 13.48 -24.89
CA PHE C 94 2.88 13.04 -24.40
C PHE C 94 3.69 14.24 -23.91
N LYS C 95 3.76 15.28 -24.75
CA LYS C 95 4.51 16.48 -24.40
C LYS C 95 3.96 17.18 -23.18
N GLU C 96 2.64 17.17 -23.05
CA GLU C 96 2.00 17.80 -21.91
C GLU C 96 2.28 17.04 -20.62
N GLY C 97 2.75 15.81 -20.74
CA GLY C 97 3.01 15.00 -19.56
C GLY C 97 4.38 15.19 -18.93
N PHE C 98 5.15 16.15 -19.44
CA PHE C 98 6.48 16.38 -18.88
C PHE C 98 6.73 17.82 -18.48
N ASP C 99 7.64 17.99 -17.53
CA ASP C 99 8.03 19.34 -17.14
C ASP C 99 9.54 19.50 -17.35
N SER C 100 10.13 18.59 -18.13
CA SER C 100 11.56 18.67 -18.44
C SER C 100 11.83 17.77 -19.66
N VAL C 101 12.95 18.01 -20.32
CA VAL C 101 13.31 17.24 -21.53
C VAL C 101 14.79 16.95 -21.52
N CYS C 102 15.23 16.03 -22.38
CA CYS C 102 16.64 15.70 -22.50
C CYS C 102 17.17 16.45 -23.71
N LEU C 103 18.45 16.78 -23.67
CA LEU C 103 19.08 17.52 -24.76
C LEU C 103 20.40 16.96 -25.23
N ALA C 104 20.67 17.17 -26.51
CA ALA C 104 21.97 16.85 -27.06
C ALA C 104 22.39 18.23 -27.62
N THR C 105 23.56 18.71 -27.26
CA THR C 105 24.08 19.99 -27.77
C THR C 105 25.54 19.76 -28.21
N LEU C 106 26.10 20.73 -28.92
CA LEU C 106 27.50 20.67 -29.37
C LEU C 106 28.28 21.78 -28.66
N HIS C 107 29.13 21.39 -27.72
CA HIS C 107 29.91 22.34 -26.92
C HIS C 107 31.03 22.95 -27.78
N PRO C 108 31.44 24.19 -27.46
CA PRO C 108 32.51 24.80 -28.25
C PRO C 108 33.81 24.00 -28.28
N ASN C 109 34.01 23.11 -27.31
CA ASN C 109 35.21 22.28 -27.30
C ASN C 109 35.09 21.13 -28.28
N GLY C 110 34.00 21.12 -29.05
CA GLY C 110 33.79 20.09 -30.06
C GLY C 110 33.15 18.79 -29.61
N HIS C 111 33.00 18.60 -28.31
CA HIS C 111 32.43 17.38 -27.77
C HIS C 111 30.91 17.50 -27.67
N VAL C 112 30.20 16.40 -27.88
CA VAL C 112 28.76 16.44 -27.76
C VAL C 112 28.46 16.50 -26.28
N VAL C 113 27.26 16.97 -25.94
CA VAL C 113 26.84 17.09 -24.55
C VAL C 113 25.44 16.50 -24.42
N CYS C 114 25.28 15.58 -23.46
CA CYS C 114 23.97 14.97 -23.22
C CYS C 114 23.54 15.50 -21.86
N SER C 115 22.44 16.23 -21.80
CA SER C 115 21.97 16.82 -20.56
C SER C 115 20.43 16.90 -20.53
N TYR C 116 19.92 17.59 -19.53
CA TYR C 116 18.49 17.77 -19.41
C TYR C 116 18.17 19.15 -18.90
N ALA C 117 16.96 19.62 -19.18
CA ALA C 117 16.56 20.92 -18.70
C ALA C 117 15.06 21.02 -18.46
N PRO C 118 14.66 21.94 -17.58
CA PRO C 118 13.25 22.18 -17.24
C PRO C 118 12.59 22.64 -18.54
N LEU C 119 11.36 22.18 -18.75
CA LEU C 119 10.56 22.51 -19.93
C LEU C 119 9.42 23.45 -19.57
N MSE C 120 9.23 24.51 -20.37
CA MSE C 120 8.12 25.44 -20.17
C MSE C 120 7.40 25.68 -21.49
O MSE C 120 7.89 25.33 -22.58
CB MSE C 120 8.62 26.77 -19.62
CG MSE C 120 9.38 26.57 -18.33
SE MSE C 120 9.89 28.23 -17.48
CE MSE C 120 10.87 27.38 -16.03
N SER C 121 6.21 26.27 -21.41
CA SER C 121 5.46 26.52 -22.62
C SER C 121 4.42 27.61 -22.52
N ASP C 122 4.07 28.10 -23.69
CA ASP C 122 3.02 29.10 -23.86
C ASP C 122 2.33 28.50 -25.06
N GLY C 123 1.31 27.69 -24.79
CA GLY C 123 0.58 27.03 -25.85
C GLY C 123 1.42 25.96 -26.54
N LYS C 124 1.49 26.07 -27.86
CA LYS C 124 2.24 25.12 -28.66
C LYS C 124 3.72 25.48 -28.63
N GLN C 125 4.04 26.67 -28.11
CA GLN C 125 5.44 27.10 -28.04
C GLN C 125 6.13 26.55 -26.80
N TYR C 126 7.24 25.85 -27.01
CA TYR C 126 7.98 25.29 -25.88
C TYR C 126 9.27 26.04 -25.67
N TYR C 127 9.81 25.93 -24.44
CA TYR C 127 11.06 26.60 -24.08
C TYR C 127 11.76 25.73 -23.05
N ILE C 128 13.04 26.00 -22.83
CA ILE C 128 13.77 25.34 -21.74
C ILE C 128 14.30 26.52 -20.95
N TYR C 129 14.69 26.27 -19.72
CA TYR C 129 15.21 27.31 -18.84
C TYR C 129 16.52 26.74 -18.31
N VAL C 130 17.62 27.38 -18.68
CA VAL C 130 18.95 26.87 -18.32
C VAL C 130 19.92 27.92 -17.80
N SER C 131 20.95 27.49 -17.08
CA SER C 131 21.96 28.39 -16.52
C SER C 131 23.28 28.44 -17.27
N GLU C 132 23.92 29.60 -17.27
CA GLU C 132 25.22 29.77 -17.90
C GLU C 132 26.27 28.92 -17.18
N VAL C 133 25.96 28.46 -15.98
CA VAL C 133 26.90 27.65 -15.22
C VAL C 133 26.96 26.21 -15.71
N ALA C 134 25.94 25.78 -16.44
CA ALA C 134 25.84 24.41 -16.95
C ALA C 134 26.54 24.23 -18.29
N GLU C 135 27.13 23.05 -18.48
CA GLU C 135 27.85 22.72 -19.72
C GLU C 135 27.02 22.84 -20.99
N HIS C 136 25.70 22.60 -20.94
CA HIS C 136 24.92 22.74 -22.16
C HIS C 136 24.73 24.20 -22.56
N PHE C 137 24.98 25.14 -21.66
CA PHE C 137 24.77 26.53 -22.07
C PHE C 137 25.66 26.95 -23.24
N ALA C 138 26.94 26.63 -23.17
CA ALA C 138 27.90 27.04 -24.21
C ALA C 138 27.47 26.55 -25.61
N GLY C 139 26.97 25.32 -25.67
CA GLY C 139 26.50 24.77 -26.93
C GLY C 139 25.22 25.43 -27.39
N LEU C 140 24.34 25.76 -26.46
CA LEU C 140 23.10 26.41 -26.84
C LEU C 140 23.39 27.80 -27.35
N LYS C 141 24.46 28.38 -26.84
CA LYS C 141 24.84 29.72 -27.26
C LYS C 141 25.59 29.74 -28.58
N ASN C 142 26.68 28.98 -28.65
CA ASN C 142 27.51 28.95 -29.86
C ASN C 142 26.97 28.12 -31.03
N ASN C 143 26.19 27.08 -30.74
CA ASN C 143 25.62 26.25 -31.81
C ASN C 143 24.12 26.10 -31.59
N PRO C 144 23.40 27.23 -31.57
CA PRO C 144 21.95 27.28 -31.36
C PRO C 144 21.07 26.49 -32.31
N HIS C 145 21.57 26.16 -33.50
CA HIS C 145 20.75 25.40 -34.43
C HIS C 145 21.23 23.97 -34.65
N ASN C 146 22.06 23.48 -33.75
CA ASN C 146 22.52 22.11 -33.82
C ASN C 146 22.15 21.55 -32.43
N VAL C 147 20.87 21.27 -32.26
CA VAL C 147 20.32 20.79 -30.99
C VAL C 147 19.25 19.74 -31.20
N GLU C 148 19.21 18.72 -30.36
CA GLU C 148 18.11 17.77 -30.48
C GLU C 148 17.45 17.71 -29.12
N VAL C 149 16.12 17.73 -29.10
CA VAL C 149 15.36 17.67 -27.86
C VAL C 149 14.60 16.34 -27.78
N MSE C 150 14.67 15.69 -26.62
CA MSE C 150 13.98 14.42 -26.46
C MSE C 150 13.04 14.37 -25.25
O MSE C 150 13.46 14.67 -24.13
CB MSE C 150 14.99 13.27 -26.33
CG MSE C 150 14.29 11.92 -26.04
SE MSE C 150 15.46 10.38 -26.00
CE MSE C 150 16.62 10.91 -24.51
N PHE C 151 11.78 14.02 -25.50
CA PHE C 151 10.80 13.82 -24.44
C PHE C 151 10.96 12.29 -24.24
N LEU C 152 11.43 11.85 -23.08
CA LEU C 152 11.63 10.42 -22.83
C LEU C 152 10.80 9.92 -21.65
N GLU C 153 10.03 8.87 -21.87
CA GLU C 153 9.19 8.31 -20.81
C GLU C 153 10.04 7.79 -19.66
N ASP C 154 9.61 8.01 -18.42
CA ASP C 154 10.35 7.52 -17.26
C ASP C 154 10.57 6.03 -17.36
N GLU C 155 11.75 5.57 -16.98
CA GLU C 155 12.00 4.14 -17.08
C GLU C 155 10.99 3.35 -16.24
N SER C 156 10.68 3.86 -15.06
CA SER C 156 9.77 3.20 -14.15
C SER C 156 8.31 3.17 -14.62
N LYS C 157 7.98 3.95 -15.65
CA LYS C 157 6.62 3.97 -16.18
C LYS C 157 6.51 3.24 -17.51
N ALA C 158 7.66 3.00 -18.14
CA ALA C 158 7.68 2.34 -19.44
C ALA C 158 7.41 0.84 -19.43
N LYS C 159 7.02 0.33 -20.60
CA LYS C 159 6.74 -1.09 -20.75
C LYS C 159 7.95 -1.94 -20.34
N SER C 160 9.14 -1.50 -20.74
CA SER C 160 10.40 -2.18 -20.42
C SER C 160 11.56 -1.24 -20.73
N ALA C 161 12.76 -1.68 -20.39
CA ALA C 161 13.95 -0.88 -20.63
C ALA C 161 14.21 -0.68 -22.11
N ILE C 162 13.73 -1.60 -22.96
CA ILE C 162 13.97 -1.45 -24.38
C ILE C 162 12.85 -0.75 -25.13
N LEU C 163 11.79 -0.38 -24.40
CA LEU C 163 10.68 0.33 -25.01
C LEU C 163 10.23 1.49 -24.13
N ARG C 164 11.10 2.48 -23.99
CA ARG C 164 10.70 3.69 -23.26
C ARG C 164 10.17 4.54 -24.40
N LYS C 165 8.93 5.02 -24.32
CA LYS C 165 8.40 5.85 -25.40
C LYS C 165 9.22 7.12 -25.50
N ARG C 166 9.43 7.62 -26.72
CA ARG C 166 10.19 8.86 -26.86
C ARG C 166 9.74 9.67 -28.05
N LEU C 167 9.94 10.97 -27.94
CA LEU C 167 9.61 11.93 -28.98
C LEU C 167 10.84 12.81 -29.11
N ARG C 168 11.51 12.76 -30.27
CA ARG C 168 12.74 13.52 -30.50
C ARG C 168 12.58 14.50 -31.66
N TYR C 169 13.04 15.75 -31.46
CA TYR C 169 12.93 16.80 -32.49
C TYR C 169 14.25 17.49 -32.76
N LYS C 170 14.62 17.59 -34.04
CA LYS C 170 15.83 18.34 -34.40
C LYS C 170 15.28 19.73 -34.09
N THR C 171 16.06 20.54 -33.41
CA THR C 171 15.51 21.82 -32.96
C THR C 171 16.36 23.06 -33.19
N ASN C 172 15.72 24.18 -33.53
CA ASN C 172 16.44 25.44 -33.64
C ASN C 172 16.10 26.21 -32.36
N THR C 173 17.10 26.74 -31.68
CA THR C 173 16.86 27.46 -30.42
C THR C 173 17.17 28.94 -30.53
N ARG C 174 16.61 29.73 -29.62
CA ARG C 174 16.86 31.17 -29.60
C ARG C 174 16.53 31.71 -28.22
N PHE C 175 17.31 32.68 -27.76
CA PHE C 175 17.11 33.27 -26.44
C PHE C 175 15.92 34.20 -26.35
N ILE C 176 15.26 34.17 -25.20
CA ILE C 176 14.09 35.01 -24.94
C ILE C 176 14.49 35.92 -23.81
N GLU C 177 14.39 37.23 -24.01
CA GLU C 177 14.72 38.19 -22.96
C GLU C 177 13.60 38.24 -21.91
N ARG C 178 13.95 38.68 -20.69
CA ARG C 178 12.94 38.79 -19.64
C ARG C 178 11.89 39.75 -20.17
N GLY C 179 10.64 39.57 -19.75
CA GLY C 179 9.57 40.43 -20.21
C GLY C 179 8.25 39.69 -20.15
N ALA C 180 7.26 40.12 -20.93
CA ALA C 180 5.95 39.50 -20.95
C ALA C 180 5.91 38.06 -21.45
N GLU C 181 6.64 37.77 -22.53
CA GLU C 181 6.65 36.41 -23.03
C GLU C 181 7.26 35.50 -21.95
N PHE C 182 8.37 35.96 -21.38
CA PHE C 182 9.06 35.22 -20.32
C PHE C 182 8.10 34.93 -19.15
N ASP C 183 7.43 35.97 -18.65
CA ASP C 183 6.51 35.78 -17.53
C ASP C 183 5.34 34.86 -17.82
N LYS C 184 4.83 34.87 -19.05
CA LYS C 184 3.69 34.01 -19.37
C LYS C 184 4.11 32.53 -19.30
N ALA C 185 5.29 32.23 -19.80
CA ALA C 185 5.80 30.86 -19.76
C ALA C 185 6.11 30.47 -18.34
N PHE C 186 6.80 31.35 -17.61
CA PHE C 186 7.18 31.05 -16.25
C PHE C 186 5.98 30.99 -15.29
N ASP C 187 5.01 31.87 -15.45
CA ASP C 187 3.85 31.78 -14.55
C ASP C 187 3.11 30.48 -14.82
N SER C 188 3.05 30.10 -16.10
CA SER C 188 2.37 28.87 -16.48
C SER C 188 3.04 27.65 -15.86
N PHE C 189 4.38 27.67 -15.82
CA PHE C 189 5.17 26.59 -15.24
C PHE C 189 4.92 26.53 -13.73
N ILE C 190 4.88 27.69 -13.08
CA ILE C 190 4.60 27.67 -11.63
C ILE C 190 3.20 27.12 -11.37
N GLU C 191 2.24 27.53 -12.17
CA GLU C 191 0.86 27.05 -12.03
C GLU C 191 0.80 25.53 -12.22
N LYS C 192 1.41 25.04 -13.28
CA LYS C 192 1.37 23.61 -13.54
C LYS C 192 2.10 22.73 -12.54
N THR C 193 3.32 23.10 -12.17
CA THR C 193 4.12 22.31 -11.24
C THR C 193 3.77 22.49 -9.77
N GLY C 194 3.21 23.63 -9.42
CA GLY C 194 2.92 23.89 -8.02
C GLY C 194 3.92 24.93 -7.54
N GLY C 195 5.00 25.12 -8.29
CA GLY C 195 5.99 26.14 -7.95
C GLY C 195 6.93 25.93 -6.77
N ALA C 196 6.98 24.74 -6.21
CA ALA C 196 7.87 24.51 -5.06
C ALA C 196 9.21 23.93 -5.49
N GLY C 197 10.14 23.84 -4.56
CA GLY C 197 11.41 23.20 -4.89
C GLY C 197 12.58 23.98 -5.45
N GLY C 198 12.50 25.29 -5.47
CA GLY C 198 13.61 26.08 -5.99
C GLY C 198 13.22 26.81 -7.25
N ILE C 199 12.09 26.46 -7.83
CA ILE C 199 11.64 27.13 -9.04
C ILE C 199 11.52 28.64 -8.89
N LYS C 200 10.99 29.06 -7.74
CA LYS C 200 10.84 30.49 -7.47
C LYS C 200 12.20 31.16 -7.35
N THR C 201 13.16 30.45 -6.74
CA THR C 201 14.52 30.97 -6.60
C THR C 201 15.19 31.14 -7.97
N ILE C 202 15.18 30.08 -8.81
CA ILE C 202 15.87 30.21 -10.09
C ILE C 202 15.25 31.23 -11.02
N ARG C 203 13.99 31.59 -10.78
CA ARG C 203 13.36 32.60 -11.62
C ARG C 203 14.13 33.91 -11.52
N ALA C 204 14.62 34.20 -10.31
CA ALA C 204 15.35 35.45 -10.07
C ALA C 204 16.84 35.44 -10.40
N MSE C 205 17.41 34.27 -10.66
CA MSE C 205 18.83 34.19 -10.99
C MSE C 205 19.05 34.60 -12.44
O MSE C 205 18.55 33.95 -13.38
CB MSE C 205 19.32 32.76 -10.73
CG MSE C 205 19.24 32.43 -9.27
SE MSE C 205 19.61 30.56 -8.89
CE MSE C 205 20.28 30.73 -7.11
N GLN C 206 19.77 35.70 -12.64
CA GLN C 206 19.95 36.21 -13.99
C GLN C 206 20.91 35.41 -14.87
N ASP C 207 21.62 34.46 -14.27
CA ASP C 207 22.50 33.58 -15.07
C ASP C 207 21.63 32.55 -15.81
N PHE C 208 20.33 32.48 -15.47
CA PHE C 208 19.41 31.54 -16.14
C PHE C 208 18.72 32.26 -17.28
N HIS C 209 18.53 31.54 -18.38
CA HIS C 209 17.88 32.07 -19.56
C HIS C 209 16.78 31.18 -20.10
N LEU C 210 15.70 31.82 -20.58
CA LEU C 210 14.59 31.10 -21.20
C LEU C 210 15.00 31.01 -22.67
N ILE C 211 14.92 29.81 -23.25
CA ILE C 211 15.32 29.57 -24.63
C ILE C 211 14.16 28.88 -25.35
N ALA C 212 13.67 29.50 -26.43
CA ALA C 212 12.58 28.92 -27.17
C ALA C 212 13.05 27.80 -28.07
N LEU C 213 12.21 26.78 -28.19
CA LEU C 213 12.50 25.60 -29.01
C LEU C 213 11.64 25.66 -30.27
N ASP C 214 12.28 25.71 -31.44
CA ASP C 214 11.50 25.69 -32.67
C ASP C 214 11.78 24.31 -33.24
N PHE C 215 10.79 23.42 -33.13
CA PHE C 215 10.92 22.04 -33.60
C PHE C 215 10.93 21.92 -35.12
N LYS C 216 11.80 21.05 -35.61
CA LYS C 216 11.88 20.78 -37.04
C LYS C 216 11.41 19.32 -37.18
N GLU C 217 12.19 18.46 -37.81
CA GLU C 217 11.79 17.07 -37.97
C GLU C 217 11.74 16.35 -36.62
N GLY C 218 10.71 15.52 -36.44
CA GLY C 218 10.57 14.77 -35.22
C GLY C 218 10.35 13.28 -35.50
N ARG C 219 10.58 12.47 -34.48
CA ARG C 219 10.43 11.02 -34.57
C ARG C 219 9.76 10.61 -33.26
N PHE C 220 8.66 9.88 -33.37
CA PHE C 220 7.91 9.41 -32.21
C PHE C 220 7.93 7.87 -32.23
N VAL C 221 8.26 7.25 -31.10
CA VAL C 221 8.22 5.79 -31.03
C VAL C 221 7.36 5.47 -29.84
N LYS C 222 6.26 4.76 -30.06
CA LYS C 222 5.34 4.43 -28.97
C LYS C 222 5.23 2.95 -28.74
N GLY C 223 5.81 2.15 -29.63
CA GLY C 223 5.70 0.70 -29.48
C GLY C 223 6.54 0.00 -30.53
N PHE C 224 6.66 -1.31 -30.46
CA PHE C 224 7.46 -2.03 -31.44
C PHE C 224 6.74 -1.95 -32.77
N GLY C 225 7.44 -1.50 -33.79
CA GLY C 225 6.79 -1.37 -35.08
C GLY C 225 5.79 -0.24 -35.07
N GLN C 226 5.99 0.75 -34.18
CA GLN C 226 5.10 1.90 -34.16
C GLN C 226 5.94 3.16 -34.01
N ALA C 227 6.69 3.43 -35.07
CA ALA C 227 7.55 4.60 -35.18
C ALA C 227 6.93 5.57 -36.19
N TYR C 228 7.00 6.87 -35.91
CA TYR C 228 6.44 7.88 -36.79
C TYR C 228 7.38 9.06 -37.04
N ASP C 229 7.32 9.59 -38.25
CA ASP C 229 8.10 10.76 -38.61
C ASP C 229 7.14 11.94 -38.54
N ILE C 230 7.65 13.07 -38.06
CA ILE C 230 6.84 14.27 -37.90
C ILE C 230 7.55 15.49 -38.49
N LEU C 231 6.78 16.35 -39.14
CA LEU C 231 7.32 17.59 -39.67
C LEU C 231 6.15 18.54 -39.73
N GLY C 232 6.20 19.55 -38.87
CA GLY C 232 5.10 20.49 -38.82
C GLY C 232 3.85 19.76 -38.39
N ASP C 233 2.76 19.99 -39.12
CA ASP C 233 1.49 19.36 -38.80
C ASP C 233 1.34 18.02 -39.54
N LYS C 234 2.42 17.54 -40.11
CA LYS C 234 2.39 16.29 -40.85
C LYS C 234 3.05 15.14 -40.10
N ILE C 235 2.37 13.99 -40.08
CA ILE C 235 2.87 12.79 -39.42
C ILE C 235 2.65 11.58 -40.32
N ALA C 236 3.63 10.68 -40.35
CA ALA C 236 3.55 9.48 -41.17
C ALA C 236 4.24 8.29 -40.50
N TYR C 237 3.67 7.11 -40.73
CA TYR C 237 4.18 5.85 -40.21
C TYR C 237 5.49 5.49 -40.94
N VAL C 238 6.49 5.05 -40.19
CA VAL C 238 7.76 4.69 -40.80
C VAL C 238 7.82 3.20 -41.19
N GLY C 239 6.95 2.37 -40.63
CA GLY C 239 7.01 0.95 -40.92
C GLY C 239 6.16 0.28 -41.99
N ASP C 240 5.92 0.93 -43.12
CA ASP C 240 5.12 0.32 -44.18
C ASP C 240 5.67 -1.04 -44.63
N LYS C 241 6.97 -1.10 -44.91
CA LYS C 241 7.59 -2.34 -45.37
C LYS C 241 7.79 -3.41 -44.28
N GLY C 242 7.15 -3.22 -43.13
CA GLY C 242 7.28 -4.20 -42.06
C GLY C 242 8.66 -4.25 -41.41
N ASN C 243 8.81 -5.20 -40.50
CA ASN C 243 10.06 -5.39 -39.75
C ASN C 243 11.34 -5.11 -40.56
N PRO C 244 12.08 -4.03 -40.20
CA PRO C 244 13.32 -3.65 -40.90
C PRO C 244 14.55 -4.26 -40.22
N HIS C 245 14.34 -4.88 -39.07
CA HIS C 245 15.44 -5.51 -38.34
C HIS C 245 15.90 -6.75 -39.12
N ASN C 246 17.03 -7.31 -38.71
CA ASN C 246 17.58 -8.51 -39.36
C ASN C 246 17.95 -8.20 -40.81
N PHE C 247 18.19 -6.93 -41.09
CA PHE C 247 18.57 -6.51 -42.42
C PHE C 247 17.51 -6.91 -43.43
N ALA C 248 16.24 -6.77 -43.04
CA ALA C 248 15.14 -7.10 -43.94
C ALA C 248 15.21 -6.10 -45.08
N HIS C 249 14.19 -6.08 -45.93
CA HIS C 249 14.17 -5.17 -47.05
C HIS C 249 15.51 -5.28 -47.77
N ASN D 3 7.93 28.24 16.89
CA ASN D 3 8.89 28.82 17.88
C ASN D 3 9.71 27.71 18.55
N ARG D 4 9.11 26.53 18.65
CA ARG D 4 9.81 25.39 19.23
C ARG D 4 10.99 25.12 18.31
N ILE D 5 10.72 25.14 17.02
CA ILE D 5 11.76 24.92 16.02
C ILE D 5 12.75 26.07 16.09
N ILE D 6 12.23 27.30 16.20
CA ILE D 6 13.09 28.47 16.28
C ILE D 6 14.10 28.30 17.40
N GLU D 7 13.63 27.84 18.55
CA GLU D 7 14.51 27.64 19.69
C GLU D 7 15.47 26.49 19.46
N HIS D 8 14.96 25.41 18.90
CA HIS D 8 15.79 24.24 18.62
C HIS D 8 16.94 24.58 17.68
N MSE D 9 16.62 25.31 16.61
CA MSE D 9 17.62 25.70 15.62
C MSE D 9 18.67 26.64 16.18
O MSE D 9 19.86 26.47 15.91
CB MSE D 9 16.94 26.35 14.40
CG MSE D 9 15.97 25.46 13.67
SE MSE D 9 16.72 23.73 13.19
CE MSE D 9 15.15 22.64 13.42
N ASN D 10 18.25 27.63 16.94
CA ASN D 10 19.18 28.60 17.51
C ASN D 10 20.08 27.97 18.56
N ALA D 11 19.68 26.80 19.05
CA ALA D 11 20.43 26.10 20.08
C ALA D 11 21.38 25.03 19.55
N HIS D 12 21.01 24.40 18.44
CA HIS D 12 21.84 23.33 17.92
C HIS D 12 22.36 23.47 16.50
N HIS D 13 21.92 24.51 15.79
CA HIS D 13 22.35 24.66 14.40
C HIS D 13 22.83 26.02 13.96
N VAL D 14 23.46 26.76 14.87
CA VAL D 14 23.95 28.08 14.51
C VAL D 14 25.07 28.00 13.49
N GLU D 15 25.98 27.05 13.67
CA GLU D 15 27.11 26.91 12.74
C GLU D 15 26.65 26.51 11.34
N ASP D 16 25.66 25.63 11.28
CA ASP D 16 25.13 25.18 10.00
C ASP D 16 24.46 26.37 9.28
N MSE D 17 23.73 27.19 10.03
CA MSE D 17 23.05 28.35 9.44
C MSE D 17 24.07 29.32 8.90
O MSE D 17 23.83 30.00 7.93
CB MSE D 17 22.17 29.04 10.46
CG MSE D 17 21.00 28.21 10.89
SE MSE D 17 19.69 29.24 11.85
CE MSE D 17 20.45 29.07 13.66
N LYS D 18 25.22 29.39 9.56
CA LYS D 18 26.27 30.28 9.06
C LYS D 18 26.76 29.69 7.75
N GLY D 19 26.84 28.35 7.71
CA GLY D 19 27.29 27.67 6.51
C GLY D 19 26.32 27.87 5.35
N LEU D 20 25.02 27.82 5.65
CA LEU D 20 23.98 28.01 4.64
C LEU D 20 24.01 29.46 4.16
N LEU D 21 24.20 30.40 5.08
CA LEU D 21 24.25 31.80 4.67
C LEU D 21 25.35 32.04 3.63
N LYS D 22 26.51 31.45 3.88
CA LYS D 22 27.64 31.61 2.97
C LYS D 22 27.44 30.86 1.66
N LYS D 23 26.99 29.61 1.77
CA LYS D 23 26.83 28.79 0.59
C LYS D 23 25.75 29.29 -0.35
N PHE D 24 24.54 29.51 0.18
CA PHE D 24 23.42 29.95 -0.64
C PHE D 24 23.21 31.46 -0.78
N GLY D 25 23.71 32.25 0.18
CA GLY D 25 23.54 33.68 0.09
C GLY D 25 24.82 34.47 -0.18
N GLN D 26 25.97 33.80 -0.15
CA GLN D 26 27.25 34.45 -0.34
C GLN D 26 27.45 35.53 0.73
N VAL D 27 26.94 35.23 1.91
CA VAL D 27 27.04 36.09 3.08
C VAL D 27 28.16 35.46 3.91
N HIS D 28 29.33 36.08 3.89
CA HIS D 28 30.49 35.55 4.59
C HIS D 28 30.59 35.76 6.10
N HIS D 29 30.71 36.99 6.55
CA HIS D 29 30.82 37.18 7.99
C HIS D 29 29.53 37.73 8.55
N ALA D 30 28.64 36.79 8.93
CA ALA D 30 27.35 37.16 9.47
C ALA D 30 27.33 37.08 10.98
N GLU D 31 26.67 38.05 11.60
CA GLU D 31 26.52 38.10 13.04
C GLU D 31 25.05 37.90 13.35
N ASN D 32 24.73 37.84 14.63
CA ASN D 32 23.36 37.66 15.09
C ASN D 32 22.57 36.75 14.17
N VAL D 33 23.15 35.59 13.87
CA VAL D 33 22.50 34.62 13.01
C VAL D 33 21.46 33.95 13.88
N ALA D 34 20.22 33.92 13.42
CA ALA D 34 19.16 33.28 14.17
C ALA D 34 18.06 32.77 13.23
N PHE D 35 17.49 31.63 13.57
CA PHE D 35 16.41 31.05 12.79
C PHE D 35 15.18 31.93 12.94
N LYS D 36 14.51 32.23 11.83
CA LYS D 36 13.32 33.08 11.89
C LYS D 36 12.03 32.31 11.65
N SER D 37 12.01 31.48 10.61
CA SER D 37 10.79 30.73 10.32
C SER D 37 11.00 29.61 9.32
N VAL D 38 9.97 28.78 9.20
CA VAL D 38 9.97 27.69 8.26
C VAL D 38 8.54 27.59 7.77
N ASP D 39 8.36 27.16 6.52
CA ASP D 39 7.05 27.00 5.95
C ASP D 39 7.15 25.82 4.99
N SER D 40 6.08 25.49 4.29
CA SER D 40 6.11 24.32 3.41
C SER D 40 7.16 24.35 2.31
N GLN D 41 7.64 25.53 1.94
CA GLN D 41 8.61 25.62 0.84
C GLN D 41 10.02 26.07 1.19
N GLY D 42 10.26 26.44 2.45
CA GLY D 42 11.62 26.86 2.78
C GLY D 42 11.76 27.40 4.18
N ILE D 43 12.95 27.89 4.48
CA ILE D 43 13.26 28.47 5.78
C ILE D 43 13.78 29.88 5.61
N VAL D 44 13.80 30.62 6.70
CA VAL D 44 14.30 31.99 6.66
C VAL D 44 15.27 32.14 7.82
N ILE D 45 16.47 32.59 7.50
CA ILE D 45 17.51 32.81 8.51
C ILE D 45 17.73 34.31 8.65
N GLY D 46 17.70 34.80 9.89
CA GLY D 46 17.94 36.21 10.11
C GLY D 46 19.42 36.41 10.41
N TYR D 47 19.95 37.57 10.03
CA TYR D 47 21.36 37.88 10.27
C TYR D 47 21.67 39.37 10.17
N ASN D 48 22.90 39.72 10.56
CA ASN D 48 23.42 41.09 10.54
C ASN D 48 22.45 42.21 10.86
N ASN D 49 22.36 43.15 9.91
CA ASN D 49 21.54 44.34 10.05
C ASN D 49 20.05 44.19 9.79
N ASN D 50 19.32 43.44 10.62
CA ASN D 50 17.88 43.25 10.44
C ASN D 50 17.60 42.62 9.06
N GLN D 51 18.52 41.78 8.60
CA GLN D 51 18.39 41.13 7.29
C GLN D 51 17.98 39.66 7.38
N THR D 52 17.50 39.09 6.27
CA THR D 52 17.16 37.69 6.29
C THR D 52 17.54 37.09 4.95
N LEU D 53 17.68 35.79 4.92
CA LEU D 53 17.95 35.06 3.69
C LEU D 53 16.95 33.90 3.70
N ARG D 54 16.20 33.73 2.60
CA ARG D 54 15.27 32.63 2.51
C ARG D 54 15.95 31.54 1.66
N ILE D 55 15.85 30.29 2.10
CA ILE D 55 16.43 29.19 1.35
C ILE D 55 15.32 28.16 1.14
N GLU D 56 15.01 27.87 -0.12
CA GLU D 56 13.93 26.91 -0.38
C GLU D 56 14.36 25.45 -0.24
N PHE D 57 13.42 24.63 0.17
CA PHE D 57 13.65 23.18 0.28
C PHE D 57 13.63 22.70 -1.18
N ASN D 58 14.14 21.51 -1.43
CA ASN D 58 14.14 21.00 -2.80
C ASN D 58 12.81 20.32 -3.15
N HIS D 59 11.83 20.46 -2.26
CA HIS D 59 10.49 19.92 -2.49
C HIS D 59 9.57 20.56 -1.46
N GLU D 60 8.27 20.42 -1.69
CA GLU D 60 7.30 20.99 -0.77
C GLU D 60 7.09 20.00 0.35
N VAL D 61 7.20 20.48 1.59
CA VAL D 61 6.99 19.64 2.77
C VAL D 61 5.50 19.81 3.06
N LYS D 62 4.72 18.81 2.69
CA LYS D 62 3.27 18.91 2.85
C LYS D 62 2.67 18.77 4.23
N ASP D 63 3.44 18.27 5.18
CA ASP D 63 2.92 18.12 6.53
C ASP D 63 3.78 18.91 7.49
N PRO D 64 3.20 19.92 8.15
CA PRO D 64 3.93 20.76 9.10
C PRO D 64 4.73 19.93 10.11
N LYS D 65 4.28 18.71 10.33
CA LYS D 65 4.95 17.81 11.27
C LYS D 65 6.37 17.51 10.78
N ASP D 66 6.61 17.68 9.49
CA ASP D 66 7.94 17.38 8.96
C ASP D 66 8.85 18.57 8.73
N TYR D 67 8.37 19.77 9.07
CA TYR D 67 9.15 20.99 8.90
C TYR D 67 10.49 20.91 9.62
N LYS D 68 10.45 20.48 10.87
CA LYS D 68 11.65 20.38 11.67
C LYS D 68 12.70 19.49 11.01
N ASN D 69 12.30 18.30 10.59
CA ASN D 69 13.23 17.38 9.94
C ASN D 69 13.77 17.97 8.63
N ALA D 70 12.89 18.53 7.81
CA ALA D 70 13.33 19.11 6.53
C ALA D 70 14.38 20.18 6.78
N THR D 71 14.16 20.99 7.81
CA THR D 71 15.07 22.07 8.19
C THR D 71 16.41 21.50 8.63
N ILE D 72 16.37 20.46 9.47
CA ILE D 72 17.60 19.84 9.95
C ILE D 72 18.36 19.25 8.76
N GLU D 73 17.64 18.60 7.85
CA GLU D 73 18.26 18.01 6.67
C GLU D 73 18.97 19.08 5.86
N LEU D 74 18.31 20.21 5.66
CA LEU D 74 18.93 21.28 4.90
C LEU D 74 20.18 21.76 5.63
N CYS D 75 20.09 21.89 6.95
CA CYS D 75 21.24 22.34 7.73
C CYS D 75 22.43 21.38 7.61
N GLN D 76 22.17 20.10 7.73
CA GLN D 76 23.24 19.10 7.66
C GLN D 76 23.80 18.89 6.25
N SER D 77 23.08 19.37 5.24
CA SER D 77 23.54 19.21 3.87
C SER D 77 24.86 19.94 3.60
N VAL D 78 25.13 20.99 4.35
CA VAL D 78 26.37 21.73 4.11
C VAL D 78 27.60 20.83 4.29
N GLU D 79 27.66 20.09 5.39
CA GLU D 79 28.80 19.20 5.63
C GLU D 79 28.71 17.92 4.81
N LYS D 80 27.49 17.42 4.64
CA LYS D 80 27.27 16.20 3.88
C LYS D 80 27.79 16.30 2.45
N THR D 81 27.75 17.51 1.92
CA THR D 81 28.21 17.78 0.57
C THR D 81 29.65 17.30 0.40
N HIS D 82 30.42 17.39 1.48
CA HIS D 82 31.83 17.03 1.45
C HIS D 82 32.22 15.60 1.78
N ASP D 83 31.22 14.76 2.03
CA ASP D 83 31.49 13.36 2.34
C ASP D 83 31.68 12.65 0.99
N LEU D 84 32.87 12.82 0.41
CA LEU D 84 33.18 12.26 -0.90
C LEU D 84 33.07 10.75 -1.02
N LYS D 85 33.37 10.04 0.06
CA LYS D 85 33.28 8.59 0.03
C LYS D 85 31.80 8.22 -0.10
N GLY D 86 30.93 8.89 0.65
CA GLY D 86 29.50 8.63 0.56
C GLY D 86 29.01 8.96 -0.85
N VAL D 87 29.52 10.03 -1.42
CA VAL D 87 29.11 10.39 -2.78
C VAL D 87 29.54 9.33 -3.79
N GLU D 88 30.74 8.79 -3.64
CA GLU D 88 31.20 7.74 -4.57
C GLU D 88 30.27 6.55 -4.46
N GLU D 89 29.79 6.27 -3.25
CA GLU D 89 28.88 5.14 -3.06
C GLU D 89 27.55 5.43 -3.75
N GLU D 90 27.08 6.68 -3.63
CA GLU D 90 25.84 7.09 -4.27
C GLU D 90 25.95 6.97 -5.80
N VAL D 91 27.11 7.36 -6.33
CA VAL D 91 27.37 7.28 -7.76
C VAL D 91 27.26 5.83 -8.25
N LYS D 92 27.91 4.92 -7.54
CA LYS D 92 27.85 3.52 -7.91
C LYS D 92 26.43 2.98 -7.84
N ALA D 93 25.71 3.28 -6.75
CA ALA D 93 24.35 2.79 -6.60
C ALA D 93 23.40 3.45 -7.61
N PHE D 94 23.67 4.71 -7.95
CA PHE D 94 22.83 5.43 -8.93
C PHE D 94 22.87 4.68 -10.26
N LYS D 95 24.08 4.36 -10.73
CA LYS D 95 24.23 3.63 -11.99
C LYS D 95 23.57 2.25 -11.99
N GLU D 96 23.61 1.57 -10.85
CA GLU D 96 23.01 0.24 -10.73
C GLU D 96 21.48 0.25 -10.75
N GLY D 97 20.89 1.42 -10.55
CA GLY D 97 19.44 1.53 -10.51
C GLY D 97 18.78 1.72 -11.87
N PHE D 98 19.56 1.64 -12.94
CA PHE D 98 19.00 1.82 -14.27
C PHE D 98 19.28 0.67 -15.21
N ASP D 99 18.39 0.48 -16.19
CA ASP D 99 18.60 -0.53 -17.20
C ASP D 99 18.64 0.15 -18.57
N SER D 100 18.79 1.48 -18.56
CA SER D 100 18.88 2.24 -19.79
C SER D 100 19.53 3.59 -19.49
N VAL D 101 20.05 4.24 -20.53
CA VAL D 101 20.68 5.55 -20.41
C VAL D 101 20.35 6.45 -21.59
N CYS D 102 20.59 7.75 -21.41
CA CYS D 102 20.35 8.71 -22.48
C CYS D 102 21.72 8.90 -23.14
N LEU D 103 21.69 9.25 -24.42
CA LEU D 103 22.92 9.43 -25.20
C LEU D 103 22.94 10.69 -26.03
N ALA D 104 24.14 11.23 -26.22
CA ALA D 104 24.32 12.34 -27.14
C ALA D 104 25.38 11.74 -28.07
N THR D 105 25.10 11.74 -29.36
CA THR D 105 26.07 11.25 -30.34
C THR D 105 26.20 12.30 -31.45
N LEU D 106 27.25 12.18 -32.25
CA LEU D 106 27.46 13.14 -33.34
C LEU D 106 27.30 12.37 -34.64
N HIS D 107 26.22 12.65 -35.35
CA HIS D 107 25.93 11.98 -36.60
C HIS D 107 26.91 12.40 -37.68
N PRO D 108 27.18 11.52 -38.65
CA PRO D 108 28.10 11.87 -39.73
C PRO D 108 27.68 13.12 -40.50
N ASN D 109 26.37 13.34 -40.59
CA ASN D 109 25.84 14.52 -41.28
C ASN D 109 26.17 15.81 -40.50
N GLY D 110 26.82 15.66 -39.35
CA GLY D 110 27.21 16.82 -38.55
C GLY D 110 26.29 17.28 -37.42
N HIS D 111 25.04 16.83 -37.43
CA HIS D 111 24.06 17.22 -36.40
C HIS D 111 24.15 16.32 -35.18
N VAL D 112 23.90 16.88 -33.98
CA VAL D 112 23.95 16.05 -32.76
C VAL D 112 22.65 15.27 -32.68
N VAL D 113 22.69 14.17 -31.94
CA VAL D 113 21.52 13.31 -31.83
C VAL D 113 21.29 13.03 -30.34
N CYS D 114 20.07 13.23 -29.88
CA CYS D 114 19.75 12.96 -28.47
C CYS D 114 18.84 11.74 -28.50
N SER D 115 19.28 10.66 -27.87
CA SER D 115 18.53 9.40 -27.89
C SER D 115 18.72 8.63 -26.59
N TYR D 116 18.25 7.39 -26.55
CA TYR D 116 18.43 6.58 -25.35
C TYR D 116 18.67 5.14 -25.76
N ALA D 117 19.35 4.38 -24.92
CA ALA D 117 19.60 2.99 -25.24
C ALA D 117 19.58 2.12 -24.01
N PRO D 118 19.28 0.83 -24.19
CA PRO D 118 19.25 -0.17 -23.12
C PRO D 118 20.69 -0.25 -22.60
N LEU D 119 20.83 -0.41 -21.28
CA LEU D 119 22.14 -0.49 -20.64
C LEU D 119 22.33 -1.89 -20.02
N MSE D 120 23.51 -2.48 -20.22
CA MSE D 120 23.82 -3.79 -19.65
C MSE D 120 25.17 -3.71 -18.98
O MSE D 120 25.95 -2.81 -19.27
CB MSE D 120 23.89 -4.86 -20.76
CG MSE D 120 22.88 -4.65 -21.86
SE MSE D 120 22.80 -6.22 -23.04
CE MSE D 120 21.05 -5.91 -23.78
N SER D 121 25.49 -4.66 -18.12
CA SER D 121 26.78 -4.65 -17.47
C SER D 121 27.21 -6.02 -16.99
N ASP D 122 28.51 -6.25 -17.04
CA ASP D 122 29.09 -7.49 -16.55
C ASP D 122 30.12 -6.98 -15.57
N GLY D 123 29.78 -7.02 -14.29
CA GLY D 123 30.68 -6.52 -13.28
C GLY D 123 30.85 -5.02 -13.43
N LYS D 124 32.10 -4.59 -13.53
CA LYS D 124 32.42 -3.17 -13.66
C LYS D 124 32.26 -2.60 -15.07
N GLN D 125 32.08 -3.47 -16.05
CA GLN D 125 31.94 -3.05 -17.45
C GLN D 125 30.50 -2.78 -17.88
N TYR D 126 30.23 -1.55 -18.33
CA TYR D 126 28.89 -1.20 -18.81
C TYR D 126 28.87 -1.23 -20.33
N TYR D 127 27.69 -1.48 -20.90
CA TYR D 127 27.52 -1.56 -22.35
C TYR D 127 26.13 -1.01 -22.70
N ILE D 128 25.93 -0.71 -23.98
CA ILE D 128 24.59 -0.33 -24.47
C ILE D 128 24.34 -1.28 -25.64
N TYR D 129 23.08 -1.44 -26.03
CA TYR D 129 22.74 -2.37 -27.11
C TYR D 129 21.82 -1.59 -28.03
N VAL D 130 22.28 -1.38 -29.26
CA VAL D 130 21.56 -0.56 -30.24
C VAL D 130 21.47 -1.18 -31.63
N SER D 131 20.53 -0.69 -32.42
CA SER D 131 20.29 -1.18 -33.79
C SER D 131 20.76 -0.25 -34.89
N GLU D 132 21.17 -0.85 -36.00
CA GLU D 132 21.61 -0.07 -37.15
C GLU D 132 20.45 0.70 -37.72
N VAL D 133 19.21 0.34 -37.38
CA VAL D 133 18.06 1.08 -37.93
C VAL D 133 17.85 2.42 -37.22
N ALA D 134 18.48 2.59 -36.05
CA ALA D 134 18.34 3.83 -35.27
C ALA D 134 19.38 4.86 -35.66
N GLU D 135 19.00 6.13 -35.52
CA GLU D 135 19.85 7.25 -35.88
C GLU D 135 21.13 7.38 -35.06
N HIS D 136 21.15 6.88 -33.81
CA HIS D 136 22.36 7.01 -33.04
C HIS D 136 23.46 6.05 -33.46
N PHE D 137 23.11 5.05 -34.26
CA PHE D 137 24.10 4.08 -34.70
C PHE D 137 25.21 4.72 -35.54
N ALA D 138 24.82 5.55 -36.51
CA ALA D 138 25.83 6.18 -37.37
C ALA D 138 26.87 6.95 -36.56
N GLY D 139 26.40 7.65 -35.53
CA GLY D 139 27.32 8.41 -34.70
C GLY D 139 28.18 7.53 -33.82
N LEU D 140 27.61 6.44 -33.32
CA LEU D 140 28.36 5.52 -32.47
C LEU D 140 29.44 4.80 -33.30
N LYS D 141 29.14 4.60 -34.57
CA LYS D 141 30.12 3.93 -35.43
C LYS D 141 31.22 4.89 -35.93
N ASN D 142 30.82 6.07 -36.41
CA ASN D 142 31.77 7.02 -36.97
C ASN D 142 32.43 8.01 -36.03
N ASN D 143 31.80 8.28 -34.90
CA ASN D 143 32.39 9.18 -33.92
C ASN D 143 32.32 8.45 -32.60
N PRO D 144 32.93 7.25 -32.53
CA PRO D 144 32.94 6.42 -31.33
C PRO D 144 33.55 7.03 -30.10
N HIS D 145 34.37 8.08 -30.28
CA HIS D 145 34.99 8.71 -29.15
C HIS D 145 34.49 10.12 -28.87
N ASN D 146 33.31 10.42 -29.42
CA ASN D 146 32.65 11.70 -29.17
C ASN D 146 31.20 11.34 -28.80
N VAL D 147 31.04 10.83 -27.58
CA VAL D 147 29.75 10.38 -27.09
C VAL D 147 29.61 10.80 -25.64
N GLU D 148 28.40 11.20 -25.22
CA GLU D 148 28.21 11.48 -23.82
C GLU D 148 27.04 10.60 -23.36
N VAL D 149 27.23 9.94 -22.23
CA VAL D 149 26.20 9.04 -21.67
C VAL D 149 25.62 9.67 -20.44
N MSE D 150 24.29 9.68 -20.31
CA MSE D 150 23.69 10.27 -19.13
C MSE D 150 22.72 9.35 -18.43
O MSE D 150 21.79 8.82 -19.06
CB MSE D 150 22.93 11.58 -19.46
CG MSE D 150 22.14 12.11 -18.25
SE MSE D 150 21.22 13.82 -18.54
CE MSE D 150 20.04 13.31 -19.98
N PHE D 151 22.94 9.18 -17.12
CA PHE D 151 22.05 8.42 -16.26
C PHE D 151 21.20 9.55 -15.69
N LEU D 152 19.91 9.54 -15.99
CA LEU D 152 19.02 10.60 -15.53
C LEU D 152 17.90 10.04 -14.67
N GLU D 153 17.72 10.59 -13.48
CA GLU D 153 16.65 10.12 -12.59
C GLU D 153 15.26 10.35 -13.24
N ASP D 154 14.33 9.42 -13.05
CA ASP D 154 12.99 9.58 -13.60
C ASP D 154 12.33 10.84 -13.06
N GLU D 155 11.62 11.57 -13.92
CA GLU D 155 10.96 12.79 -13.46
C GLU D 155 9.99 12.47 -12.31
N SER D 156 9.29 11.32 -12.41
CA SER D 156 8.32 10.94 -11.37
C SER D 156 8.97 10.53 -10.06
N LYS D 157 10.30 10.39 -10.06
CA LYS D 157 11.01 10.01 -8.83
C LYS D 157 11.82 11.15 -8.24
N ALA D 158 12.04 12.18 -9.04
CA ALA D 158 12.86 13.33 -8.66
C ALA D 158 12.21 14.30 -7.67
N LYS D 159 13.05 15.08 -6.97
CA LYS D 159 12.53 16.06 -6.01
C LYS D 159 11.64 17.08 -6.74
N SER D 160 12.05 17.47 -7.93
CA SER D 160 11.26 18.39 -8.74
C SER D 160 11.78 18.33 -10.17
N ALA D 161 11.11 19.04 -11.07
CA ALA D 161 11.51 19.07 -12.47
C ALA D 161 12.87 19.76 -12.65
N ILE D 162 13.24 20.67 -11.73
CA ILE D 162 14.54 21.37 -11.87
C ILE D 162 15.65 20.66 -11.13
N LEU D 163 15.31 19.57 -10.44
CA LEU D 163 16.31 18.79 -9.75
C LEU D 163 16.17 17.28 -9.96
N ARG D 164 16.42 16.83 -11.19
CA ARG D 164 16.43 15.39 -11.45
C ARG D 164 17.93 15.04 -11.29
N LYS D 165 18.28 14.07 -10.45
CA LYS D 165 19.69 13.74 -10.28
C LYS D 165 20.22 13.21 -11.59
N ARG D 166 21.45 13.56 -11.92
CA ARG D 166 22.00 13.15 -13.20
C ARG D 166 23.50 12.88 -13.05
N LEU D 167 23.96 11.92 -13.84
CA LEU D 167 25.37 11.49 -13.84
C LEU D 167 25.71 11.42 -15.33
N ARG D 168 26.63 12.28 -15.77
CA ARG D 168 27.01 12.33 -17.19
C ARG D 168 28.51 12.05 -17.35
N TYR D 169 28.86 11.26 -18.36
CA TYR D 169 30.26 10.92 -18.64
C TYR D 169 30.66 11.09 -20.10
N LYS D 170 31.81 11.72 -20.32
CA LYS D 170 32.35 11.78 -21.68
C LYS D 170 32.74 10.30 -21.83
N THR D 171 32.37 9.67 -22.94
CA THR D 171 32.58 8.24 -23.08
C THR D 171 33.22 7.78 -24.37
N ASN D 172 34.09 6.77 -24.28
CA ASN D 172 34.70 6.20 -25.47
C ASN D 172 33.98 4.89 -25.65
N THR D 173 33.49 4.63 -26.85
CA THR D 173 32.76 3.40 -27.10
C THR D 173 33.51 2.48 -28.08
N ARG D 174 33.17 1.20 -28.05
CA ARG D 174 33.77 0.21 -28.95
C ARG D 174 32.80 -0.95 -29.14
N PHE D 175 32.80 -1.54 -30.32
CA PHE D 175 31.88 -2.65 -30.58
C PHE D 175 32.37 -3.98 -29.99
N ILE D 176 31.43 -4.79 -29.50
CA ILE D 176 31.74 -6.09 -28.95
C ILE D 176 31.10 -7.09 -29.92
N GLU D 177 31.89 -7.99 -30.49
CA GLU D 177 31.34 -8.96 -31.42
C GLU D 177 30.57 -10.05 -30.66
N ARG D 178 29.67 -10.75 -31.35
CA ARG D 178 28.92 -11.82 -30.70
C ARG D 178 29.96 -12.83 -30.19
N GLY D 179 29.66 -13.50 -29.08
CA GLY D 179 30.60 -14.45 -28.51
C GLY D 179 30.43 -14.56 -27.01
N ALA D 180 31.42 -15.12 -26.32
CA ALA D 180 31.34 -15.31 -24.87
C ALA D 180 31.04 -14.04 -24.08
N GLU D 181 31.79 -12.97 -24.35
CA GLU D 181 31.56 -11.70 -23.64
C GLU D 181 30.16 -11.17 -23.92
N PHE D 182 29.72 -11.28 -25.17
CA PHE D 182 28.40 -10.82 -25.55
C PHE D 182 27.34 -11.58 -24.75
N ASP D 183 27.45 -12.91 -24.75
CA ASP D 183 26.47 -13.71 -24.03
C ASP D 183 26.47 -13.48 -22.54
N LYS D 184 27.65 -13.21 -21.99
CA LYS D 184 27.71 -12.98 -20.55
C LYS D 184 26.97 -11.70 -20.17
N ALA D 185 27.22 -10.63 -20.92
CA ALA D 185 26.53 -9.36 -20.64
C ALA D 185 25.01 -9.49 -20.89
N PHE D 186 24.64 -10.16 -21.97
CA PHE D 186 23.22 -10.30 -22.26
C PHE D 186 22.50 -11.16 -21.22
N ASP D 187 23.12 -12.26 -20.79
CA ASP D 187 22.46 -13.11 -19.78
C ASP D 187 22.27 -12.32 -18.49
N SER D 188 23.22 -11.46 -18.19
CA SER D 188 23.14 -10.64 -16.99
C SER D 188 21.98 -9.67 -17.12
N PHE D 189 21.81 -9.10 -18.31
CA PHE D 189 20.71 -8.17 -18.57
C PHE D 189 19.38 -8.90 -18.41
N ILE D 190 19.31 -10.12 -18.93
CA ILE D 190 18.07 -10.87 -18.81
C ILE D 190 17.77 -11.16 -17.35
N GLU D 191 18.80 -11.51 -16.59
CA GLU D 191 18.58 -11.80 -15.17
C GLU D 191 18.17 -10.55 -14.39
N LYS D 192 18.82 -9.43 -14.64
CA LYS D 192 18.48 -8.21 -13.91
C LYS D 192 17.11 -7.61 -14.26
N THR D 193 16.74 -7.64 -15.54
CA THR D 193 15.46 -7.07 -15.97
C THR D 193 14.27 -8.01 -15.85
N GLY D 194 14.55 -9.31 -15.87
CA GLY D 194 13.49 -10.30 -15.83
C GLY D 194 13.37 -10.91 -17.24
N GLY D 195 13.95 -10.25 -18.22
CA GLY D 195 13.95 -10.77 -19.59
C GLY D 195 12.72 -10.75 -20.48
N ALA D 196 11.64 -10.12 -20.05
CA ALA D 196 10.41 -10.07 -20.83
C ALA D 196 10.32 -8.81 -21.69
N GLY D 197 9.26 -8.70 -22.48
CA GLY D 197 9.03 -7.50 -23.28
C GLY D 197 9.75 -7.32 -24.60
N GLY D 198 10.41 -8.35 -25.13
CA GLY D 198 11.09 -8.19 -26.41
C GLY D 198 12.59 -8.30 -26.33
N ILE D 199 13.10 -8.34 -25.10
CA ILE D 199 14.53 -8.46 -24.88
C ILE D 199 15.07 -9.73 -25.52
N LYS D 200 14.34 -10.84 -25.39
CA LYS D 200 14.84 -12.09 -25.97
C LYS D 200 14.82 -12.01 -27.50
N THR D 201 13.84 -11.30 -28.03
CA THR D 201 13.74 -11.13 -29.49
C THR D 201 14.91 -10.31 -30.03
N ILE D 202 15.21 -9.15 -29.43
CA ILE D 202 16.30 -8.36 -30.00
C ILE D 202 17.66 -8.98 -29.86
N ARG D 203 17.81 -9.94 -28.95
CA ARG D 203 19.09 -10.60 -28.80
C ARG D 203 19.46 -11.29 -30.10
N ALA D 204 18.44 -11.79 -30.79
CA ALA D 204 18.64 -12.53 -32.02
C ALA D 204 18.74 -11.67 -33.28
N MSE D 205 18.42 -10.39 -33.16
CA MSE D 205 18.48 -9.50 -34.32
C MSE D 205 19.90 -9.03 -34.60
O MSE D 205 20.49 -8.26 -33.84
CB MSE D 205 17.54 -8.32 -34.11
CG MSE D 205 16.11 -8.80 -33.91
SE MSE D 205 14.85 -7.38 -33.51
CE MSE D 205 13.32 -8.04 -34.48
N GLN D 206 20.45 -9.49 -35.73
CA GLN D 206 21.82 -9.16 -36.08
C GLN D 206 22.10 -7.70 -36.40
N ASP D 207 21.04 -6.89 -36.54
CA ASP D 207 21.24 -5.47 -36.81
C ASP D 207 21.54 -4.71 -35.52
N PHE D 208 21.43 -5.42 -34.39
CA PHE D 208 21.72 -4.87 -33.07
C PHE D 208 23.14 -5.22 -32.67
N HIS D 209 23.81 -4.27 -32.05
CA HIS D 209 25.19 -4.43 -31.63
C HIS D 209 25.43 -4.09 -30.16
N LEU D 210 26.27 -4.87 -29.49
CA LEU D 210 26.64 -4.61 -28.11
C LEU D 210 27.82 -3.64 -28.18
N ILE D 211 27.74 -2.55 -27.45
CA ILE D 211 28.80 -1.55 -27.48
C ILE D 211 29.30 -1.27 -26.07
N ALA D 212 30.58 -1.50 -25.83
CA ALA D 212 31.16 -1.26 -24.52
C ALA D 212 31.39 0.22 -24.27
N LEU D 213 31.16 0.63 -23.03
CA LEU D 213 31.33 2.01 -22.61
C LEU D 213 32.55 2.18 -21.71
N ASP D 214 33.45 3.09 -22.07
CA ASP D 214 34.61 3.37 -21.22
C ASP D 214 34.41 4.82 -20.77
N PHE D 215 33.97 4.98 -19.53
CA PHE D 215 33.73 6.31 -19.01
C PHE D 215 35.01 7.06 -18.69
N LYS D 216 35.03 8.34 -19.04
CA LYS D 216 36.15 9.23 -18.78
C LYS D 216 35.66 10.29 -17.77
N GLU D 217 35.79 11.56 -18.12
CA GLU D 217 35.35 12.64 -17.22
C GLU D 217 33.85 12.61 -17.01
N GLY D 218 33.43 12.68 -15.74
CA GLY D 218 32.01 12.65 -15.43
C GLY D 218 31.58 13.78 -14.52
N ARG D 219 30.29 14.07 -14.52
CA ARG D 219 29.72 15.13 -13.69
C ARG D 219 28.49 14.53 -13.01
N PHE D 220 28.41 14.63 -11.69
CA PHE D 220 27.28 14.11 -10.91
C PHE D 220 26.59 15.26 -10.19
N VAL D 221 25.27 15.38 -10.33
CA VAL D 221 24.55 16.43 -9.60
C VAL D 221 23.47 15.72 -8.81
N LYS D 222 23.51 15.86 -7.48
CA LYS D 222 22.52 15.22 -6.62
C LYS D 222 21.68 16.18 -5.82
N GLY D 223 22.03 17.46 -5.88
CA GLY D 223 21.28 18.45 -5.13
C GLY D 223 21.75 19.85 -5.48
N PHE D 224 21.08 20.86 -4.96
CA PHE D 224 21.48 22.22 -5.21
C PHE D 224 22.82 22.44 -4.51
N GLY D 225 23.82 22.92 -5.25
CA GLY D 225 25.12 23.13 -4.62
C GLY D 225 25.77 21.79 -4.27
N GLN D 226 25.34 20.74 -4.95
CA GLN D 226 25.96 19.44 -4.73
C GLN D 226 26.29 18.78 -6.07
N ALA D 227 27.26 19.37 -6.76
CA ALA D 227 27.74 18.90 -8.06
C ALA D 227 29.19 18.44 -7.87
N TYR D 228 29.55 17.35 -8.53
CA TYR D 228 30.89 16.75 -8.40
C TYR D 228 31.49 16.41 -9.74
N ASP D 229 32.81 16.57 -9.85
CA ASP D 229 33.54 16.20 -11.06
C ASP D 229 34.19 14.84 -10.78
N ILE D 230 34.19 13.97 -11.78
CA ILE D 230 34.74 12.63 -11.63
C ILE D 230 35.72 12.22 -12.72
N LEU D 231 36.73 11.45 -12.35
CA LEU D 231 37.67 10.92 -13.33
C LEU D 231 38.35 9.74 -12.67
N GLY D 232 38.18 8.56 -13.27
CA GLY D 232 38.78 7.37 -12.68
C GLY D 232 38.22 7.18 -11.30
N ASP D 233 39.08 7.01 -10.31
CA ASP D 233 38.62 6.82 -8.95
C ASP D 233 38.68 8.12 -8.15
N LYS D 234 38.83 9.24 -8.85
CA LYS D 234 38.91 10.54 -8.20
C LYS D 234 37.62 11.33 -8.36
N ILE D 235 37.20 11.98 -7.27
CA ILE D 235 35.99 12.81 -7.29
C ILE D 235 36.25 14.10 -6.50
N ALA D 236 35.80 15.23 -7.06
CA ALA D 236 36.00 16.52 -6.43
C ALA D 236 34.71 17.34 -6.42
N TYR D 237 34.41 17.98 -5.29
CA TYR D 237 33.23 18.83 -5.18
C TYR D 237 33.48 20.04 -6.08
N VAL D 238 32.45 20.51 -6.78
CA VAL D 238 32.62 21.63 -7.69
C VAL D 238 32.41 23.06 -7.12
N GLY D 239 31.71 23.20 -6.01
CA GLY D 239 31.47 24.55 -5.51
C GLY D 239 32.09 25.05 -4.21
N ASP D 240 33.39 24.92 -4.08
CA ASP D 240 34.02 25.40 -2.86
C ASP D 240 33.79 26.91 -2.73
N LYS D 241 33.72 27.60 -3.86
CA LYS D 241 33.51 29.05 -3.89
C LYS D 241 32.06 29.48 -3.63
N GLY D 242 31.18 28.52 -3.38
CA GLY D 242 29.79 28.86 -3.12
C GLY D 242 28.98 29.22 -4.36
N ASN D 243 27.70 29.47 -4.14
CA ASN D 243 26.74 29.82 -5.18
C ASN D 243 27.38 30.60 -6.35
N PRO D 244 27.48 29.98 -7.55
CA PRO D 244 28.05 30.60 -8.74
C PRO D 244 26.97 31.28 -9.56
N HIS D 245 25.72 31.11 -9.14
CA HIS D 245 24.61 31.74 -9.85
C HIS D 245 24.61 33.26 -9.66
N ASN D 246 23.83 33.95 -10.48
CA ASN D 246 23.75 35.41 -10.46
C ASN D 246 25.09 36.06 -10.67
N PHE D 247 25.93 35.42 -11.47
CA PHE D 247 27.25 35.95 -11.78
C PHE D 247 28.03 36.25 -10.51
N ALA D 248 27.89 35.39 -9.51
CA ALA D 248 28.62 35.57 -8.26
C ALA D 248 30.09 35.46 -8.63
N HIS D 249 30.98 35.50 -7.64
CA HIS D 249 32.39 35.39 -7.95
C HIS D 249 32.75 36.59 -8.83
N ASN E 3 23.38 -22.11 -13.87
CA ASN E 3 24.58 -22.19 -14.75
C ASN E 3 25.45 -20.94 -14.62
N ARG E 4 24.88 -19.76 -14.87
CA ARG E 4 25.68 -18.55 -14.74
C ARG E 4 26.07 -18.35 -13.27
N ILE E 5 25.18 -18.75 -12.36
CA ILE E 5 25.49 -18.59 -10.94
C ILE E 5 26.62 -19.52 -10.55
N ILE E 6 26.53 -20.78 -10.97
CA ILE E 6 27.57 -21.74 -10.68
C ILE E 6 28.90 -21.23 -11.21
N GLU E 7 28.90 -20.80 -12.47
CA GLU E 7 30.10 -20.27 -13.11
C GLU E 7 30.71 -19.14 -12.30
N HIS E 8 29.85 -18.19 -11.91
CA HIS E 8 30.30 -17.04 -11.14
C HIS E 8 30.93 -17.45 -9.79
N MSE E 9 30.23 -18.28 -9.03
CA MSE E 9 30.75 -18.70 -7.73
C MSE E 9 32.06 -19.50 -7.87
O MSE E 9 33.01 -19.27 -7.11
CB MSE E 9 29.70 -19.52 -6.97
CG MSE E 9 28.36 -18.79 -6.76
SE MSE E 9 28.56 -16.98 -6.05
CE MSE E 9 27.16 -16.13 -7.10
N ASN E 10 32.09 -20.41 -8.84
CA ASN E 10 33.29 -21.22 -9.06
C ASN E 10 34.46 -20.37 -9.54
N ALA E 11 34.15 -19.19 -10.05
CA ALA E 11 35.19 -18.30 -10.55
C ALA E 11 35.69 -17.31 -9.50
N HIS E 12 34.78 -16.75 -8.70
CA HIS E 12 35.15 -15.75 -7.70
C HIS E 12 34.95 -16.03 -6.21
N HIS E 13 34.43 -17.20 -5.85
CA HIS E 13 34.21 -17.46 -4.43
C HIS E 13 34.66 -18.83 -3.94
N VAL E 14 35.68 -19.39 -4.60
CA VAL E 14 36.17 -20.70 -4.20
C VAL E 14 36.65 -20.66 -2.75
N GLU E 15 37.44 -19.64 -2.41
CA GLU E 15 37.93 -19.53 -1.05
C GLU E 15 36.80 -19.24 -0.06
N ASP E 16 35.81 -18.44 -0.45
CA ASP E 16 34.69 -18.19 0.44
C ASP E 16 33.95 -19.51 0.69
N MSE E 17 33.75 -20.31 -0.36
CA MSE E 17 33.06 -21.58 -0.21
C MSE E 17 33.83 -22.53 0.72
O MSE E 17 33.22 -23.27 1.49
CB MSE E 17 32.84 -22.25 -1.57
CG MSE E 17 31.88 -21.49 -2.45
SE MSE E 17 31.33 -22.59 -3.96
CE MSE E 17 32.92 -22.41 -5.04
N LYS E 18 35.17 -22.51 0.62
CA LYS E 18 35.96 -23.35 1.51
C LYS E 18 35.73 -22.85 2.94
N GLY E 19 35.71 -21.52 3.09
CA GLY E 19 35.45 -20.94 4.41
C GLY E 19 34.07 -21.33 4.93
N LEU E 20 33.08 -21.35 4.05
CA LEU E 20 31.72 -21.74 4.46
C LEU E 20 31.71 -23.22 4.87
N LEU E 21 32.43 -24.06 4.11
CA LEU E 21 32.45 -25.47 4.44
C LEU E 21 33.02 -25.67 5.85
N LYS E 22 34.07 -24.94 6.17
CA LYS E 22 34.68 -25.07 7.47
C LYS E 22 33.81 -24.47 8.57
N LYS E 23 33.35 -23.24 8.34
CA LYS E 23 32.53 -22.56 9.34
C LYS E 23 31.21 -23.25 9.66
N PHE E 24 30.43 -23.55 8.64
CA PHE E 24 29.13 -24.15 8.84
C PHE E 24 29.08 -25.67 8.84
N GLY E 25 30.02 -26.33 8.17
CA GLY E 25 29.99 -27.78 8.16
C GLY E 25 31.09 -28.46 8.94
N GLN E 26 32.06 -27.70 9.44
CA GLN E 26 33.23 -28.24 10.14
C GLN E 26 33.94 -29.19 9.16
N VAL E 27 33.88 -28.85 7.88
CA VAL E 27 34.56 -29.63 6.84
C VAL E 27 35.87 -28.89 6.64
N HIS E 28 37.00 -29.52 6.96
CA HIS E 28 38.29 -28.86 6.90
C HIS E 28 39.29 -29.28 5.84
N HIS E 29 39.09 -30.44 5.23
CA HIS E 29 40.05 -30.91 4.24
C HIS E 29 39.34 -31.36 2.96
N ALA E 30 38.38 -30.57 2.51
CA ALA E 30 37.62 -30.91 1.32
C ALA E 30 38.40 -30.61 0.03
N GLU E 31 38.16 -31.43 -0.98
CA GLU E 31 38.80 -31.24 -2.28
C GLU E 31 37.65 -31.07 -3.25
N ASN E 32 37.97 -30.68 -4.47
CA ASN E 32 36.95 -30.57 -5.49
C ASN E 32 35.75 -29.72 -5.06
N VAL E 33 36.01 -28.59 -4.39
CA VAL E 33 34.95 -27.71 -3.92
C VAL E 33 34.32 -26.96 -5.12
N ALA E 34 33.01 -27.03 -5.24
CA ALA E 34 32.32 -26.36 -6.35
C ALA E 34 30.90 -25.99 -5.97
N PHE E 35 30.39 -24.93 -6.56
CA PHE E 35 29.02 -24.52 -6.27
C PHE E 35 28.08 -25.47 -7.01
N LYS E 36 27.14 -26.06 -6.28
CA LYS E 36 26.21 -27.01 -6.87
C LYS E 36 24.83 -26.45 -7.21
N SER E 37 24.22 -25.72 -6.28
CA SER E 37 22.91 -25.15 -6.54
C SER E 37 22.45 -24.14 -5.52
N VAL E 38 21.46 -23.36 -5.91
CA VAL E 38 20.89 -22.36 -5.03
C VAL E 38 19.38 -22.46 -5.23
N ASP E 39 18.61 -22.30 -4.15
CA ASP E 39 17.16 -22.33 -4.25
C ASP E 39 16.62 -21.24 -3.31
N SER E 40 15.30 -21.13 -3.21
CA SER E 40 14.72 -20.08 -2.39
C SER E 40 15.18 -20.07 -0.93
N GLN E 41 15.54 -21.24 -0.39
CA GLN E 41 15.92 -21.33 1.01
C GLN E 41 17.41 -21.54 1.33
N GLY E 42 18.24 -21.76 0.31
CA GLY E 42 19.66 -21.97 0.60
C GLY E 42 20.50 -22.34 -0.60
N ILE E 43 21.77 -22.67 -0.31
CA ILE E 43 22.72 -23.07 -1.34
C ILE E 43 23.28 -24.43 -1.01
N VAL E 44 23.85 -25.09 -2.01
CA VAL E 44 24.45 -26.41 -1.80
C VAL E 44 25.84 -26.37 -2.39
N ILE E 45 26.84 -26.70 -1.59
CA ILE E 45 28.24 -26.72 -2.00
C ILE E 45 28.63 -28.19 -2.16
N GLY E 46 29.20 -28.55 -3.30
CA GLY E 46 29.59 -29.94 -3.48
C GLY E 46 31.07 -30.05 -3.18
N TYR E 47 31.51 -31.20 -2.68
CA TYR E 47 32.92 -31.37 -2.38
C TYR E 47 33.29 -32.84 -2.42
N ASN E 48 34.59 -33.11 -2.47
CA ASN E 48 35.08 -34.47 -2.56
C ASN E 48 34.40 -35.18 -3.73
N ASN E 49 34.28 -36.50 -3.62
CA ASN E 49 33.71 -37.32 -4.68
C ASN E 49 32.21 -37.20 -4.96
N ASN E 50 31.42 -37.22 -3.90
CA ASN E 50 29.96 -37.20 -4.06
C ASN E 50 29.26 -36.60 -2.83
N GLN E 51 29.92 -35.67 -2.16
CA GLN E 51 29.33 -35.07 -0.94
C GLN E 51 28.90 -33.62 -1.13
N THR E 52 28.04 -33.15 -0.24
CA THR E 52 27.59 -31.77 -0.32
C THR E 52 27.32 -31.26 1.09
N LEU E 53 27.25 -29.94 1.19
CA LEU E 53 26.91 -29.25 2.44
C LEU E 53 25.84 -28.26 2.02
N ARG E 54 24.68 -28.31 2.66
CA ARG E 54 23.63 -27.33 2.37
C ARG E 54 23.73 -26.26 3.45
N ILE E 55 23.60 -25.00 3.05
CA ILE E 55 23.64 -23.87 3.98
C ILE E 55 22.42 -23.02 3.69
N GLU E 56 21.51 -22.91 4.66
CA GLU E 56 20.30 -22.12 4.46
C GLU E 56 20.52 -20.62 4.61
N PHE E 57 19.75 -19.85 3.86
CA PHE E 57 19.79 -18.41 3.94
C PHE E 57 19.05 -18.09 5.25
N ASN E 58 19.25 -16.90 5.81
CA ASN E 58 18.55 -16.58 7.06
C ASN E 58 17.11 -16.09 6.78
N HIS E 59 16.71 -16.10 5.52
CA HIS E 59 15.35 -15.69 5.14
C HIS E 59 15.06 -16.30 3.79
N GLU E 60 13.78 -16.44 3.44
CA GLU E 60 13.46 -17.01 2.14
C GLU E 60 13.64 -15.97 1.04
N VAL E 61 14.31 -16.37 -0.05
CA VAL E 61 14.57 -15.46 -1.16
C VAL E 61 13.45 -15.68 -2.17
N LYS E 62 12.46 -14.80 -2.12
CA LYS E 62 11.27 -14.86 -2.95
C LYS E 62 11.45 -14.81 -4.47
N ASP E 63 12.24 -13.88 -4.97
CA ASP E 63 12.43 -13.79 -6.41
C ASP E 63 13.75 -14.38 -6.88
N PRO E 64 13.70 -15.39 -7.75
CA PRO E 64 14.92 -16.03 -8.27
C PRO E 64 15.97 -15.06 -8.81
N LYS E 65 15.57 -13.85 -9.15
CA LYS E 65 16.54 -12.89 -9.67
C LYS E 65 17.49 -12.42 -8.57
N ASP E 66 17.14 -12.68 -7.31
CA ASP E 66 17.97 -12.29 -6.18
C ASP E 66 18.82 -13.43 -5.63
N TYR E 67 18.74 -14.61 -6.26
CA TYR E 67 19.53 -15.75 -5.79
C TYR E 67 21.03 -15.48 -5.82
N LYS E 68 21.48 -14.85 -6.91
CA LYS E 68 22.90 -14.56 -7.04
C LYS E 68 23.42 -13.67 -5.91
N ASN E 69 22.74 -12.56 -5.64
CA ASN E 69 23.17 -11.67 -4.57
C ASN E 69 23.05 -12.28 -3.19
N ALA E 70 22.02 -13.08 -2.96
CA ALA E 70 21.84 -13.70 -1.66
C ALA E 70 23.02 -14.63 -1.46
N THR E 71 23.36 -15.35 -2.53
CA THR E 71 24.48 -16.28 -2.52
C THR E 71 25.81 -15.57 -2.29
N ILE E 72 26.03 -14.46 -2.98
CA ILE E 72 27.27 -13.72 -2.80
C ILE E 72 27.32 -13.17 -1.37
N GLU E 73 26.17 -12.74 -0.87
CA GLU E 73 26.08 -12.20 0.48
C GLU E 73 26.52 -13.24 1.48
N LEU E 74 26.03 -14.47 1.31
CA LEU E 74 26.39 -15.57 2.21
C LEU E 74 27.89 -15.88 2.12
N CYS E 75 28.42 -15.94 0.90
CA CYS E 75 29.85 -16.20 0.73
C CYS E 75 30.69 -15.10 1.40
N GLN E 76 30.29 -13.85 1.20
CA GLN E 76 31.04 -12.74 1.75
C GLN E 76 30.91 -12.60 3.28
N SER E 77 29.90 -13.25 3.84
CA SER E 77 29.67 -13.17 5.27
C SER E 77 30.81 -13.73 6.10
N VAL E 78 31.55 -14.68 5.53
CA VAL E 78 32.66 -15.30 6.27
C VAL E 78 33.68 -14.26 6.73
N GLU E 79 34.15 -13.45 5.79
CA GLU E 79 35.11 -12.40 6.11
C GLU E 79 34.47 -11.19 6.75
N LYS E 80 33.23 -10.87 6.38
CA LYS E 80 32.59 -9.70 6.99
C LYS E 80 32.36 -9.90 8.48
N THR E 81 32.31 -11.16 8.88
CA THR E 81 32.09 -11.47 10.29
C THR E 81 33.21 -10.83 11.12
N HIS E 82 34.38 -10.74 10.51
CA HIS E 82 35.56 -10.25 11.21
C HIS E 82 35.80 -8.75 11.23
N ASP E 83 34.94 -8.00 10.54
CA ASP E 83 35.05 -6.54 10.49
C ASP E 83 34.49 -5.97 11.78
N LEU E 84 35.30 -5.98 12.83
CA LEU E 84 34.90 -5.50 14.16
C LEU E 84 34.56 -4.01 14.21
N LYS E 85 35.23 -3.19 13.39
CA LYS E 85 34.88 -1.77 13.37
C LYS E 85 33.45 -1.63 12.81
N GLY E 86 33.12 -2.45 11.82
CA GLY E 86 31.79 -2.42 11.24
C GLY E 86 30.78 -2.90 12.29
N VAL E 87 31.15 -3.90 13.07
CA VAL E 87 30.24 -4.40 14.08
C VAL E 87 30.07 -3.34 15.19
N GLU E 88 31.15 -2.63 15.52
CA GLU E 88 31.07 -1.58 16.54
C GLU E 88 30.03 -0.54 16.08
N GLU E 89 30.05 -0.22 14.79
CA GLU E 89 29.09 0.72 14.20
C GLU E 89 27.66 0.14 14.25
N GLU E 90 27.53 -1.15 13.98
CA GLU E 90 26.20 -1.79 14.02
C GLU E 90 25.61 -1.76 15.42
N VAL E 91 26.45 -2.00 16.42
CA VAL E 91 26.02 -2.00 17.81
C VAL E 91 25.49 -0.62 18.20
N LYS E 92 26.24 0.40 17.80
CA LYS E 92 25.85 1.77 18.09
C LYS E 92 24.51 2.10 17.46
N ALA E 93 24.37 1.77 16.19
CA ALA E 93 23.14 2.07 15.46
C ALA E 93 21.96 1.23 15.98
N PHE E 94 22.25 -0.02 16.34
CA PHE E 94 21.21 -0.90 16.85
C PHE E 94 20.60 -0.30 18.11
N LYS E 95 21.43 0.13 19.05
CA LYS E 95 20.95 0.72 20.30
C LYS E 95 20.15 1.99 20.08
N GLU E 96 20.56 2.79 19.10
CA GLU E 96 19.86 4.03 18.76
C GLU E 96 18.48 3.79 18.15
N GLY E 97 18.25 2.58 17.64
CA GLY E 97 16.98 2.23 17.04
C GLY E 97 15.87 1.86 18.04
N PHE E 98 16.16 1.94 19.34
CA PHE E 98 15.17 1.60 20.37
C PHE E 98 14.85 2.70 21.36
N ASP E 99 13.62 2.68 21.86
CA ASP E 99 13.22 3.60 22.92
C ASP E 99 12.73 2.79 24.12
N SER E 100 13.08 1.50 24.13
CA SER E 100 12.72 0.63 25.24
C SER E 100 13.59 -0.63 25.19
N VAL E 101 13.69 -1.32 26.31
CA VAL E 101 14.49 -2.55 26.37
C VAL E 101 13.81 -3.58 27.25
N CYS E 102 14.27 -4.83 27.12
CA CYS E 102 13.77 -5.92 27.94
C CYS E 102 14.71 -6.07 29.12
N LEU E 103 14.18 -6.58 30.23
CA LEU E 103 14.95 -6.74 31.45
C LEU E 103 14.74 -8.05 32.15
N ALA E 104 15.79 -8.49 32.84
CA ALA E 104 15.67 -9.64 33.74
C ALA E 104 16.11 -9.07 35.09
N THR E 105 15.29 -9.22 36.11
CA THR E 105 15.66 -8.74 37.46
C THR E 105 15.37 -9.89 38.44
N LEU E 106 15.89 -9.77 39.67
CA LEU E 106 15.67 -10.81 40.66
C LEU E 106 14.81 -10.18 41.75
N HIS E 107 13.57 -10.61 41.85
CA HIS E 107 12.65 -10.03 42.84
C HIS E 107 13.00 -10.49 44.25
N PRO E 108 12.68 -9.67 45.27
CA PRO E 108 12.99 -10.06 46.66
C PRO E 108 12.37 -11.44 47.02
N ASN E 109 11.34 -11.86 46.31
CA ASN E 109 10.74 -13.16 46.62
C ASN E 109 11.54 -14.32 46.06
N GLY E 110 12.67 -14.01 45.40
CA GLY E 110 13.55 -15.03 44.85
C GLY E 110 13.27 -15.44 43.42
N HIS E 111 12.14 -14.99 42.89
CA HIS E 111 11.76 -15.36 41.54
C HIS E 111 12.31 -14.38 40.54
N VAL E 112 12.74 -14.87 39.38
CA VAL E 112 13.25 -13.98 38.34
C VAL E 112 12.03 -13.29 37.73
N VAL E 113 12.26 -12.12 37.16
CA VAL E 113 11.20 -11.34 36.53
C VAL E 113 11.64 -10.95 35.13
N CYS E 114 10.78 -11.18 34.14
CA CYS E 114 11.11 -10.80 32.77
C CYS E 114 10.14 -9.68 32.45
N SER E 115 10.66 -8.50 32.14
CA SER E 115 9.80 -7.35 31.88
C SER E 115 10.44 -6.42 30.87
N TYR E 116 9.83 -5.24 30.69
CA TYR E 116 10.43 -4.27 29.77
C TYR E 116 10.26 -2.88 30.33
N ALA E 117 11.10 -1.95 29.88
CA ALA E 117 10.99 -0.58 30.36
C ALA E 117 11.43 0.42 29.29
N PRO E 118 10.89 1.65 29.34
CA PRO E 118 11.26 2.72 28.39
C PRO E 118 12.75 3.00 28.64
N LEU E 119 13.47 3.29 27.55
CA LEU E 119 14.91 3.56 27.57
C LEU E 119 15.15 5.03 27.22
N MSE E 120 16.04 5.68 27.97
CA MSE E 120 16.39 7.09 27.74
C MSE E 120 17.92 7.19 27.76
O MSE E 120 18.60 6.26 28.17
CB MSE E 120 15.82 7.96 28.87
CG MSE E 120 14.35 7.75 29.03
SE MSE E 120 13.59 9.04 30.22
CE MSE E 120 11.73 8.43 30.03
N SER E 121 18.45 8.31 27.32
CA SER E 121 19.89 8.43 27.31
C SER E 121 20.38 9.86 27.25
N ASP E 122 21.61 10.06 27.69
CA ASP E 122 22.25 11.37 27.60
C ASP E 122 23.56 10.99 27.00
N GLY E 123 23.60 10.98 25.68
CA GLY E 123 24.81 10.61 24.98
C GLY E 123 25.15 9.15 25.17
N LYS E 124 26.22 8.90 25.90
CA LYS E 124 26.69 7.53 26.13
C LYS E 124 26.01 6.82 27.30
N GLN E 125 25.39 7.60 28.19
CA GLN E 125 24.74 7.03 29.36
C GLN E 125 23.32 6.62 29.05
N TYR E 126 22.95 5.37 29.37
CA TYR E 126 21.59 4.89 29.15
C TYR E 126 20.87 4.80 30.50
N TYR E 127 19.54 4.87 30.46
CA TYR E 127 18.74 4.83 31.68
C TYR E 127 17.43 4.14 31.33
N ILE E 128 16.69 3.72 32.36
CA ILE E 128 15.35 3.21 32.16
C ILE E 128 14.49 4.04 33.10
N TYR E 129 13.20 4.08 32.84
CA TYR E 129 12.29 4.86 33.66
C TYR E 129 11.17 3.88 34.04
N VAL E 130 11.07 3.60 35.33
CA VAL E 130 10.13 2.60 35.83
C VAL E 130 9.40 3.03 37.09
N SER E 131 8.23 2.43 37.30
CA SER E 131 7.38 2.73 38.45
C SER E 131 7.44 1.75 39.62
N GLU E 132 7.27 2.27 40.83
CA GLU E 132 7.26 1.41 42.01
C GLU E 132 6.07 0.43 41.95
N VAL E 133 5.09 0.72 41.11
CA VAL E 133 3.92 -0.15 40.98
C VAL E 133 4.19 -1.45 40.23
N ALA E 134 5.25 -1.46 39.42
CA ALA E 134 5.61 -2.63 38.62
C ALA E 134 6.49 -3.62 39.37
N GLU E 135 6.33 -4.91 39.04
CA GLU E 135 7.11 -5.97 39.69
C GLU E 135 8.64 -5.86 39.56
N HIS E 136 9.13 -5.24 38.48
CA HIS E 136 10.58 -5.16 38.37
C HIS E 136 11.22 -4.13 39.28
N PHE E 137 10.40 -3.24 39.84
CA PHE E 137 10.98 -2.22 40.70
C PHE E 137 11.66 -2.83 41.92
N ALA E 138 11.01 -3.80 42.57
CA ALA E 138 11.60 -4.37 43.79
C ALA E 138 12.96 -5.01 43.55
N GLY E 139 13.12 -5.66 42.39
CA GLY E 139 14.41 -6.29 42.08
C GLY E 139 15.45 -5.24 41.74
N LEU E 140 15.02 -4.19 41.06
CA LEU E 140 15.95 -3.11 40.73
C LEU E 140 16.42 -2.38 42.00
N LYS E 141 15.55 -2.31 42.98
CA LYS E 141 15.89 -1.65 44.23
C LYS E 141 16.75 -2.54 45.14
N ASN E 142 16.31 -3.78 45.33
CA ASN E 142 16.99 -4.73 46.22
C ASN E 142 18.19 -5.47 45.65
N ASN E 143 18.17 -5.74 44.35
CA ASN E 143 19.28 -6.47 43.70
C ASN E 143 19.72 -5.66 42.49
N PRO E 144 20.13 -4.41 42.74
CA PRO E 144 20.57 -3.48 41.71
C PRO E 144 21.71 -3.90 40.83
N HIS E 145 22.54 -4.82 41.30
CA HIS E 145 23.67 -5.27 40.50
C HIS E 145 23.47 -6.67 39.92
N ASN E 146 22.24 -7.14 39.94
CA ASN E 146 21.94 -8.44 39.36
C ASN E 146 20.81 -8.18 38.38
N VAL E 147 21.19 -7.65 37.22
CA VAL E 147 20.22 -7.26 36.21
C VAL E 147 20.81 -7.50 34.82
N GLU E 148 20.00 -7.92 33.87
CA GLU E 148 20.47 -8.04 32.51
C GLU E 148 19.51 -7.24 31.65
N VAL E 149 20.06 -6.44 30.74
CA VAL E 149 19.27 -5.61 29.86
C VAL E 149 19.43 -6.18 28.45
N MSE E 150 18.32 -6.28 27.72
CA MSE E 150 18.36 -6.78 26.36
C MSE E 150 17.70 -5.87 25.37
O MSE E 150 16.55 -5.47 25.59
CB MSE E 150 17.64 -8.13 26.24
CG MSE E 150 17.55 -8.62 24.80
SE MSE E 150 16.94 -10.43 24.59
CE MSE E 150 15.14 -10.18 25.34
N PHE E 151 18.43 -5.51 24.31
CA PHE E 151 17.91 -4.74 23.18
C PHE E 151 17.56 -5.90 22.21
N LEU E 152 16.26 -6.10 21.95
CA LEU E 152 15.82 -7.17 21.08
C LEU E 152 15.09 -6.65 19.84
N GLU E 153 15.55 -7.07 18.66
CA GLU E 153 14.91 -6.63 17.43
C GLU E 153 13.45 -7.08 17.38
N ASP E 154 12.57 -6.22 16.87
CA ASP E 154 11.17 -6.56 16.73
C ASP E 154 11.03 -7.81 15.89
N GLU E 155 10.12 -8.69 16.28
CA GLU E 155 9.94 -9.92 15.55
C GLU E 155 9.50 -9.63 14.11
N SER E 156 8.71 -8.58 13.94
CA SER E 156 8.22 -8.25 12.60
C SER E 156 9.29 -7.61 11.70
N LYS E 157 10.45 -7.25 12.26
CA LYS E 157 11.52 -6.67 11.45
C LYS E 157 12.66 -7.67 11.23
N ALA E 158 12.71 -8.71 12.07
CA ALA E 158 13.76 -9.72 12.02
C ALA E 158 13.74 -10.64 10.80
N LYS E 159 14.90 -11.24 10.52
CA LYS E 159 15.03 -12.16 9.41
C LYS E 159 14.07 -13.32 9.61
N SER E 160 13.97 -13.82 10.86
CA SER E 160 13.05 -14.91 11.17
C SER E 160 12.85 -15.01 12.68
N ALA E 161 11.98 -15.91 13.11
CA ALA E 161 11.72 -16.10 14.53
C ALA E 161 12.94 -16.60 15.29
N ILE E 162 13.82 -17.32 14.60
CA ILE E 162 14.99 -17.89 15.26
C ILE E 162 16.22 -16.98 15.17
N LEU E 163 16.08 -15.89 14.42
CA LEU E 163 17.16 -14.93 14.31
C LEU E 163 16.71 -13.50 14.51
N ARG E 164 16.34 -13.17 15.74
CA ARG E 164 16.01 -11.78 16.07
C ARG E 164 17.35 -11.27 16.60
N LYS E 165 17.86 -10.18 16.03
CA LYS E 165 19.13 -9.65 16.49
C LYS E 165 18.94 -9.22 17.91
N ARG E 166 19.98 -9.37 18.72
CA ARG E 166 19.84 -9.02 20.13
C ARG E 166 21.19 -8.56 20.69
N LEU E 167 21.14 -7.63 21.64
CA LEU E 167 22.32 -7.10 22.31
C LEU E 167 21.97 -7.16 23.79
N ARG E 168 22.74 -7.94 24.55
CA ARG E 168 22.47 -8.16 25.96
C ARG E 168 23.66 -7.74 26.82
N TYR E 169 23.38 -7.06 27.92
CA TYR E 169 24.44 -6.66 28.86
C TYR E 169 24.15 -6.99 30.31
N LYS E 170 25.13 -7.56 31.01
CA LYS E 170 24.98 -7.74 32.45
C LYS E 170 25.13 -6.27 32.87
N THR E 171 24.25 -5.82 33.74
CA THR E 171 24.21 -4.41 34.09
C THR E 171 24.17 -4.09 35.57
N ASN E 172 24.87 -3.02 35.97
CA ASN E 172 24.77 -2.55 37.36
C ASN E 172 23.88 -1.32 37.24
N THR E 173 22.91 -1.18 38.13
CA THR E 173 22.00 -0.04 38.05
C THR E 173 22.05 0.85 39.28
N ARG E 174 21.60 2.09 39.13
CA ARG E 174 21.60 3.02 40.26
C ARG E 174 20.53 4.08 40.01
N PHE E 175 19.91 4.56 41.08
CA PHE E 175 18.86 5.55 40.94
C PHE E 175 19.39 6.97 40.71
N ILE E 176 18.70 7.70 39.85
CA ILE E 176 19.03 9.08 39.56
C ILE E 176 17.93 9.93 40.19
N GLU E 177 18.32 10.92 40.99
CA GLU E 177 17.34 11.79 41.64
C GLU E 177 16.84 12.78 40.60
N ARG E 178 15.68 13.39 40.83
CA ARG E 178 15.21 14.37 39.87
C ARG E 178 16.16 15.54 39.95
N GLY E 179 16.29 16.26 38.84
CA GLY E 179 17.21 17.38 38.77
C GLY E 179 17.72 17.54 37.36
N ALA E 180 18.91 18.14 37.23
CA ALA E 180 19.51 18.42 35.93
C ALA E 180 19.79 17.21 35.05
N GLU E 181 20.39 16.18 35.63
CA GLU E 181 20.70 14.98 34.87
C GLU E 181 19.38 14.32 34.43
N PHE E 182 18.41 14.31 35.33
CA PHE E 182 17.11 13.71 35.05
C PHE E 182 16.45 14.44 33.87
N ASP E 183 16.44 15.76 33.93
CA ASP E 183 15.79 16.53 32.87
C ASP E 183 16.48 16.42 31.52
N LYS E 184 17.80 16.31 31.54
CA LYS E 184 18.55 16.18 30.30
C LYS E 184 18.13 14.91 29.58
N ALA E 185 18.05 13.81 30.31
CA ALA E 185 17.67 12.53 29.74
C ALA E 185 16.20 12.52 29.30
N PHE E 186 15.31 13.04 30.15
CA PHE E 186 13.89 13.05 29.84
C PHE E 186 13.59 13.99 28.67
N ASP E 187 14.21 15.16 28.65
CA ASP E 187 13.99 16.08 27.53
C ASP E 187 14.48 15.42 26.23
N SER E 188 15.62 14.73 26.27
CA SER E 188 16.13 14.05 25.07
C SER E 188 15.15 12.97 24.59
N PHE E 189 14.52 12.27 25.54
CA PHE E 189 13.54 11.22 25.23
C PHE E 189 12.31 11.86 24.55
N ILE E 190 11.85 12.99 25.09
CA ILE E 190 10.70 13.65 24.50
C ILE E 190 11.06 14.10 23.08
N GLU E 191 12.25 14.67 22.91
CA GLU E 191 12.68 15.12 21.60
C GLU E 191 12.74 13.96 20.60
N LYS E 192 13.32 12.85 21.02
CA LYS E 192 13.46 11.71 20.13
C LYS E 192 12.16 11.01 19.78
N THR E 193 11.32 10.79 20.78
CA THR E 193 10.07 10.07 20.54
C THR E 193 8.92 10.92 20.00
N GLY E 194 9.00 12.23 20.19
CA GLY E 194 7.89 13.07 19.77
C GLY E 194 7.12 13.46 21.04
N GLY E 195 7.32 12.70 22.12
CA GLY E 195 6.67 13.05 23.39
C GLY E 195 5.18 12.81 23.59
N ALA E 196 4.52 12.11 22.68
CA ALA E 196 3.08 11.86 22.84
C ALA E 196 2.78 10.52 23.54
N GLY E 197 1.52 10.30 23.86
CA GLY E 197 1.09 9.01 24.39
C GLY E 197 1.15 8.69 25.88
N GLY E 198 1.35 9.72 26.70
CA GLY E 198 1.41 9.49 28.12
C GLY E 198 2.77 9.78 28.69
N ILE E 199 3.77 9.94 27.81
CA ILE E 199 5.13 10.25 28.26
C ILE E 199 5.19 11.50 29.17
N LYS E 200 4.42 12.53 28.83
CA LYS E 200 4.39 13.74 29.61
C LYS E 200 3.72 13.52 30.97
N THR E 201 2.71 12.66 30.99
CA THR E 201 2.03 12.36 32.26
C THR E 201 2.96 11.60 33.22
N ILE E 202 3.64 10.55 32.73
CA ILE E 202 4.48 9.80 33.67
C ILE E 202 5.70 10.57 34.16
N ARG E 203 6.08 11.63 33.45
CA ARG E 203 7.22 12.42 33.90
C ARG E 203 6.90 13.03 35.28
N ALA E 204 5.64 13.40 35.48
CA ALA E 204 5.24 14.03 36.73
C ALA E 204 4.86 13.05 37.85
N MSE E 205 4.71 11.78 37.51
CA MSE E 205 4.32 10.78 38.50
C MSE E 205 5.54 10.40 39.34
O MSE E 205 6.48 9.80 38.85
CB MSE E 205 3.75 9.56 37.79
CG MSE E 205 2.46 9.88 37.10
SE MSE E 205 1.76 8.40 36.09
CE MSE E 205 -0.11 8.66 36.46
N GLN E 206 5.49 10.76 40.63
CA GLN E 206 6.61 10.55 41.53
C GLN E 206 6.90 9.10 41.91
N ASP E 207 6.03 8.17 41.54
CA ASP E 207 6.28 6.75 41.81
C ASP E 207 7.23 6.21 40.73
N PHE E 208 7.51 7.03 39.71
CA PHE E 208 8.44 6.61 38.66
C PHE E 208 9.83 7.13 38.98
N HIS E 209 10.84 6.34 38.65
CA HIS E 209 12.25 6.68 38.89
C HIS E 209 13.09 6.44 37.66
N LEU E 210 14.03 7.36 37.42
CA LEU E 210 14.98 7.24 36.33
C LEU E 210 16.13 6.40 36.94
N ILE E 211 16.56 5.36 36.24
CA ILE E 211 17.61 4.50 36.77
C ILE E 211 18.72 4.39 35.74
N ALA E 212 19.94 4.73 36.13
CA ALA E 212 21.05 4.64 35.19
C ALA E 212 21.50 3.20 34.99
N LEU E 213 21.84 2.86 33.76
CA LEU E 213 22.34 1.53 33.42
C LEU E 213 23.83 1.64 33.17
N ASP E 214 24.64 0.87 33.92
CA ASP E 214 26.08 0.85 33.73
C ASP E 214 26.38 -0.55 33.18
N PHE E 215 26.57 -0.63 31.87
CA PHE E 215 26.81 -1.90 31.20
C PHE E 215 28.16 -2.51 31.50
N LYS E 216 28.15 -3.82 31.71
CA LYS E 216 29.37 -4.58 31.96
C LYS E 216 29.53 -5.46 30.72
N GLU E 217 29.71 -6.77 30.89
CA GLU E 217 29.90 -7.68 29.77
C GLU E 217 28.66 -7.70 28.88
N GLY E 218 28.88 -7.73 27.57
CA GLY E 218 27.76 -7.80 26.65
C GLY E 218 27.91 -8.89 25.62
N ARG E 219 26.80 -9.25 24.98
CA ARG E 219 26.79 -10.28 23.94
C ARG E 219 25.89 -9.74 22.83
N PHE E 220 26.42 -9.68 21.60
CA PHE E 220 25.69 -9.19 20.43
C PHE E 220 25.57 -10.32 19.41
N VAL E 221 24.36 -10.60 18.97
CA VAL E 221 24.17 -11.61 17.96
C VAL E 221 23.44 -10.99 16.78
N LYS E 222 24.07 -11.01 15.60
CA LYS E 222 23.46 -10.42 14.42
C LYS E 222 23.20 -11.37 13.27
N GLY E 223 23.64 -12.62 13.41
CA GLY E 223 23.44 -13.58 12.35
C GLY E 223 23.96 -14.92 12.80
N PHE E 224 23.74 -15.96 12.00
CA PHE E 224 24.20 -17.28 12.37
C PHE E 224 25.72 -17.27 12.34
N GLY E 225 26.35 -17.73 13.41
CA GLY E 225 27.80 -17.71 13.42
C GLY E 225 28.35 -16.30 13.46
N GLN E 226 27.55 -15.35 13.93
CA GLN E 226 27.97 -13.97 14.05
C GLN E 226 27.59 -13.43 15.43
N ALA E 227 28.20 -14.01 16.47
CA ALA E 227 28.00 -13.60 17.86
C ALA E 227 29.31 -12.96 18.34
N TYR E 228 29.18 -11.94 19.18
CA TYR E 228 30.33 -11.22 19.66
C TYR E 228 30.24 -10.90 21.14
N ASP E 229 31.38 -10.92 21.83
CA ASP E 229 31.40 -10.53 23.24
C ASP E 229 31.86 -9.07 23.25
N ILE E 230 31.36 -8.31 24.21
CA ILE E 230 31.66 -6.90 24.35
C ILE E 230 32.00 -6.50 25.79
N LEU E 231 33.00 -5.66 25.96
CA LEU E 231 33.34 -5.20 27.31
C LEU E 231 33.90 -3.81 27.11
N GLY E 232 33.21 -2.81 27.66
CA GLY E 232 33.67 -1.45 27.47
C GLY E 232 33.65 -1.18 25.98
N ASP E 233 34.76 -0.67 25.43
CA ASP E 233 34.80 -0.39 24.01
C ASP E 233 35.41 -1.53 23.19
N LYS E 234 35.69 -2.66 23.83
CA LYS E 234 36.30 -3.81 23.14
C LYS E 234 35.27 -4.88 22.70
N ILE E 235 35.41 -5.36 21.47
CA ILE E 235 34.52 -6.38 20.90
C ILE E 235 35.36 -7.53 20.36
N ALA E 236 34.87 -8.75 20.54
CA ALA E 236 35.60 -9.92 20.07
C ALA E 236 34.60 -10.92 19.49
N TYR E 237 34.98 -11.51 18.36
CA TYR E 237 34.14 -12.53 17.74
C TYR E 237 34.20 -13.79 18.58
N VAL E 238 33.07 -14.46 18.76
CA VAL E 238 33.03 -15.67 19.56
C VAL E 238 33.29 -17.02 18.81
N GLY E 239 33.06 -17.06 17.51
CA GLY E 239 33.25 -18.33 16.81
C GLY E 239 34.49 -18.69 15.99
N ASP E 240 35.68 -18.36 16.49
CA ASP E 240 36.87 -18.68 15.71
C ASP E 240 36.98 -20.19 15.43
N LYS E 241 36.37 -21.00 16.29
CA LYS E 241 36.42 -22.46 16.14
C LYS E 241 35.29 -23.01 15.29
N GLY E 242 34.53 -22.12 14.65
CA GLY E 242 33.44 -22.57 13.80
C GLY E 242 32.27 -23.16 14.58
N ASN E 243 31.29 -23.66 13.82
CA ASN E 243 30.07 -24.24 14.36
C ASN E 243 30.23 -25.03 15.68
N PRO E 244 29.67 -24.50 16.80
CA PRO E 244 29.75 -25.14 18.12
C PRO E 244 28.57 -26.08 18.35
N HIS E 245 27.60 -26.02 17.45
CA HIS E 245 26.41 -26.85 17.55
C HIS E 245 26.75 -28.31 17.27
N ASN E 246 25.83 -29.20 17.60
CA ASN E 246 26.03 -30.64 17.44
C ASN E 246 27.25 -31.12 18.24
N PHE E 247 27.50 -30.44 19.35
CA PHE E 247 28.58 -30.80 20.25
C PHE E 247 29.93 -30.91 19.55
N ALA E 248 30.16 -30.02 18.58
CA ALA E 248 31.39 -30.02 17.81
C ALA E 248 32.63 -30.00 18.71
N LEU F 2 -14.55 22.44 17.38
CA LEU F 2 -14.49 21.83 18.75
C LEU F 2 -15.89 21.73 19.35
N ASN F 3 -16.71 22.75 19.09
CA ASN F 3 -18.07 22.79 19.61
C ASN F 3 -18.86 21.51 19.30
N ARG F 4 -18.75 21.04 18.06
CA ARG F 4 -19.44 19.82 17.64
C ARG F 4 -19.03 18.65 18.55
N ILE F 5 -17.73 18.54 18.82
CA ILE F 5 -17.23 17.45 19.67
C ILE F 5 -17.73 17.64 21.10
N ILE F 6 -17.66 18.88 21.59
CA ILE F 6 -18.11 19.21 22.93
C ILE F 6 -19.59 18.86 23.17
N GLU F 7 -20.42 19.15 22.18
CA GLU F 7 -21.85 18.86 22.28
C GLU F 7 -22.08 17.35 22.35
N HIS F 8 -21.39 16.62 21.47
CA HIS F 8 -21.55 15.17 21.43
C HIS F 8 -21.16 14.52 22.76
N MSE F 9 -20.01 14.91 23.29
CA MSE F 9 -19.51 14.37 24.56
C MSE F 9 -20.40 14.74 25.75
O MSE F 9 -20.69 13.90 26.61
CB MSE F 9 -18.07 14.83 24.83
CG MSE F 9 -17.04 14.35 23.79
SE MSE F 9 -17.28 12.51 23.18
CE MSE F 9 -16.74 12.78 21.32
N ASN F 10 -20.83 16.00 25.81
CA ASN F 10 -21.69 16.47 26.88
C ASN F 10 -23.10 15.84 26.83
N ALA F 11 -23.51 15.39 25.64
CA ALA F 11 -24.82 14.77 25.49
C ALA F 11 -24.81 13.25 25.69
N HIS F 12 -23.72 12.60 25.33
CA HIS F 12 -23.70 11.13 25.45
C HIS F 12 -22.61 10.51 26.29
N HIS F 13 -21.74 11.32 26.88
CA HIS F 13 -20.64 10.74 27.66
C HIS F 13 -20.33 11.37 29.00
N VAL F 14 -21.34 11.97 29.64
CA VAL F 14 -21.12 12.57 30.94
C VAL F 14 -20.79 11.52 32.00
N GLU F 15 -21.48 10.38 31.95
CA GLU F 15 -21.19 9.34 32.94
C GLU F 15 -19.77 8.83 32.69
N ASP F 16 -19.43 8.67 31.42
CA ASP F 16 -18.10 8.22 31.05
C ASP F 16 -17.03 9.18 31.55
N MSE F 17 -17.30 10.48 31.46
CA MSE F 17 -16.33 11.47 31.92
C MSE F 17 -16.15 11.43 33.43
O MSE F 17 -15.06 11.65 33.93
CB MSE F 17 -16.72 12.88 31.47
CG MSE F 17 -16.62 13.07 29.99
SE MSE F 17 -16.82 14.92 29.44
CE MSE F 17 -18.79 14.99 29.52
N LYS F 18 -17.23 11.15 34.17
CA LYS F 18 -17.10 11.06 35.60
C LYS F 18 -16.21 9.84 35.88
N GLY F 19 -16.42 8.78 35.10
CA GLY F 19 -15.62 7.57 35.26
C GLY F 19 -14.15 7.84 35.02
N LEU F 20 -13.85 8.68 34.03
CA LEU F 20 -12.46 9.05 33.70
C LEU F 20 -11.87 9.89 34.81
N LEU F 21 -12.65 10.85 35.30
CA LEU F 21 -12.18 11.71 36.38
C LEU F 21 -11.78 10.86 37.58
N LYS F 22 -12.62 9.89 37.92
CA LYS F 22 -12.33 9.04 39.06
C LYS F 22 -11.13 8.10 38.81
N LYS F 23 -11.13 7.45 37.67
CA LYS F 23 -10.06 6.51 37.35
C LYS F 23 -8.69 7.13 37.19
N PHE F 24 -8.59 8.13 36.31
CA PHE F 24 -7.30 8.77 36.02
C PHE F 24 -6.92 9.94 36.89
N GLY F 25 -7.90 10.60 37.50
CA GLY F 25 -7.57 11.73 38.34
C GLY F 25 -7.82 11.53 39.84
N GLN F 26 -8.45 10.42 40.21
CA GLN F 26 -8.79 10.16 41.62
C GLN F 26 -9.68 11.31 42.11
N VAL F 27 -10.49 11.82 41.19
CA VAL F 27 -11.43 12.89 41.48
C VAL F 27 -12.77 12.18 41.67
N HIS F 28 -13.19 12.05 42.93
CA HIS F 28 -14.42 11.31 43.25
C HIS F 28 -15.71 12.07 43.47
N HIS F 29 -15.62 13.34 43.85
CA HIS F 29 -16.83 14.11 44.08
C HIS F 29 -16.88 15.35 43.19
N ALA F 30 -16.78 15.10 41.89
CA ALA F 30 -16.79 16.19 40.92
C ALA F 30 -18.20 16.55 40.54
N GLU F 31 -18.45 17.84 40.35
CA GLU F 31 -19.75 18.32 39.93
C GLU F 31 -19.50 19.16 38.69
N ASN F 32 -20.58 19.55 38.03
CA ASN F 32 -20.45 20.41 36.86
C ASN F 32 -19.44 19.83 35.86
N VAL F 33 -19.56 18.54 35.60
CA VAL F 33 -18.67 17.85 34.68
C VAL F 33 -19.04 18.09 33.22
N ALA F 34 -18.07 18.58 32.42
CA ALA F 34 -18.31 18.83 31.01
C ALA F 34 -17.03 18.69 30.18
N PHE F 35 -17.18 18.34 28.92
CA PHE F 35 -16.04 18.19 28.01
C PHE F 35 -15.54 19.58 27.67
N LYS F 36 -14.24 19.81 27.86
CA LYS F 36 -13.71 21.13 27.58
C LYS F 36 -12.95 21.25 26.26
N SER F 37 -12.05 20.31 25.97
CA SER F 37 -11.31 20.40 24.72
C SER F 37 -10.59 19.11 24.40
N VAL F 38 -10.17 19.02 23.15
CA VAL F 38 -9.42 17.89 22.65
C VAL F 38 -8.34 18.41 21.70
N ASP F 39 -7.17 17.81 21.77
CA ASP F 39 -6.07 18.19 20.88
C ASP F 39 -5.42 16.91 20.42
N SER F 40 -4.35 17.00 19.65
CA SER F 40 -3.71 15.82 19.11
C SER F 40 -3.20 14.84 20.16
N GLN F 41 -2.96 15.31 21.38
CA GLN F 41 -2.41 14.44 22.41
C GLN F 41 -3.32 14.07 23.59
N GLY F 42 -4.51 14.66 23.66
CA GLY F 42 -5.38 14.31 24.76
C GLY F 42 -6.63 15.15 24.88
N ILE F 43 -7.38 14.92 25.95
CA ILE F 43 -8.62 15.66 26.19
C ILE F 43 -8.53 16.38 27.52
N VAL F 44 -9.41 17.35 27.72
CA VAL F 44 -9.43 18.07 28.97
C VAL F 44 -10.88 18.09 29.39
N ILE F 45 -11.12 17.65 30.62
CA ILE F 45 -12.46 17.58 31.19
C ILE F 45 -12.53 18.66 32.27
N GLY F 46 -13.57 19.49 32.21
CA GLY F 46 -13.70 20.51 33.23
C GLY F 46 -14.64 20.00 34.30
N TYR F 47 -14.44 20.44 35.55
CA TYR F 47 -15.29 20.01 36.63
C TYR F 47 -15.28 21.04 37.74
N ASN F 48 -16.29 20.98 38.60
CA ASN F 48 -16.45 21.94 39.66
C ASN F 48 -16.51 23.35 39.08
N ASN F 49 -16.09 24.36 39.83
CA ASN F 49 -16.19 25.74 39.34
C ASN F 49 -15.24 26.15 38.26
N ASN F 50 -13.97 25.79 38.44
CA ASN F 50 -12.92 26.21 37.54
C ASN F 50 -11.77 25.20 37.43
N GLN F 51 -12.04 23.93 37.68
CA GLN F 51 -10.97 22.94 37.59
C GLN F 51 -11.03 22.10 36.33
N THR F 52 -9.90 21.47 35.99
CA THR F 52 -9.87 20.60 34.84
C THR F 52 -8.89 19.46 35.09
N LEU F 53 -9.09 18.39 34.33
CA LEU F 53 -8.18 17.25 34.38
C LEU F 53 -7.86 16.94 32.93
N ARG F 54 -6.58 16.87 32.62
CA ARG F 54 -6.17 16.51 31.27
C ARG F 54 -5.85 15.01 31.27
N ILE F 55 -6.32 14.30 30.25
CA ILE F 55 -6.03 12.87 30.13
C ILE F 55 -5.44 12.66 28.75
N GLU F 56 -4.22 12.14 28.68
CA GLU F 56 -3.59 11.93 27.38
C GLU F 56 -4.04 10.68 26.67
N PHE F 57 -4.11 10.77 25.35
CA PHE F 57 -4.44 9.62 24.51
C PHE F 57 -3.18 8.75 24.57
N ASN F 58 -3.30 7.48 24.22
CA ASN F 58 -2.12 6.60 24.27
C ASN F 58 -1.26 6.68 23.00
N HIS F 59 -1.62 7.59 22.10
CA HIS F 59 -0.87 7.86 20.86
C HIS F 59 -1.30 9.23 20.34
N GLU F 60 -0.49 9.84 19.50
CA GLU F 60 -0.86 11.14 18.97
C GLU F 60 -1.85 10.95 17.85
N VAL F 61 -2.95 11.72 17.88
CA VAL F 61 -3.97 11.63 16.83
C VAL F 61 -3.58 12.72 15.82
N LYS F 62 -2.98 12.26 14.72
CA LYS F 62 -2.44 13.09 13.64
C LYS F 62 -3.40 13.93 12.82
N ASP F 63 -4.65 13.50 12.73
CA ASP F 63 -5.64 14.23 11.94
C ASP F 63 -6.84 14.62 12.80
N PRO F 64 -7.17 15.93 12.85
CA PRO F 64 -8.32 16.35 13.67
C PRO F 64 -9.62 15.59 13.35
N LYS F 65 -9.75 15.06 12.14
CA LYS F 65 -10.98 14.34 11.80
C LYS F 65 -11.15 13.11 12.68
N ASP F 66 -10.08 12.71 13.36
CA ASP F 66 -10.13 11.51 14.19
C ASP F 66 -10.27 11.77 15.69
N TYR F 67 -10.31 13.04 16.08
CA TYR F 67 -10.43 13.40 17.50
C TYR F 67 -11.68 12.80 18.12
N LYS F 68 -12.79 12.85 17.39
CA LYS F 68 -14.04 12.34 17.91
C LYS F 68 -13.96 10.88 18.32
N ASN F 69 -13.50 10.04 17.39
CA ASN F 69 -13.39 8.62 17.65
C ASN F 69 -12.38 8.30 18.74
N ALA F 70 -11.30 9.08 18.82
CA ALA F 70 -10.29 8.85 19.83
C ALA F 70 -10.86 9.22 21.20
N THR F 71 -11.64 10.29 21.23
CA THR F 71 -12.24 10.72 22.48
C THR F 71 -13.26 9.68 22.91
N ILE F 72 -14.08 9.21 21.98
CA ILE F 72 -15.07 8.18 22.32
C ILE F 72 -14.39 6.91 22.82
N GLU F 73 -13.30 6.53 22.18
CA GLU F 73 -12.58 5.33 22.59
C GLU F 73 -12.14 5.50 24.05
N LEU F 74 -11.57 6.66 24.36
CA LEU F 74 -11.11 6.90 25.72
C LEU F 74 -12.27 6.81 26.73
N CYS F 75 -13.42 7.40 26.39
CA CYS F 75 -14.58 7.35 27.28
C CYS F 75 -15.07 5.93 27.52
N GLN F 76 -15.17 5.16 26.45
CA GLN F 76 -15.66 3.79 26.55
C GLN F 76 -14.67 2.81 27.19
N SER F 77 -13.40 3.21 27.24
CA SER F 77 -12.38 2.35 27.84
C SER F 77 -12.69 2.07 29.32
N VAL F 78 -13.37 2.99 30.00
CA VAL F 78 -13.65 2.77 31.41
C VAL F 78 -14.44 1.48 31.61
N GLU F 79 -15.55 1.34 30.90
CA GLU F 79 -16.35 0.14 31.04
C GLU F 79 -15.72 -1.07 30.31
N LYS F 80 -15.09 -0.84 29.17
CA LYS F 80 -14.50 -1.96 28.42
C LYS F 80 -13.40 -2.67 29.20
N THR F 81 -12.81 -1.97 30.16
CA THR F 81 -11.76 -2.51 31.02
C THR F 81 -12.30 -3.73 31.74
N HIS F 82 -13.60 -3.69 32.04
CA HIS F 82 -14.25 -4.77 32.76
C HIS F 82 -14.87 -5.90 31.95
N ASP F 83 -14.65 -5.90 30.63
CA ASP F 83 -15.18 -6.98 29.81
C ASP F 83 -14.15 -8.10 29.86
N LEU F 84 -14.18 -8.90 30.93
CA LEU F 84 -13.21 -9.98 31.10
C LEU F 84 -13.25 -11.05 30.04
N LYS F 85 -14.42 -11.29 29.46
CA LYS F 85 -14.53 -12.29 28.40
C LYS F 85 -13.71 -11.82 27.20
N GLY F 86 -13.87 -10.54 26.86
CA GLY F 86 -13.11 -9.97 25.76
C GLY F 86 -11.61 -9.97 26.06
N VAL F 87 -11.23 -9.68 27.29
CA VAL F 87 -9.80 -9.66 27.64
C VAL F 87 -9.24 -11.08 27.49
N GLU F 88 -10.00 -12.09 27.88
CA GLU F 88 -9.56 -13.47 27.75
C GLU F 88 -9.32 -13.78 26.28
N GLU F 89 -10.20 -13.26 25.42
CA GLU F 89 -10.04 -13.48 23.98
C GLU F 89 -8.79 -12.77 23.49
N GLU F 90 -8.56 -11.56 23.98
CA GLU F 90 -7.38 -10.80 23.59
C GLU F 90 -6.12 -11.54 24.01
N VAL F 91 -6.09 -12.07 25.23
CA VAL F 91 -4.92 -12.81 25.70
C VAL F 91 -4.59 -13.98 24.75
N LYS F 92 -5.62 -14.74 24.40
CA LYS F 92 -5.44 -15.89 23.53
C LYS F 92 -4.87 -15.50 22.17
N ALA F 93 -5.47 -14.47 21.57
CA ALA F 93 -5.02 -14.00 20.27
C ALA F 93 -3.64 -13.36 20.36
N PHE F 94 -3.35 -12.73 21.49
CA PHE F 94 -2.04 -12.08 21.63
C PHE F 94 -0.93 -13.13 21.57
N LYS F 95 -1.09 -14.22 22.31
CA LYS F 95 -0.08 -15.28 22.33
C LYS F 95 0.08 -15.93 20.96
N GLU F 96 -1.02 -16.03 20.23
CA GLU F 96 -0.98 -16.65 18.91
C GLU F 96 -0.31 -15.76 17.85
N GLY F 97 -0.10 -14.49 18.15
CA GLY F 97 0.52 -13.60 17.18
C GLY F 97 2.04 -13.59 17.24
N PHE F 98 2.61 -14.52 18.00
CA PHE F 98 4.06 -14.58 18.13
C PHE F 98 4.67 -15.92 17.80
N ASP F 99 5.94 -15.90 17.37
CA ASP F 99 6.65 -17.14 17.14
C ASP F 99 7.92 -17.15 17.98
N SER F 100 7.96 -16.28 19.00
CA SER F 100 9.13 -16.20 19.88
C SER F 100 8.69 -15.46 21.13
N VAL F 101 9.44 -15.62 22.21
CA VAL F 101 9.13 -14.96 23.48
C VAL F 101 10.41 -14.52 24.17
N CYS F 102 10.27 -13.61 25.14
CA CYS F 102 11.43 -13.16 25.92
C CYS F 102 11.47 -14.01 27.18
N LEU F 103 12.66 -14.16 27.76
CA LEU F 103 12.81 -14.99 28.94
C LEU F 103 13.69 -14.35 30.00
N ALA F 104 13.38 -14.67 31.26
CA ALA F 104 14.26 -14.34 32.38
C ALA F 104 14.51 -15.74 32.98
N THR F 105 15.78 -16.07 33.18
CA THR F 105 16.16 -17.36 33.78
C THR F 105 17.19 -17.04 34.89
N LEU F 106 17.42 -18.00 35.77
CA LEU F 106 18.39 -17.79 36.86
C LEU F 106 19.57 -18.72 36.60
N HIS F 107 20.72 -18.15 36.24
CA HIS F 107 21.88 -18.97 35.93
C HIS F 107 22.42 -19.60 37.22
N PRO F 108 23.02 -20.81 37.13
CA PRO F 108 23.57 -21.45 38.33
C PRO F 108 24.61 -20.58 39.04
N ASN F 109 25.27 -19.70 38.30
CA ASN F 109 26.28 -18.81 38.89
C ASN F 109 25.62 -17.78 39.80
N GLY F 110 24.30 -17.63 39.69
CA GLY F 110 23.59 -16.73 40.57
C GLY F 110 23.00 -15.49 39.93
N HIS F 111 23.42 -15.19 38.72
CA HIS F 111 22.93 -13.99 38.06
C HIS F 111 21.73 -14.29 37.18
N VAL F 112 20.87 -13.29 36.99
CA VAL F 112 19.71 -13.48 36.12
C VAL F 112 20.15 -13.26 34.69
N VAL F 113 19.41 -13.85 33.76
CA VAL F 113 19.72 -13.80 32.35
C VAL F 113 18.48 -13.33 31.60
N CYS F 114 18.63 -12.34 30.72
CA CYS F 114 17.49 -11.86 29.94
C CYS F 114 17.80 -12.28 28.51
N SER F 115 16.95 -13.12 27.93
CA SER F 115 17.17 -13.62 26.58
C SER F 115 15.85 -13.82 25.85
N TYR F 116 15.90 -14.48 24.69
CA TYR F 116 14.69 -14.76 23.95
C TYR F 116 14.82 -16.11 23.27
N ALA F 117 13.69 -16.76 23.02
CA ALA F 117 13.73 -18.04 22.34
C ALA F 117 12.54 -18.20 21.42
N PRO F 118 12.71 -19.02 20.38
CA PRO F 118 11.64 -19.30 19.41
C PRO F 118 10.54 -20.01 20.24
N LEU F 119 9.29 -19.81 19.85
CA LEU F 119 8.13 -20.37 20.54
C LEU F 119 7.35 -21.28 19.59
N MSE F 120 7.00 -22.49 20.06
CA MSE F 120 6.24 -23.48 19.29
C MSE F 120 5.02 -23.93 20.11
O MSE F 120 4.95 -23.73 21.31
CB MSE F 120 7.11 -24.70 19.01
CG MSE F 120 8.40 -24.31 18.38
SE MSE F 120 9.49 -25.80 17.87
CE MSE F 120 10.98 -24.74 17.21
N SER F 121 4.06 -24.56 19.45
CA SER F 121 2.90 -24.99 20.21
C SER F 121 2.19 -26.12 19.49
N ASP F 122 1.49 -26.91 20.30
CA ASP F 122 0.66 -28.01 19.81
C ASP F 122 -0.62 -27.81 20.58
N GLY F 123 -1.59 -27.17 19.93
CA GLY F 123 -2.84 -26.92 20.62
C GLY F 123 -2.59 -25.96 21.76
N LYS F 124 -3.04 -26.30 22.98
CA LYS F 124 -2.84 -25.43 24.15
C LYS F 124 -1.45 -25.53 24.80
N GLN F 125 -0.63 -26.47 24.35
CA GLN F 125 0.69 -26.63 24.94
C GLN F 125 1.73 -25.79 24.21
N TYR F 126 2.38 -24.89 24.94
CA TYR F 126 3.44 -24.06 24.36
C TYR F 126 4.81 -24.63 24.74
N TYR F 127 5.84 -24.30 23.94
CA TYR F 127 7.20 -24.80 24.15
C TYR F 127 8.21 -23.76 23.67
N ILE F 128 9.47 -23.88 24.08
CA ILE F 128 10.50 -23.02 23.50
C ILE F 128 11.54 -24.01 22.99
N TYR F 129 12.43 -23.56 22.11
CA TYR F 129 13.44 -24.44 21.53
C TYR F 129 14.75 -23.67 21.68
N VAL F 130 15.67 -24.23 22.46
CA VAL F 130 16.92 -23.56 22.78
C VAL F 130 18.12 -24.47 22.70
N SER F 131 19.30 -23.86 22.62
CA SER F 131 20.57 -24.60 22.53
C SER F 131 21.42 -24.58 23.79
N GLU F 132 22.14 -25.66 24.04
CA GLU F 132 23.07 -25.76 25.17
C GLU F 132 24.18 -24.72 25.03
N VAL F 133 24.37 -24.19 23.83
CA VAL F 133 25.41 -23.20 23.57
C VAL F 133 25.05 -21.83 24.14
N ALA F 134 23.75 -21.60 24.37
CA ALA F 134 23.29 -20.31 24.88
C ALA F 134 23.22 -20.24 26.41
N GLU F 135 23.46 -19.05 26.94
CA GLU F 135 23.46 -18.84 28.38
C GLU F 135 22.17 -19.18 29.12
N HIS F 136 21.02 -19.05 28.46
CA HIS F 136 19.78 -19.36 29.18
C HIS F 136 19.60 -20.87 29.43
N PHE F 137 20.34 -21.70 28.71
CA PHE F 137 20.20 -23.13 28.89
C PHE F 137 20.52 -23.59 30.31
N ALA F 138 21.61 -23.07 30.89
CA ALA F 138 22.00 -23.47 32.23
C ALA F 138 20.91 -23.18 33.25
N GLY F 139 20.24 -22.04 33.09
CA GLY F 139 19.17 -21.68 34.00
C GLY F 139 17.92 -22.53 33.77
N LEU F 140 17.62 -22.83 32.52
CA LEU F 140 16.46 -23.66 32.22
C LEU F 140 16.71 -25.06 32.76
N LYS F 141 17.95 -25.51 32.69
CA LYS F 141 18.27 -26.86 33.16
C LYS F 141 18.34 -26.97 34.70
N ASN F 142 19.03 -26.03 35.32
CA ASN F 142 19.22 -26.07 36.78
C ASN F 142 18.21 -25.36 37.65
N ASN F 143 17.46 -24.44 37.08
CA ASN F 143 16.42 -23.70 37.80
C ASN F 143 15.17 -23.71 36.92
N PRO F 144 14.71 -24.92 36.54
CA PRO F 144 13.56 -25.11 35.67
C PRO F 144 12.25 -24.54 36.11
N HIS F 145 12.13 -24.30 37.41
CA HIS F 145 10.90 -23.76 37.97
C HIS F 145 11.08 -22.32 38.46
N ASN F 146 12.09 -21.64 37.96
CA ASN F 146 12.26 -20.23 38.32
C ASN F 146 12.55 -19.56 36.98
N VAL F 147 11.48 -19.39 36.22
CA VAL F 147 11.53 -18.83 34.87
C VAL F 147 10.34 -17.91 34.65
N GLU F 148 10.54 -16.83 33.92
CA GLU F 148 9.41 -15.97 33.54
C GLU F 148 9.46 -15.78 32.03
N VAL F 149 8.30 -15.98 31.40
CA VAL F 149 8.17 -15.89 29.95
C VAL F 149 7.36 -14.63 29.65
N MSE F 150 7.86 -13.83 28.71
CA MSE F 150 7.14 -12.62 28.32
C MSE F 150 6.85 -12.55 26.84
O MSE F 150 7.73 -12.73 26.01
CB MSE F 150 7.92 -11.35 28.70
CG MSE F 150 7.22 -10.07 28.22
SE MSE F 150 8.04 -8.44 28.79
CE MSE F 150 9.80 -8.68 28.01
N PHE F 151 5.57 -12.31 26.52
CA PHE F 151 5.14 -12.10 25.16
C PHE F 151 5.10 -10.57 25.15
N LEU F 152 5.93 -9.96 24.32
CA LEU F 152 6.02 -8.51 24.25
C LEU F 152 5.74 -7.97 22.86
N GLU F 153 4.78 -7.05 22.74
CA GLU F 153 4.44 -6.45 21.45
C GLU F 153 5.64 -5.71 20.85
N ASP F 154 5.85 -5.84 19.53
CA ASP F 154 6.95 -5.14 18.87
C ASP F 154 6.85 -3.63 19.08
N GLU F 155 7.98 -2.98 19.32
CA GLU F 155 7.97 -1.57 19.55
C GLU F 155 7.36 -0.82 18.37
N SER F 156 7.64 -1.30 17.16
CA SER F 156 7.13 -0.66 15.93
C SER F 156 5.63 -0.86 15.71
N LYS F 157 5.00 -1.72 16.52
CA LYS F 157 3.56 -1.96 16.43
C LYS F 157 2.78 -1.37 17.60
N ALA F 158 3.50 -1.08 18.68
CA ALA F 158 2.90 -0.58 19.92
C ALA F 158 2.39 0.85 19.83
N LYS F 159 1.51 1.22 20.78
CA LYS F 159 0.99 2.58 20.81
C LYS F 159 2.10 3.60 21.03
N SER F 160 3.07 3.24 21.88
CA SER F 160 4.22 4.12 22.16
C SER F 160 5.24 3.28 22.89
N ALA F 161 6.41 3.87 23.16
CA ALA F 161 7.47 3.15 23.88
C ALA F 161 7.09 2.82 25.32
N ILE F 162 6.18 3.61 25.93
CA ILE F 162 5.78 3.35 27.31
C ILE F 162 4.56 2.45 27.44
N LEU F 163 4.01 2.07 26.29
CA LEU F 163 2.85 1.19 26.29
C LEU F 163 2.98 0.10 25.23
N ARG F 164 3.92 -0.81 25.44
CA ARG F 164 4.02 -1.96 24.57
C ARG F 164 3.17 -2.97 25.31
N LYS F 165 2.18 -3.58 24.66
CA LYS F 165 1.36 -4.57 25.34
C LYS F 165 2.26 -5.75 25.72
N ARG F 166 1.96 -6.38 26.85
CA ARG F 166 2.77 -7.52 27.27
C ARG F 166 2.00 -8.49 28.15
N LEU F 167 2.41 -9.74 28.06
CA LEU F 167 1.81 -10.83 28.80
C LEU F 167 2.98 -11.61 29.42
N ARG F 168 3.04 -11.66 30.75
CA ARG F 168 4.15 -12.32 31.45
C ARG F 168 3.62 -13.42 32.35
N TYR F 169 4.30 -14.56 32.33
CA TYR F 169 3.87 -15.68 33.18
C TYR F 169 5.01 -16.28 33.96
N LYS F 170 4.80 -16.51 35.25
CA LYS F 170 5.80 -17.25 36.04
C LYS F 170 5.58 -18.62 35.39
N THR F 171 6.65 -19.34 35.05
CA THR F 171 6.50 -20.57 34.27
C THR F 171 7.30 -21.75 34.80
N ASN F 172 6.74 -22.96 34.75
CA ASN F 172 7.51 -24.15 35.13
C ASN F 172 7.90 -24.78 33.80
N THR F 173 9.14 -25.19 33.67
CA THR F 173 9.58 -25.77 32.41
C THR F 173 10.03 -27.22 32.58
N ARG F 174 10.01 -28.00 31.49
CA ARG F 174 10.47 -29.38 31.54
C ARG F 174 10.91 -29.76 30.14
N PHE F 175 11.95 -30.60 30.05
CA PHE F 175 12.49 -31.02 28.77
C PHE F 175 11.65 -32.07 28.06
N ILE F 176 11.52 -31.92 26.75
CA ILE F 176 10.79 -32.89 25.93
C ILE F 176 11.82 -33.63 25.07
N GLU F 177 11.92 -34.95 25.19
CA GLU F 177 12.89 -35.73 24.40
C GLU F 177 12.50 -35.81 22.92
N ARG F 178 13.45 -36.14 22.04
CA ARG F 178 13.12 -36.27 20.63
C ARG F 178 12.06 -37.38 20.54
N GLY F 179 11.19 -37.32 19.54
CA GLY F 179 10.15 -38.32 19.42
C GLY F 179 8.85 -37.75 18.84
N ALA F 180 7.75 -38.46 19.07
CA ALA F 180 6.45 -38.05 18.54
C ALA F 180 5.96 -36.64 18.91
N GLU F 181 5.98 -36.32 20.19
CA GLU F 181 5.53 -35.01 20.67
C GLU F 181 6.42 -33.93 20.05
N PHE F 182 7.73 -34.18 20.08
CA PHE F 182 8.70 -33.25 19.51
C PHE F 182 8.38 -32.98 18.04
N ASP F 183 8.18 -34.04 17.25
CA ASP F 183 7.91 -33.86 15.83
C ASP F 183 6.62 -33.12 15.56
N LYS F 184 5.62 -33.36 16.39
CA LYS F 184 4.34 -32.68 16.17
C LYS F 184 4.48 -31.18 16.42
N ALA F 185 5.17 -30.81 17.49
CA ALA F 185 5.34 -29.39 17.78
C ALA F 185 6.22 -28.75 16.73
N PHE F 186 7.29 -29.44 16.33
CA PHE F 186 8.17 -28.86 15.35
C PHE F 186 7.49 -28.72 13.98
N ASP F 187 6.71 -29.72 13.56
CA ASP F 187 6.02 -29.61 12.26
C ASP F 187 5.03 -28.43 12.29
N SER F 188 4.39 -28.23 13.43
CA SER F 188 3.43 -27.13 13.58
C SER F 188 4.15 -25.81 13.44
N PHE F 189 5.32 -25.71 14.05
CA PHE F 189 6.14 -24.50 13.98
C PHE F 189 6.54 -24.23 12.52
N ILE F 190 6.95 -25.28 11.81
CA ILE F 190 7.34 -25.12 10.41
C ILE F 190 6.12 -24.64 9.60
N GLU F 191 4.96 -25.20 9.90
CA GLU F 191 3.75 -24.80 9.18
C GLU F 191 3.39 -23.34 9.46
N LYS F 192 3.44 -22.93 10.73
CA LYS F 192 3.08 -21.57 11.14
C LYS F 192 4.04 -20.49 10.61
N THR F 193 5.34 -20.76 10.73
CA THR F 193 6.36 -19.80 10.29
C THR F 193 6.67 -19.83 8.80
N GLY F 194 6.37 -20.95 8.15
CA GLY F 194 6.71 -21.08 6.75
C GLY F 194 7.95 -21.97 6.64
N GLY F 195 8.67 -22.12 7.73
CA GLY F 195 9.84 -23.01 7.74
C GLY F 195 11.18 -22.64 7.13
N ALA F 196 11.35 -21.41 6.67
CA ALA F 196 12.62 -21.01 6.06
C ALA F 196 13.53 -20.32 7.08
N GLY F 197 14.70 -19.89 6.63
CA GLY F 197 15.62 -19.18 7.50
C GLY F 197 16.49 -19.92 8.51
N GLY F 198 16.65 -21.22 8.36
CA GLY F 198 17.50 -21.94 9.30
C GLY F 198 16.72 -22.83 10.26
N ILE F 199 15.41 -22.73 10.24
CA ILE F 199 14.55 -23.53 11.11
C ILE F 199 14.75 -25.03 10.85
N LYS F 200 14.87 -25.41 9.58
CA LYS F 200 15.08 -26.82 9.24
C LYS F 200 16.46 -27.30 9.73
N THR F 201 17.43 -26.40 9.69
CA THR F 201 18.78 -26.75 10.13
C THR F 201 18.82 -26.97 11.64
N ILE F 202 18.25 -26.05 12.43
CA ILE F 202 18.32 -26.26 13.87
C ILE F 202 17.51 -27.47 14.36
N ARG F 203 16.51 -27.90 13.60
CA ARG F 203 15.73 -29.05 14.00
C ARG F 203 16.64 -30.27 14.18
N ALA F 204 17.68 -30.35 13.35
CA ALA F 204 18.62 -31.48 13.41
C ALA F 204 19.81 -31.32 14.34
N MSE F 205 20.01 -30.12 14.87
CA MSE F 205 21.15 -29.89 15.77
C MSE F 205 20.82 -30.43 17.14
O MSE F 205 19.95 -29.91 17.84
CB MSE F 205 21.46 -28.39 15.81
CG MSE F 205 22.03 -27.89 14.51
SE MSE F 205 22.20 -25.96 14.47
CE MSE F 205 23.72 -25.78 13.27
N GLN F 206 21.51 -31.50 17.51
CA GLN F 206 21.25 -32.17 18.77
C GLN F 206 21.52 -31.39 20.04
N ASP F 207 22.21 -30.26 19.95
CA ASP F 207 22.44 -29.44 21.15
C ASP F 207 21.20 -28.61 21.48
N PHE F 208 20.21 -28.62 20.59
CA PHE F 208 18.96 -27.86 20.83
C PHE F 208 17.96 -28.77 21.51
N HIS F 209 17.17 -28.21 22.44
CA HIS F 209 16.16 -28.96 23.19
C HIS F 209 14.80 -28.30 23.16
N LEU F 210 13.75 -29.11 23.04
CA LEU F 210 12.39 -28.57 23.06
C LEU F 210 12.03 -28.58 24.54
N ILE F 211 11.49 -27.46 25.03
CA ILE F 211 11.17 -27.32 26.44
C ILE F 211 9.72 -26.90 26.59
N ALA F 212 8.92 -27.70 27.30
CA ALA F 212 7.51 -27.37 27.45
C ALA F 212 7.37 -26.29 28.52
N LEU F 213 6.41 -25.39 28.32
CA LEU F 213 6.14 -24.31 29.27
C LEU F 213 4.80 -24.58 29.98
N ASP F 214 4.77 -24.51 31.30
CA ASP F 214 3.51 -24.67 32.03
C ASP F 214 3.34 -23.31 32.70
N PHE F 215 2.45 -22.49 32.15
CA PHE F 215 2.24 -21.16 32.69
C PHE F 215 1.51 -21.19 34.02
N LYS F 216 1.98 -20.40 34.97
CA LYS F 216 1.30 -20.28 36.27
C LYS F 216 0.70 -18.87 36.34
N GLU F 217 1.04 -18.08 37.36
CA GLU F 217 0.50 -16.73 37.48
C GLU F 217 0.93 -15.85 36.31
N GLY F 218 -0.02 -15.11 35.77
CA GLY F 218 0.29 -14.24 34.65
C GLY F 218 -0.16 -12.80 34.89
N ARG F 219 0.47 -11.87 34.16
CA ARG F 219 0.11 -10.46 34.24
C ARG F 219 -0.04 -9.98 32.79
N PHE F 220 -1.19 -9.41 32.45
CA PHE F 220 -1.42 -8.88 31.10
C PHE F 220 -1.66 -7.37 31.20
N VAL F 221 -0.94 -6.60 30.39
CA VAL F 221 -1.15 -5.16 30.36
C VAL F 221 -1.46 -4.78 28.92
N LYS F 222 -2.65 -4.22 28.68
CA LYS F 222 -3.02 -3.84 27.32
C LYS F 222 -3.31 -2.35 27.16
N GLY F 223 -3.28 -1.61 28.26
CA GLY F 223 -3.57 -0.18 28.16
C GLY F 223 -3.31 0.48 29.49
N PHE F 224 -3.38 1.82 29.53
CA PHE F 224 -3.16 2.50 30.80
C PHE F 224 -4.34 2.17 31.71
N GLY F 225 -4.05 1.71 32.91
CA GLY F 225 -5.13 1.34 33.81
C GLY F 225 -5.86 0.11 33.30
N GLN F 226 -5.21 -0.70 32.46
CA GLN F 226 -5.82 -1.94 32.00
C GLN F 226 -4.84 -3.09 32.15
N ALA F 227 -4.56 -3.42 33.39
CA ALA F 227 -3.67 -4.51 33.78
C ALA F 227 -4.55 -5.58 34.42
N TYR F 228 -4.20 -6.85 34.20
CA TYR F 228 -4.97 -7.99 34.69
C TYR F 228 -4.10 -9.11 35.26
N ASP F 229 -4.61 -9.80 36.27
CA ASP F 229 -3.91 -10.95 36.85
C ASP F 229 -4.61 -12.19 36.31
N ILE F 230 -3.80 -13.20 35.99
CA ILE F 230 -4.28 -14.44 35.41
C ILE F 230 -3.75 -15.65 36.19
N LEU F 231 -4.59 -16.68 36.30
CA LEU F 231 -4.18 -17.94 36.91
C LEU F 231 -5.14 -18.97 36.36
N GLY F 232 -4.61 -19.89 35.56
CA GLY F 232 -5.44 -20.90 34.95
C GLY F 232 -6.45 -20.24 34.05
N ASP F 233 -7.74 -20.55 34.26
CA ASP F 233 -8.76 -19.95 33.42
C ASP F 233 -9.42 -18.73 34.09
N LYS F 234 -8.82 -18.23 35.18
CA LYS F 234 -9.38 -17.06 35.85
C LYS F 234 -8.59 -15.80 35.53
N ILE F 235 -9.29 -14.69 35.37
CA ILE F 235 -8.63 -13.42 35.09
C ILE F 235 -9.31 -12.33 35.90
N ALA F 236 -8.53 -11.41 36.44
CA ALA F 236 -9.10 -10.33 37.24
C ALA F 236 -8.41 -9.01 36.98
N TYR F 237 -9.22 -7.94 36.96
CA TYR F 237 -8.71 -6.59 36.75
C TYR F 237 -7.91 -6.18 37.99
N VAL F 238 -6.76 -5.54 37.77
CA VAL F 238 -5.93 -5.16 38.90
C VAL F 238 -6.22 -3.81 39.56
N GLY F 239 -6.80 -2.86 38.86
CA GLY F 239 -7.03 -1.56 39.49
C GLY F 239 -8.40 -1.09 39.94
N ASP F 240 -9.12 -1.90 40.70
CA ASP F 240 -10.44 -1.48 41.16
C ASP F 240 -10.35 -0.23 42.03
N LYS F 241 -9.16 0.06 42.54
CA LYS F 241 -8.95 1.22 43.40
C LYS F 241 -8.49 2.46 42.63
N GLY F 242 -8.52 2.37 41.30
CA GLY F 242 -8.10 3.50 40.50
C GLY F 242 -6.60 3.73 40.52
N ASN F 243 -6.19 4.75 39.78
CA ASN F 243 -4.79 5.12 39.65
C ASN F 243 -3.99 4.87 40.92
N PRO F 244 -2.97 3.98 40.87
CA PRO F 244 -2.13 3.64 42.02
C PRO F 244 -0.85 4.48 41.96
N HIS F 245 -0.67 5.19 40.85
CA HIS F 245 0.49 6.05 40.69
C HIS F 245 0.40 7.23 41.64
N ASN F 246 1.47 8.03 41.72
CA ASN F 246 1.48 9.18 42.62
C ASN F 246 1.28 8.74 44.07
N PHE F 247 1.60 7.48 44.36
CA PHE F 247 1.46 6.97 45.72
C PHE F 247 0.03 7.10 46.22
N ALA F 248 -0.92 7.03 45.30
CA ALA F 248 -2.32 7.13 45.66
C ALA F 248 -2.53 5.98 46.62
N HIS F 249 -3.62 6.01 47.37
CA HIS F 249 -3.88 4.94 48.33
C HIS F 249 -2.96 5.18 49.52
CHA HEM G . -29.22 -19.58 -1.91
CHB HEM G . -25.00 -21.25 -3.12
CHC HEM G . -25.37 -24.83 0.05
CHD HEM G . -29.64 -23.04 1.37
C1A HEM G . -28.03 -19.71 -2.55
C2A HEM G . -27.54 -18.81 -3.53
C3A HEM G . -26.34 -19.29 -3.85
C4A HEM G . -26.08 -20.50 -3.09
CMA HEM G . -25.33 -18.70 -4.86
CAA HEM G . -28.22 -17.56 -4.08
CBA HEM G . -29.31 -17.94 -5.07
CGA HEM G . -30.13 -16.79 -5.65
O1A HEM G . -30.12 -15.66 -5.07
O2A HEM G . -30.78 -16.99 -6.65
C1B HEM G . -24.71 -22.40 -2.38
C2B HEM G . -23.44 -23.12 -2.49
C3B HEM G . -23.58 -24.19 -1.56
C4B HEM G . -24.86 -24.03 -0.96
CMB HEM G . -22.30 -22.79 -3.37
CAB HEM G . -22.53 -25.18 -1.34
CBB HEM G . -22.75 -26.49 -1.45
C1C HEM G . -26.58 -24.63 0.69
C2C HEM G . -27.02 -25.47 1.80
C3C HEM G . -28.27 -24.97 2.22
C4C HEM G . -28.52 -23.81 1.28
CMC HEM G . -26.23 -26.65 2.39
CAC HEM G . -29.05 -25.41 3.24
CBC HEM G . -28.91 -25.88 4.44
C1D HEM G . -29.90 -21.95 0.57
C2D HEM G . -31.14 -21.09 0.69
C3D HEM G . -30.98 -20.12 -0.23
C4D HEM G . -29.72 -20.37 -0.91
CMD HEM G . -32.26 -21.31 1.71
CAD HEM G . -31.87 -18.95 -0.55
CBD HEM G . -31.29 -17.75 0.18
CGD HEM G . -31.95 -16.46 -0.06
O1D HEM G . -32.90 -16.07 0.65
O2D HEM G . -31.48 -15.75 -0.98
NA HEM G . -27.13 -20.74 -2.28
NB HEM G . -25.56 -22.90 -1.48
NC HEM G . -27.52 -23.65 0.43
ND HEM G . -29.11 -21.49 -0.40
FE HEM G . -27.38 -22.24 -0.98
N1 AZI H . -26.58 -20.74 0.56
N2 AZI H . -26.37 -19.65 0.29
N3 AZI H . -26.17 -18.58 0.03
C1 EDO I . -37.95 -1.61 12.96
O1 EDO I . -39.25 -1.81 12.37
C2 EDO I . -37.09 -0.72 12.05
O2 EDO I . -37.61 0.62 12.05
C1 EDO J . -38.47 -11.02 3.01
O1 EDO J . -39.39 -11.12 1.88
C2 EDO J . -38.67 -12.18 4.00
O2 EDO J . -38.73 -13.43 3.30
C1 EDO K . -19.61 -24.16 1.49
O1 EDO K . -19.42 -24.36 0.07
C2 EDO K . -18.75 -22.99 2.00
O2 EDO K . -19.29 -22.45 3.23
CHA HEM L . -32.54 13.03 -7.54
CHB HEM L . -29.93 15.70 -4.64
CHC HEM L . -29.77 19.18 -7.98
CHD HEM L . -32.37 16.43 -10.91
C1A HEM L . -31.85 13.44 -6.44
C2A HEM L . -31.67 12.64 -5.29
C3A HEM L . -30.91 13.40 -4.46
C4A HEM L . -30.64 14.68 -5.11
CMA HEM L . -30.37 13.04 -3.07
CAA HEM L . -32.20 11.23 -5.07
CBA HEM L . -33.67 11.29 -4.64
CGA HEM L . -34.33 9.91 -4.44
O1A HEM L . -33.77 8.90 -4.87
O2A HEM L . -35.40 9.87 -3.89
C1B HEM L . -29.64 16.93 -5.29
C2B HEM L . -28.84 18.00 -4.70
C3B HEM L . -28.82 19.02 -5.71
C4B HEM L . -29.57 18.50 -6.78
CMB HEM L . -28.19 18.00 -3.36
CAB HEM L . -28.11 20.27 -5.55
CBB HEM L . -28.70 21.46 -5.47
C1C HEM L . -30.47 18.72 -9.05
C2C HEM L . -30.59 19.50 -10.29
C3C HEM L . -31.35 18.72 -11.19
C4C HEM L . -31.66 17.46 -10.40
CMC HEM L . -29.97 20.89 -10.53
CAC HEM L . -31.71 19.03 -12.45
CBC HEM L . -31.21 19.59 -13.51
C1D HEM L . -32.67 15.25 -10.25
C2D HEM L . -33.44 14.11 -10.85
C3D HEM L . -33.47 13.15 -9.86
C4D HEM L . -32.74 13.71 -8.72
CMD HEM L . -34.01 14.08 -12.25
CAD HEM L . -34.07 11.77 -9.89
CBD HEM L . -32.92 10.78 -10.08
CGD HEM L . -33.26 9.34 -10.07
O1D HEM L . -33.80 8.78 -11.07
O2D HEM L . -32.94 8.70 -9.06
NA HEM L . -31.23 14.68 -6.34
NB HEM L . -30.10 17.21 -6.52
NC HEM L . -31.13 17.52 -9.18
ND HEM L . -32.28 14.97 -8.98
FE HEM L . -31.23 16.12 -7.74
N1 AZI M . -29.40 15.03 -8.59
N2 AZI M . -29.03 14.03 -8.17
N3 AZI M . -28.64 13.05 -7.75
C1 EDO N . -28.79 -5.59 -23.40
O1 EDO N . -30.23 -5.71 -23.41
C2 EDO N . -28.20 -6.23 -22.13
O2 EDO N . -28.31 -7.65 -22.20
C1 EDO O . -37.02 3.64 -16.93
O1 EDO O . -38.32 3.93 -16.40
C2 EDO O . -35.93 4.04 -15.95
O2 EDO O . -35.32 2.85 -15.38
C1 EDO P . -18.67 12.65 -19.37
O1 EDO P . -17.83 11.49 -19.34
C2 EDO P . -17.87 13.88 -18.94
O2 EDO P . -18.05 14.08 -17.53
C1 EDO Q . -17.39 23.33 6.98
O1 EDO Q . -16.23 23.10 6.17
C2 EDO Q . -18.53 23.85 6.10
O2 EDO Q . -19.76 23.81 6.84
C1 EDO R . -23.37 20.43 -6.51
O1 EDO R . -22.46 19.40 -6.15
C2 EDO R . -24.73 20.17 -5.88
O2 EDO R . -24.68 20.38 -4.45
CHA HEM S . 13.78 0.44 -33.26
CHB HEM S . 12.79 -3.66 -31.15
CHC HEM S . 9.70 -4.80 -34.68
CHD HEM S . 10.68 -0.57 -36.78
C1A HEM S . 13.80 -0.59 -32.37
C2A HEM S . 14.56 -0.57 -31.18
C3A HEM S . 14.27 -1.73 -30.56
C4A HEM S . 13.33 -2.47 -31.39
CMA HEM S . 14.80 -2.24 -29.22
CAA HEM S . 15.49 0.52 -30.69
CBA HEM S . 16.82 0.47 -31.39
CGA HEM S . 17.80 1.56 -30.99
O1A HEM S . 17.37 2.59 -30.42
O2A HEM S . 18.97 1.41 -31.22
C1B HEM S . 11.85 -4.38 -31.92
C2B HEM S . 11.31 -5.68 -31.56
C3B HEM S . 10.40 -5.99 -32.65
C4B HEM S . 10.45 -4.90 -33.52
CMB HEM S . 11.61 -6.48 -30.37
CAB HEM S . 9.61 -7.21 -32.71
CBB HEM S . 9.81 -8.17 -33.61
C1C HEM S . 9.71 -3.73 -35.55
C2C HEM S . 8.84 -3.69 -36.72
C3C HEM S . 9.08 -2.47 -37.37
C4C HEM S . 10.14 -1.81 -36.51
CMC HEM S . 7.84 -4.79 -37.11
CAC HEM S . 8.47 -2.01 -38.49
CBC HEM S . 7.26 -1.84 -38.94
C1D HEM S . 11.63 0.08 -36.00
C2D HEM S . 12.20 1.47 -36.29
C3D HEM S . 13.07 1.70 -35.27
C4D HEM S . 13.05 0.53 -34.39
CMD HEM S . 11.80 2.35 -37.49
CAD HEM S . 13.92 2.94 -34.99
CBD HEM S . 13.19 3.74 -33.92
CGD HEM S . 13.88 4.95 -33.45
O1D HEM S . 13.82 6.03 -34.10
O2D HEM S . 14.52 4.89 -32.35
NA HEM S . 13.04 -1.73 -32.51
NB HEM S . 11.37 -3.89 -33.09
NC HEM S . 10.47 -2.58 -35.46
ND HEM S . 12.17 -0.42 -34.86
FE HEM S . 11.80 -2.18 -34.01
N1 AZI T . 10.16 -1.01 -32.81
N2 AZI T . 10.47 -0.34 -31.95
N3 AZI T . 10.75 0.32 -31.09
C1 EDO U . 7.30 23.91 -30.32
O1 EDO U . 7.80 25.10 -29.72
C2 EDO U . 6.94 24.17 -31.80
O2 EDO U . 8.11 24.60 -32.51
C1 EDO V . 30.98 15.44 -18.68
O1 EDO V . 31.01 16.20 -19.89
C2 EDO V . 32.07 15.92 -17.72
O2 EDO V . 31.65 17.14 -17.10
C1 EDO W . 6.65 -8.00 -30.94
O1 EDO W . 7.75 -8.00 -30.02
C2 EDO W . 5.73 -6.81 -30.68
O2 EDO W . 5.24 -6.85 -29.35
CHA HEM X . 23.16 24.03 -11.72
CHB HEM X . 19.61 25.65 -9.09
CHC HEM X . 22.68 26.80 -5.59
CHD HEM X . 26.27 25.13 -8.24
C1A HEM X . 21.90 24.36 -11.33
C2A HEM X . 20.75 24.12 -12.10
C3A HEM X . 19.73 24.56 -11.36
C4A HEM X . 20.26 25.11 -10.11
CMA HEM X . 18.22 24.52 -11.72
CAA HEM X . 20.69 23.47 -13.49
CBA HEM X . 21.05 24.48 -14.58
CGA HEM X . 21.05 23.93 -16.01
O1A HEM X . 21.03 22.68 -16.19
O2A HEM X . 21.08 24.70 -16.92
C1B HEM X . 20.12 26.14 -7.87
C2B HEM X . 19.31 26.69 -6.81
C3B HEM X . 20.25 27.04 -5.78
C4B HEM X . 21.50 26.66 -6.29
CMB HEM X . 17.84 26.84 -6.79
CAB HEM X . 19.88 27.62 -4.52
CBB HEM X . 20.05 28.90 -4.22
C1C HEM X . 23.91 26.43 -6.02
C2C HEM X . 25.09 26.59 -5.17
C3C HEM X . 26.18 26.10 -5.91
C4C HEM X . 25.56 25.67 -7.23
CMC HEM X . 25.07 27.16 -3.74
CAC HEM X . 27.49 26.03 -5.51
CBC HEM X . 28.17 25.70 -4.47
C1D HEM X . 25.74 24.69 -9.45
C2D HEM X . 26.55 24.06 -10.56
C3D HEM X . 25.62 23.76 -11.53
C4D HEM X . 24.32 24.19 -11.03
CMD HEM X . 28.05 23.82 -10.52
CAD HEM X . 25.82 23.07 -12.87
CBD HEM X . 25.44 21.60 -12.63
CGD HEM X . 25.47 20.68 -13.77
O1D HEM X . 26.54 20.09 -14.11
O2D HEM X . 24.40 20.45 -14.36
NA HEM X . 21.63 24.96 -10.11
NB HEM X . 21.43 26.12 -7.58
NC HEM X . 24.25 25.87 -7.23
ND HEM X . 24.43 24.75 -9.78
FE HEM X . 22.96 25.47 -8.69
N1 AZI Y . 22.74 23.43 -7.81
N2 AZI Y . 22.21 22.64 -8.46
N3 AZI Y . 21.68 21.85 -9.09
C1 EDO Z . 33.54 1.99 -16.78
O1 EDO Z . 34.23 2.54 -17.93
C2 EDO Z . 32.14 1.48 -17.22
O2 EDO Z . 32.28 0.50 -18.27
C1 EDO AA . 18.52 24.54 -0.89
O1 EDO AA . 17.59 23.46 -1.12
C2 EDO AA . 18.62 25.39 -2.15
O2 EDO AA . 17.43 26.19 -2.32
C1 EDO BA . 26.28 12.57 1.43
O1 EDO BA . 25.86 11.99 2.66
C2 EDO BA . 27.19 11.58 0.72
O2 EDO BA . 26.52 10.31 0.64
CHA HEM CA . 23.13 -19.56 18.91
CHB HEM CA . 21.36 -21.21 14.86
CHC HEM CA . 25.76 -21.71 13.02
CHD HEM CA . 27.59 -19.95 17.11
C1A HEM CA . 22.23 -20.00 17.96
C2A HEM CA . 20.84 -19.97 18.13
C3A HEM CA . 20.34 -20.41 16.98
C4A HEM CA . 21.44 -20.74 16.09
CMA HEM CA . 18.86 -20.57 16.56
CAA HEM CA . 20.08 -19.49 19.38
CBA HEM CA . 20.10 -20.57 20.46
CGA HEM CA . 19.42 -20.17 21.78
O1A HEM CA . 19.17 -18.95 21.99
O2A HEM CA . 19.16 -21.04 22.59
C1B HEM CA . 22.40 -21.52 13.97
C2B HEM CA . 22.20 -22.02 12.62
C3B HEM CA . 23.52 -22.17 12.09
C4B HEM CA . 24.39 -21.74 13.13
CMB HEM CA . 20.90 -22.30 11.95
CAB HEM CA . 23.80 -22.65 10.75
CBB HEM CA . 24.43 -23.79 10.48
C1C HEM CA . 26.62 -21.27 14.00
C2C HEM CA . 28.05 -21.21 13.75
C3C HEM CA . 28.65 -20.68 14.93
C4C HEM CA . 27.46 -20.47 15.85
CMC HEM CA . 28.73 -21.62 12.42
CAC HEM CA . 29.96 -20.42 15.16
CBC HEM CA . 30.96 -19.90 14.53
C1D HEM CA . 26.53 -19.70 17.97
C2D HEM CA . 26.66 -19.09 19.36
C3D HEM CA . 25.39 -18.99 19.83
C4D HEM CA . 24.51 -19.52 18.79
CMD HEM CA . 27.96 -18.66 20.03
CAD HEM CA . 24.91 -18.42 21.13
CBD HEM CA . 24.35 -17.03 20.83
CGD HEM CA . 23.73 -16.32 21.97
O1D HEM CA . 24.41 -15.79 22.87
O2D HEM CA . 22.46 -16.23 21.97
NA HEM CA . 22.61 -20.48 16.71
NB HEM CA . 23.69 -21.35 14.30
NC HEM CA . 26.31 -20.82 15.26
ND HEM CA . 25.22 -19.95 17.69
FE HEM CA . 24.48 -20.70 16.02
N1 AZI DA . 24.33 -18.57 15.28
N2 AZI DA . 23.45 -17.94 15.65
N3 AZI DA . 22.58 -17.32 16.02
C1 EDO EA . 27.18 2.55 29.32
O1 EDO EA . 27.41 1.83 30.56
C2 EDO EA . 25.68 2.70 29.06
O2 EDO EA . 25.11 3.62 29.97
C1 EDO FA . 30.16 -5.99 8.19
O1 EDO FA . 28.93 -6.76 8.11
C2 EDO FA . 30.42 -5.61 9.65
O2 EDO FA . 29.51 -4.58 10.04
CHA HEM GA . 2.11 0.46 35.04
CHB HEM GA . 1.47 4.65 32.93
CHC HEM GA . -2.92 5.05 34.89
CHD HEM GA . -2.30 0.75 36.99
C1A HEM GA . 2.34 1.58 34.28
C2A HEM GA . 3.51 1.79 33.51
C3A HEM GA . 3.31 2.97 32.91
C4A HEM GA . 2.03 3.50 33.31
CMA HEM GA . 4.24 3.71 31.94
CAA HEM GA . 4.72 0.88 33.39
CBA HEM GA . 5.59 1.00 34.64
CGA HEM GA . 6.82 0.10 34.68
O1A HEM GA . 6.85 -0.89 33.93
O2A HEM GA . 7.71 0.36 35.45
C1B HEM GA . 0.21 5.15 33.29
C2B HEM GA . -0.31 6.43 32.80
C3B HEM GA . -1.59 6.53 33.39
C4B HEM GA . -1.77 5.36 34.16
CMB HEM GA . 0.35 7.37 31.88
CAB HEM GA . -2.48 7.67 33.15
CBB HEM GA . -2.77 8.59 34.04
C1C HEM GA . -3.12 3.90 35.62
C2C HEM GA . -4.39 3.64 36.33
C3C HEM GA . -4.26 2.39 36.95
C4C HEM GA . -2.84 1.94 36.57
CMC HEM GA . -5.62 4.59 36.33
CAC HEM GA . -5.18 1.74 37.68
CBC HEM GA . -6.44 1.49 37.67
C1D HEM GA . -1.03 0.29 36.66
C2D HEM GA . -0.45 -1.04 37.09
C3D HEM GA . 0.79 -1.08 36.52
C4D HEM GA . 0.97 0.17 35.78
CMD HEM GA . -1.16 -2.07 37.95
CAD HEM GA . 1.83 -2.19 36.56
CBD HEM GA . 1.68 -2.96 35.25
CGD HEM GA . 2.65 -4.05 34.98
O1D HEM GA . 2.49 -5.20 35.47
O2D HEM GA . 3.61 -3.81 34.21
NA HEM GA . 1.42 2.62 34.16
NB HEM GA . -0.62 4.50 34.11
NC HEM GA . -2.23 2.86 35.81
ND HEM GA . -0.15 0.97 35.88
FE HEM GA . -0.40 2.74 35.04
N1 AZI HA . -1.18 1.47 33.30
N2 AZI HA . -0.47 1.03 32.54
N3 AZI HA . 0.22 0.58 31.78
C1 EDO IA . 1.08 -23.29 27.91
O1 EDO IA . 1.73 -24.55 27.65
C2 EDO IA . -0.06 -23.52 28.92
O2 EDO IA . 0.51 -23.89 30.20
C1 EDO JA . 2.60 -12.66 37.22
O1 EDO JA . 2.56 -11.44 37.96
C2 EDO JA . 3.96 -12.82 36.51
O2 EDO JA . 5.06 -12.70 37.47
C1 EDO KA . 15.97 -33.46 10.51
O1 EDO KA . 15.29 -32.50 9.71
C2 EDO KA . 15.79 -33.09 11.98
O2 EDO KA . 15.48 -34.26 12.73
C1 EDO LA . 19.45 -31.68 29.78
O1 EDO LA . 19.07 -32.18 31.07
C2 EDO LA . 18.32 -31.95 28.80
O2 EDO LA . 17.98 -33.34 28.81
C1 EDO MA . -5.35 7.38 29.25
O1 EDO MA . -4.68 7.12 28.01
C2 EDO MA . -4.34 7.76 30.33
O2 EDO MA . -3.41 8.75 29.88
C1 EDO NA . -12.17 -6.19 25.91
O1 EDO NA . -11.66 -6.99 24.84
C2 EDO NA . -12.77 -4.91 25.34
O2 EDO NA . -11.73 -3.94 25.12
#